data_1H18
#
_entry.id   1H18
#
_cell.length_a   158.905
_cell.length_b   158.905
_cell.length_c   159.922
_cell.angle_alpha   90.00
_cell.angle_beta   90.00
_cell.angle_gamma   90.00
#
_symmetry.space_group_name_H-M   'P 43 21 2'
#
loop_
_entity.id
_entity.type
_entity.pdbx_description
1 polymer 'FORMATE ACETYLTRANSFERASE 1'
2 non-polymer 'PYRUVIC ACID'
3 non-polymer 'SODIUM ION'
4 non-polymer L-TREITOL
5 non-polymer 'TETRAETHYLENE GLYCOL'
6 water water
#
_entity_poly.entity_id   1
_entity_poly.type   'polypeptide(L)'
_entity_poly.pdbx_seq_one_letter_code
;SELNEKLATAWEGFTKGDWQNEVNVRDFIQKNYTPYEGDESFLAGATEATTTLWDKVMEGVKLENRTHAPVDFDTAVAST
ITSHDAGYINKQLEKIVGLQTEAPLKRALIPFGGIKMIEGSCKAYNRELDPMIKKIFTEYRKTHNQGVFDVYTPDILRCR
KSGVLTGLPDAYGRGRIIGDYRRVALYGIDYLMKDKLAQFTSLQADLENGVNLEQTIRLREEIAEQHRALGQMKEMAAKY
GYDISGPATNAQEAIQWTYFGYLAAVKSQNGAAMSFGRTSTFLDVYIERDLKAGKITEQEAQEMVDHLVMKLRMVRFLRT
PEYDELFSGDPIWATESIGGMGLDGRTLVTKNSFRFLNTLYTMGPSPEPNMTILWSEKLPLNFKKFAAKVSIDTSSLQYE
NDDLMRPDFNNDDYAIACCVSPMIVGKQMQFFGARANLAKTMLYAINGGVDEKLKMQVGPKSEPIKGDVLNYDEVMERMD
HFMDWLAKQYITALNIIHYMHDKYSYEASLMALHDRDVIRTMACGIAGLSVAADSLSAIKYAKVKPIRDEDGLAIDFEIE
GEYPQFGNNDPRVDDLAVDLVERFMKKIQKLHTYRDAIPTQSVLTITSNVVYGKKTGNTPDGRRAGAPFGPGANPMHGRD
QKGAVASLTSVAKLPFAYAKDGISYTFSIVPNALGKDDEVRKTNLAGLMDGYFHHEASIEGGQHLNVNVMNREMLLDAME
NPEKYPQLTIRVSGYAVRFNSLTKEQQQDVITRTFTQSM
;
_entity_poly.pdbx_strand_id   A,B
#
# COMPACT_ATOMS: atom_id res chain seq x y z
N SER A 1 14.95 13.55 28.38
CA SER A 1 14.27 14.35 29.45
C SER A 1 15.22 15.29 30.18
N GLU A 2 15.81 16.25 29.44
CA GLU A 2 16.73 17.21 30.01
C GLU A 2 17.02 18.30 28.97
N LEU A 3 16.50 19.51 29.20
CA LEU A 3 16.68 20.62 28.26
C LEU A 3 18.12 21.10 28.14
N ASN A 4 18.78 20.66 27.06
CA ASN A 4 20.16 21.04 26.78
C ASN A 4 20.30 22.56 26.66
N GLU A 5 21.51 23.02 26.37
CA GLU A 5 21.78 24.44 26.25
C GLU A 5 20.92 25.11 25.18
N LYS A 6 20.67 24.40 24.08
CA LYS A 6 19.86 24.96 23.00
C LYS A 6 18.54 25.50 23.52
N LEU A 7 17.68 24.58 23.96
CA LEU A 7 16.37 24.91 24.48
C LEU A 7 16.39 26.05 25.49
N ALA A 8 17.44 26.06 26.32
CA ALA A 8 17.59 27.09 27.36
C ALA A 8 17.72 28.50 26.82
N THR A 9 18.68 28.68 25.92
CA THR A 9 18.94 29.98 25.31
C THR A 9 17.73 30.44 24.48
N ALA A 10 17.20 29.52 23.68
CA ALA A 10 16.07 29.78 22.82
C ALA A 10 14.81 30.20 23.57
N TRP A 11 14.52 29.53 24.69
CA TRP A 11 13.33 29.84 25.47
C TRP A 11 13.55 30.86 26.60
N GLU A 12 14.62 31.64 26.51
CA GLU A 12 14.97 32.67 27.49
C GLU A 12 13.88 33.70 27.68
N GLY A 13 13.25 33.73 28.85
CA GLY A 13 12.21 34.71 29.10
C GLY A 13 10.80 34.17 29.03
N PHE A 14 10.65 32.95 28.52
CA PHE A 14 9.33 32.33 28.41
C PHE A 14 8.90 31.69 29.74
N THR A 15 7.62 31.77 30.04
CA THR A 15 7.07 31.18 31.26
C THR A 15 7.04 29.66 31.10
N LYS A 16 7.28 28.93 32.19
CA LYS A 16 7.28 27.47 32.15
C LYS A 16 5.89 26.85 32.24
N GLY A 17 5.79 25.61 31.78
CA GLY A 17 4.52 24.89 31.80
C GLY A 17 4.76 23.52 31.18
N ASP A 18 3.71 22.71 31.04
CA ASP A 18 3.88 21.36 30.47
C ASP A 18 4.62 21.39 29.13
N TRP A 19 4.35 22.42 28.34
CA TRP A 19 4.96 22.58 27.04
C TRP A 19 6.46 22.43 26.98
N GLN A 20 7.16 22.52 28.09
CA GLN A 20 8.61 22.35 27.98
C GLN A 20 8.99 20.89 28.19
N ASN A 21 8.02 20.07 28.59
CA ASN A 21 8.30 18.66 28.84
C ASN A 21 7.58 17.73 27.86
N GLU A 22 6.80 18.30 26.96
CA GLU A 22 6.06 17.53 25.98
C GLU A 22 5.65 18.48 24.87
N VAL A 23 5.24 17.94 23.72
CA VAL A 23 4.80 18.77 22.61
C VAL A 23 3.41 19.23 22.99
N ASN A 24 3.25 20.53 23.14
CA ASN A 24 1.97 21.10 23.54
C ASN A 24 2.03 22.56 23.20
N VAL A 25 1.83 22.87 21.92
CA VAL A 25 1.88 24.23 21.44
C VAL A 25 0.81 25.10 22.09
N ARG A 26 -0.34 24.51 22.40
CA ARG A 26 -1.40 25.28 23.01
C ARG A 26 -0.97 25.83 24.38
N ASP A 27 -0.36 24.97 25.19
CA ASP A 27 0.10 25.36 26.51
C ASP A 27 1.16 26.47 26.42
N PHE A 28 2.07 26.36 25.47
CA PHE A 28 3.09 27.39 25.29
C PHE A 28 2.42 28.72 25.00
N ILE A 29 1.38 28.69 24.17
CA ILE A 29 0.67 29.92 23.82
C ILE A 29 -0.06 30.45 25.05
N GLN A 30 -0.81 29.59 25.73
CA GLN A 30 -1.52 30.05 26.91
C GLN A 30 -0.59 30.73 27.92
N LYS A 31 0.53 30.10 28.23
CA LYS A 31 1.47 30.67 29.19
C LYS A 31 2.40 31.78 28.70
N ASN A 32 2.18 32.32 27.51
CA ASN A 32 3.10 33.35 27.04
C ASN A 32 2.58 34.47 26.15
N TYR A 33 1.43 34.29 25.53
CA TYR A 33 0.93 35.33 24.63
C TYR A 33 0.44 36.55 25.40
N THR A 34 0.55 37.71 24.75
CA THR A 34 0.12 38.99 25.32
C THR A 34 -1.17 39.50 24.66
N PRO A 35 -2.30 39.37 25.36
CA PRO A 35 -3.56 39.83 24.78
C PRO A 35 -3.46 41.31 24.42
N TYR A 36 -4.11 41.71 23.33
CA TYR A 36 -4.10 43.10 22.88
C TYR A 36 -5.54 43.61 22.77
N GLU A 37 -5.81 44.78 23.36
CA GLU A 37 -7.15 45.33 23.30
C GLU A 37 -7.16 46.73 22.72
N GLY A 38 -5.97 47.19 22.35
CA GLY A 38 -5.83 48.51 21.76
C GLY A 38 -6.32 48.60 20.33
N ASP A 39 -5.93 49.65 19.63
CA ASP A 39 -6.39 49.84 18.26
C ASP A 39 -5.26 49.62 17.26
N GLU A 40 -5.53 49.97 16.00
CA GLU A 40 -4.57 49.79 14.92
C GLU A 40 -3.57 50.93 14.71
N SER A 41 -3.50 51.87 15.65
CA SER A 41 -2.60 53.03 15.49
C SER A 41 -1.11 52.77 15.55
N PHE A 42 -0.72 51.60 16.06
CA PHE A 42 0.69 51.26 16.17
C PHE A 42 1.26 50.70 14.85
N LEU A 43 0.38 50.26 13.95
CA LEU A 43 0.82 49.66 12.67
C LEU A 43 1.76 50.49 11.80
N ALA A 44 2.76 49.82 11.27
CA ALA A 44 3.76 50.43 10.39
C ALA A 44 3.37 50.25 8.94
N GLY A 45 4.13 50.91 8.07
CA GLY A 45 3.89 50.83 6.65
C GLY A 45 4.91 49.89 6.05
N ALA A 46 4.80 49.66 4.75
CA ALA A 46 5.70 48.76 4.04
C ALA A 46 7.07 49.35 3.77
N THR A 47 8.09 48.52 3.96
CA THR A 47 9.46 48.92 3.72
C THR A 47 9.66 48.81 2.20
N GLU A 48 10.66 49.50 1.67
CA GLU A 48 10.91 49.45 0.24
C GLU A 48 11.28 48.07 -0.27
N ALA A 49 11.95 47.29 0.58
CA ALA A 49 12.31 45.94 0.19
C ALA A 49 11.00 45.16 -0.08
N THR A 50 10.03 45.31 0.83
CA THR A 50 8.74 44.65 0.71
C THR A 50 8.05 45.05 -0.59
N THR A 51 7.90 46.36 -0.78
CA THR A 51 7.25 46.91 -1.96
C THR A 51 7.98 46.51 -3.24
N THR A 52 9.30 46.48 -3.21
CA THR A 52 10.06 46.11 -4.39
C THR A 52 9.80 44.65 -4.74
N LEU A 53 9.79 43.79 -3.72
CA LEU A 53 9.54 42.36 -3.91
C LEU A 53 8.12 42.09 -4.44
N TRP A 54 7.13 42.66 -3.79
CA TRP A 54 5.75 42.45 -4.18
C TRP A 54 5.50 42.91 -5.59
N ASP A 55 6.04 44.07 -5.95
CA ASP A 55 5.83 44.59 -7.29
C ASP A 55 6.35 43.62 -8.36
N LYS A 56 7.52 43.03 -8.14
CA LYS A 56 8.05 42.10 -9.11
C LYS A 56 7.19 40.80 -9.18
N VAL A 57 6.63 40.38 -8.05
CA VAL A 57 5.81 39.18 -8.00
C VAL A 57 4.49 39.44 -8.72
N MET A 58 3.91 40.62 -8.49
CA MET A 58 2.67 41.00 -9.15
C MET A 58 2.85 40.93 -10.64
N GLU A 59 4.09 41.01 -11.11
CA GLU A 59 4.31 40.94 -12.54
C GLU A 59 3.98 39.55 -13.06
N GLY A 60 4.29 38.53 -12.27
CA GLY A 60 3.96 37.16 -12.66
C GLY A 60 2.46 36.96 -12.51
N VAL A 61 1.90 37.49 -11.42
CA VAL A 61 0.47 37.37 -11.15
C VAL A 61 -0.37 37.94 -12.28
N LYS A 62 0.08 39.05 -12.87
CA LYS A 62 -0.66 39.64 -13.98
C LYS A 62 -0.60 38.68 -15.17
N LEU A 63 0.55 38.06 -15.40
CA LEU A 63 0.71 37.14 -16.50
C LEU A 63 -0.24 35.95 -16.33
N GLU A 64 -0.34 35.45 -15.11
CA GLU A 64 -1.20 34.32 -14.78
C GLU A 64 -2.63 34.69 -15.09
N ASN A 65 -3.02 35.87 -14.63
CA ASN A 65 -4.39 36.33 -14.83
C ASN A 65 -4.78 36.52 -16.28
N ARG A 66 -3.95 37.20 -17.07
CA ARG A 66 -4.36 37.41 -18.45
C ARG A 66 -4.27 36.14 -19.31
N THR A 67 -3.37 35.22 -18.98
CA THR A 67 -3.26 33.97 -19.77
C THR A 67 -4.14 32.83 -19.22
N HIS A 68 -4.56 32.94 -17.97
CA HIS A 68 -5.33 31.92 -17.26
C HIS A 68 -4.53 30.62 -17.35
N ALA A 69 -3.24 30.76 -17.15
CA ALA A 69 -2.34 29.63 -17.21
C ALA A 69 -1.15 29.90 -16.29
N PRO A 70 -0.36 28.86 -15.99
CA PRO A 70 0.82 28.95 -15.12
C PRO A 70 1.93 29.79 -15.75
N VAL A 71 2.66 30.56 -14.94
CA VAL A 71 3.77 31.33 -15.44
C VAL A 71 4.83 30.36 -16.01
N ASP A 72 4.93 29.18 -15.39
CA ASP A 72 5.90 28.15 -15.80
C ASP A 72 5.69 26.93 -14.87
N PHE A 73 6.29 25.78 -15.20
CA PHE A 73 6.17 24.58 -14.37
C PHE A 73 7.08 23.45 -14.85
N ASP A 74 7.42 22.54 -13.94
CA ASP A 74 8.28 21.39 -14.23
C ASP A 74 7.62 20.41 -15.19
N THR A 75 8.45 19.73 -15.96
CA THR A 75 7.97 18.74 -16.91
C THR A 75 8.82 17.49 -16.76
N ALA A 76 9.90 17.61 -15.99
CA ALA A 76 10.83 16.49 -15.81
C ALA A 76 11.33 16.21 -14.40
N VAL A 77 10.85 16.93 -13.40
CA VAL A 77 11.28 16.70 -12.02
C VAL A 77 10.11 16.30 -11.14
N ALA A 78 10.25 15.19 -10.44
CA ALA A 78 9.22 14.73 -9.49
C ALA A 78 9.52 15.46 -8.18
N SER A 79 8.63 16.33 -7.76
CA SER A 79 8.83 17.10 -6.54
C SER A 79 8.68 16.33 -5.25
N THR A 80 9.61 16.59 -4.33
CA THR A 80 9.64 16.00 -3.01
C THR A 80 10.09 17.13 -2.07
N ILE A 81 10.28 16.84 -0.80
CA ILE A 81 10.72 17.86 0.13
C ILE A 81 12.11 18.40 -0.26
N THR A 82 12.98 17.52 -0.76
CA THR A 82 14.35 17.91 -1.07
C THR A 82 14.74 18.03 -2.52
N SER A 83 13.82 17.72 -3.43
CA SER A 83 14.11 17.73 -4.85
C SER A 83 14.66 19.04 -5.47
N HIS A 84 14.06 20.18 -5.13
CA HIS A 84 14.52 21.44 -5.72
C HIS A 84 15.57 22.18 -4.91
N ASP A 85 16.32 23.05 -5.59
CA ASP A 85 17.35 23.87 -4.94
C ASP A 85 16.67 25.12 -4.41
N ALA A 86 17.40 25.93 -3.65
CA ALA A 86 16.85 27.16 -3.10
C ALA A 86 16.42 28.09 -4.21
N GLY A 87 15.31 28.78 -4.00
CA GLY A 87 14.84 29.70 -5.01
C GLY A 87 14.49 31.00 -4.34
N TYR A 88 14.69 32.11 -5.05
CA TYR A 88 14.41 33.42 -4.48
C TYR A 88 13.80 34.37 -5.48
N ILE A 89 13.21 35.43 -4.94
CA ILE A 89 12.65 36.52 -5.73
C ILE A 89 13.85 37.47 -5.89
N ASN A 90 14.53 37.72 -4.77
CA ASN A 90 15.74 38.57 -4.69
C ASN A 90 16.38 38.23 -3.33
N LYS A 91 17.37 37.34 -3.33
CA LYS A 91 18.04 36.92 -2.08
C LYS A 91 18.47 38.05 -1.16
N GLN A 92 18.87 39.18 -1.72
CA GLN A 92 19.31 40.30 -0.90
C GLN A 92 18.21 41.06 -0.15
N LEU A 93 16.96 40.95 -0.59
CA LEU A 93 15.89 41.68 0.07
C LEU A 93 14.97 40.86 0.97
N GLU A 94 14.86 39.56 0.74
CA GLU A 94 13.96 38.74 1.53
C GLU A 94 14.35 38.45 2.97
N LYS A 95 13.43 38.72 3.90
CA LYS A 95 13.68 38.47 5.32
C LYS A 95 13.27 37.03 5.66
N ILE A 96 12.23 36.54 4.99
CA ILE A 96 11.74 35.17 5.16
C ILE A 96 11.87 34.51 3.77
N VAL A 97 12.59 33.40 3.70
CA VAL A 97 12.82 32.76 2.41
C VAL A 97 12.17 31.39 2.23
N GLY A 98 12.14 30.93 0.98
CA GLY A 98 11.58 29.64 0.65
C GLY A 98 10.54 29.65 -0.46
N LEU A 99 10.80 28.85 -1.48
CA LEU A 99 9.87 28.73 -2.61
C LEU A 99 9.67 27.25 -2.90
N GLN A 100 8.53 26.90 -3.49
CA GLN A 100 8.25 25.51 -3.85
C GLN A 100 9.29 24.95 -4.81
N THR A 101 9.60 25.70 -5.86
CA THR A 101 10.62 25.24 -6.82
C THR A 101 11.80 26.21 -6.79
N GLU A 102 12.60 26.23 -7.86
CA GLU A 102 13.73 27.14 -7.83
C GLU A 102 13.39 28.54 -8.34
N ALA A 103 12.14 28.77 -8.73
CA ALA A 103 11.75 30.09 -9.24
C ALA A 103 10.38 30.49 -8.78
N PRO A 104 10.13 31.81 -8.69
CA PRO A 104 8.84 32.37 -8.26
C PRO A 104 7.69 31.99 -9.18
N LEU A 105 6.63 31.46 -8.57
CA LEU A 105 5.41 31.07 -9.25
C LEU A 105 5.53 29.92 -10.24
N LYS A 106 6.70 29.28 -10.31
CA LYS A 106 6.86 28.15 -11.20
C LYS A 106 6.24 26.95 -10.50
N ARG A 107 5.29 26.28 -11.13
CA ARG A 107 4.62 25.15 -10.50
C ARG A 107 5.36 23.81 -10.65
N ALA A 108 5.24 22.96 -9.64
CA ALA A 108 5.93 21.68 -9.64
C ALA A 108 5.08 20.50 -10.16
N LEU A 109 5.72 19.33 -10.26
CA LEU A 109 5.02 18.11 -10.63
C LEU A 109 4.94 17.27 -9.38
N ILE A 110 3.73 16.97 -8.92
CA ILE A 110 3.52 16.14 -7.74
C ILE A 110 2.84 14.88 -8.29
N PRO A 111 3.63 13.95 -8.86
CA PRO A 111 3.16 12.70 -9.46
C PRO A 111 2.51 11.58 -8.65
N PHE A 112 2.79 11.50 -7.35
CA PHE A 112 2.23 10.42 -6.55
C PHE A 112 0.71 10.36 -6.62
N GLY A 113 0.07 11.50 -6.90
CA GLY A 113 -1.39 11.54 -6.97
C GLY A 113 -1.98 11.00 -8.27
N GLY A 114 -1.17 10.97 -9.33
CA GLY A 114 -1.64 10.49 -10.62
C GLY A 114 -0.90 11.16 -11.77
N ILE A 115 -0.55 10.37 -12.79
CA ILE A 115 0.16 10.91 -13.93
C ILE A 115 -0.79 11.53 -14.97
N LYS A 116 -1.99 10.97 -15.11
CA LYS A 116 -2.94 11.49 -16.09
C LYS A 116 -3.25 12.98 -15.95
N MET A 117 -3.45 13.46 -14.74
CA MET A 117 -3.75 14.87 -14.55
C MET A 117 -2.57 15.77 -15.00
N ILE A 118 -1.34 15.33 -14.74
CA ILE A 118 -0.16 16.09 -15.15
C ILE A 118 -0.08 16.12 -16.70
N GLU A 119 -0.35 14.98 -17.34
CA GLU A 119 -0.34 14.94 -18.80
C GLU A 119 -1.38 15.90 -19.30
N GLY A 120 -2.55 15.87 -18.69
CA GLY A 120 -3.60 16.77 -19.11
C GLY A 120 -3.19 18.23 -18.96
N SER A 121 -2.43 18.55 -17.91
CA SER A 121 -1.99 19.92 -17.67
C SER A 121 -0.96 20.34 -18.70
N CYS A 122 -0.06 19.42 -19.01
CA CYS A 122 0.97 19.69 -20.00
C CYS A 122 0.32 20.03 -21.32
N LYS A 123 -0.57 19.15 -21.75
CA LYS A 123 -1.28 19.33 -22.99
C LYS A 123 -2.00 20.67 -23.05
N ALA A 124 -2.73 21.00 -21.99
CA ALA A 124 -3.47 22.25 -21.94
C ALA A 124 -2.59 23.51 -21.94
N TYR A 125 -1.41 23.44 -21.31
CA TYR A 125 -0.57 24.64 -21.27
C TYR A 125 0.60 24.56 -22.24
N ASN A 126 0.52 23.64 -23.19
CA ASN A 126 1.54 23.46 -24.21
C ASN A 126 2.97 23.28 -23.71
N ARG A 127 3.19 22.21 -22.94
CA ARG A 127 4.50 21.86 -22.45
C ARG A 127 4.55 20.37 -22.66
N GLU A 128 5.75 19.83 -22.80
CA GLU A 128 5.85 18.40 -23.04
C GLU A 128 6.34 17.66 -21.82
N LEU A 129 5.55 16.69 -21.38
CA LEU A 129 5.89 15.90 -20.22
C LEU A 129 7.06 14.98 -20.55
N ASP A 130 8.07 14.97 -19.69
CA ASP A 130 9.22 14.11 -19.87
C ASP A 130 8.77 12.65 -19.86
N PRO A 131 9.14 11.88 -20.90
CA PRO A 131 8.80 10.47 -21.09
C PRO A 131 9.16 9.59 -19.89
N MET A 132 10.29 9.87 -19.28
CA MET A 132 10.76 9.12 -18.13
C MET A 132 9.78 9.24 -16.94
N ILE A 133 9.40 10.47 -16.60
CA ILE A 133 8.46 10.71 -15.52
C ILE A 133 7.15 9.97 -15.81
N LYS A 134 6.70 10.00 -17.06
CA LYS A 134 5.47 9.32 -17.41
C LYS A 134 5.58 7.81 -17.22
N LYS A 135 6.70 7.23 -17.64
CA LYS A 135 6.90 5.79 -17.51
C LYS A 135 6.91 5.32 -16.05
N ILE A 136 7.69 6.01 -15.23
CA ILE A 136 7.81 5.70 -13.82
C ILE A 136 6.44 5.67 -13.13
N PHE A 137 5.64 6.72 -13.33
CA PHE A 137 4.36 6.74 -12.66
C PHE A 137 3.17 6.09 -13.35
N THR A 138 3.46 5.22 -14.32
N THR A 138 3.44 5.21 -14.31
CA THR A 138 2.43 4.48 -15.03
CA THR A 138 2.41 4.47 -15.02
C THR A 138 2.75 3.00 -14.84
C THR A 138 2.75 2.99 -14.89
N GLU A 139 4.04 2.69 -14.73
CA GLU A 139 4.49 1.30 -14.58
C GLU A 139 5.25 0.89 -13.34
N TYR A 140 5.97 1.80 -12.70
CA TYR A 140 6.72 1.40 -11.51
C TYR A 140 6.12 1.83 -10.17
N ARG A 141 5.60 3.05 -10.12
CA ARG A 141 5.01 3.57 -8.89
C ARG A 141 3.54 3.87 -9.15
N LYS A 142 2.67 3.00 -8.66
CA LYS A 142 1.24 3.18 -8.81
C LYS A 142 0.80 4.45 -8.10
N THR A 143 -0.12 5.18 -8.69
CA THR A 143 -0.54 6.43 -8.09
C THR A 143 -1.91 6.34 -7.43
N HIS A 144 -2.30 7.42 -6.75
CA HIS A 144 -3.59 7.46 -6.08
C HIS A 144 -4.72 7.35 -7.09
N ASN A 145 -4.64 8.16 -8.14
CA ASN A 145 -5.65 8.15 -9.19
C ASN A 145 -5.84 6.75 -9.80
N GLN A 146 -4.74 6.03 -10.02
N GLN A 146 -4.77 6.01 -10.03
CA GLN A 146 -4.79 4.68 -10.58
CA GLN A 146 -4.97 4.69 -10.61
C GLN A 146 -5.52 3.72 -9.59
C GLN A 146 -5.45 3.72 -9.61
N GLY A 147 -5.11 3.86 -8.33
CA GLY A 147 -5.64 3.00 -7.29
C GLY A 147 -7.16 3.11 -7.16
N VAL A 148 -7.68 4.34 -7.19
CA VAL A 148 -9.11 4.59 -7.07
C VAL A 148 -9.92 4.02 -8.22
N PHE A 149 -9.58 4.40 -9.45
CA PHE A 149 -10.31 3.91 -10.61
C PHE A 149 -10.21 2.41 -10.83
N ASP A 150 -9.29 1.77 -10.14
CA ASP A 150 -9.12 0.33 -10.22
C ASP A 150 -10.18 -0.35 -9.35
N VAL A 151 -10.63 0.36 -8.32
CA VAL A 151 -11.60 -0.15 -7.36
C VAL A 151 -13.02 0.41 -7.45
N TYR A 152 -13.17 1.53 -8.16
CA TYR A 152 -14.49 2.14 -8.36
C TYR A 152 -15.49 1.16 -8.95
N THR A 153 -16.78 1.47 -8.77
CA THR A 153 -17.86 0.64 -9.31
C THR A 153 -18.44 1.37 -10.52
N PRO A 154 -19.16 0.66 -11.41
CA PRO A 154 -19.77 1.28 -12.60
C PRO A 154 -20.79 2.32 -12.13
N ASP A 155 -21.42 2.07 -10.99
CA ASP A 155 -22.39 2.97 -10.39
C ASP A 155 -21.77 4.33 -10.04
N ILE A 156 -20.59 4.30 -9.42
CA ILE A 156 -19.90 5.53 -9.06
C ILE A 156 -19.49 6.26 -10.32
N LEU A 157 -19.02 5.54 -11.34
CA LEU A 157 -18.63 6.18 -12.59
C LEU A 157 -19.82 6.87 -13.27
N ARG A 158 -21.00 6.24 -13.22
CA ARG A 158 -22.21 6.82 -13.80
C ARG A 158 -22.61 8.10 -13.06
N CYS A 159 -22.47 8.10 -11.74
CA CYS A 159 -22.80 9.30 -10.97
C CYS A 159 -21.82 10.42 -11.29
N ARG A 160 -20.58 10.03 -11.60
CA ARG A 160 -19.52 10.99 -11.90
C ARG A 160 -19.82 11.65 -13.25
N LYS A 161 -20.18 10.83 -14.23
CA LYS A 161 -20.49 11.31 -15.55
C LYS A 161 -21.75 12.20 -15.55
N SER A 162 -22.83 11.75 -14.91
CA SER A 162 -24.10 12.46 -14.91
C SER A 162 -24.18 13.75 -14.13
N GLY A 163 -23.25 13.96 -13.21
CA GLY A 163 -23.32 15.21 -12.46
C GLY A 163 -24.03 15.12 -11.12
N VAL A 164 -24.13 13.91 -10.55
CA VAL A 164 -24.76 13.74 -9.24
C VAL A 164 -23.67 13.61 -8.17
N LEU A 165 -22.52 13.04 -8.55
CA LEU A 165 -21.40 12.90 -7.62
C LEU A 165 -20.14 13.09 -8.47
N THR A 166 -19.72 14.35 -8.61
CA THR A 166 -18.58 14.72 -9.45
C THR A 166 -17.57 15.62 -8.75
N GLY A 167 -16.30 15.52 -9.12
CA GLY A 167 -15.26 16.35 -8.52
C GLY A 167 -14.69 15.92 -7.19
N LEU A 168 -14.90 14.66 -6.83
CA LEU A 168 -14.39 14.11 -5.56
C LEU A 168 -12.89 14.00 -5.70
N PRO A 169 -12.14 13.92 -4.59
CA PRO A 169 -10.69 13.83 -4.68
C PRO A 169 -10.04 12.55 -5.17
N ASP A 170 -10.36 12.15 -6.40
CA ASP A 170 -9.77 10.95 -6.99
C ASP A 170 -8.77 11.38 -8.10
N ALA A 171 -8.59 12.68 -8.27
CA ALA A 171 -7.73 13.21 -9.34
C ALA A 171 -6.98 14.44 -8.90
N TYR A 172 -6.82 14.59 -7.59
CA TYR A 172 -6.09 15.71 -7.01
C TYR A 172 -5.89 15.37 -5.53
N GLY A 173 -4.92 16.05 -4.90
CA GLY A 173 -4.64 15.80 -3.49
C GLY A 173 -5.84 16.14 -2.61
N ARG A 174 -6.16 15.24 -1.68
CA ARG A 174 -7.30 15.46 -0.79
C ARG A 174 -7.15 16.69 0.08
N GLY A 175 -5.96 17.00 0.58
CA GLY A 175 -5.84 18.17 1.43
C GLY A 175 -6.65 18.05 2.74
N ARG A 176 -7.21 19.15 3.22
CA ARG A 176 -7.96 19.17 4.48
C ARG A 176 -7.13 18.64 5.64
N ILE A 177 -5.83 18.87 5.56
CA ILE A 177 -4.92 18.45 6.60
C ILE A 177 -4.06 19.64 7.00
N ILE A 178 -4.04 19.97 8.28
CA ILE A 178 -3.20 21.08 8.74
C ILE A 178 -2.16 20.57 9.75
N GLY A 179 -0.92 20.46 9.32
CA GLY A 179 0.11 20.05 10.24
C GLY A 179 0.40 21.24 11.16
N ASP A 180 0.82 20.97 12.40
CA ASP A 180 1.12 22.08 13.31
C ASP A 180 2.50 22.59 12.94
N TYR A 181 2.55 23.54 12.03
CA TYR A 181 3.84 24.07 11.59
C TYR A 181 4.55 24.85 12.70
N ARG A 182 3.79 25.30 13.69
CA ARG A 182 4.33 26.03 14.84
C ARG A 182 5.30 25.15 15.64
N ARG A 183 5.09 23.82 15.60
CA ARG A 183 5.96 22.92 16.35
C ARG A 183 7.42 22.99 15.96
N VAL A 184 7.71 23.38 14.71
CA VAL A 184 9.10 23.45 14.26
C VAL A 184 9.82 24.65 14.89
N ALA A 185 9.14 25.78 14.95
CA ALA A 185 9.72 26.96 15.54
C ALA A 185 9.91 26.73 17.03
N LEU A 186 8.86 26.21 17.68
CA LEU A 186 8.88 25.98 19.10
C LEU A 186 9.86 24.93 19.61
N TYR A 187 9.90 23.75 18.97
CA TYR A 187 10.79 22.70 19.44
C TYR A 187 12.00 22.38 18.58
N GLY A 188 11.97 22.80 17.32
CA GLY A 188 13.07 22.45 16.43
C GLY A 188 12.84 21.02 15.94
N ILE A 189 13.44 20.66 14.81
CA ILE A 189 13.27 19.32 14.25
C ILE A 189 13.76 18.14 15.08
N ASP A 190 14.97 18.22 15.64
CA ASP A 190 15.52 17.11 16.41
C ASP A 190 14.62 16.66 17.56
N TYR A 191 14.09 17.62 18.30
CA TYR A 191 13.22 17.28 19.41
C TYR A 191 11.96 16.56 18.89
N LEU A 192 11.46 16.98 17.74
CA LEU A 192 10.27 16.36 17.17
C LEU A 192 10.58 14.93 16.69
N MET A 193 11.74 14.75 16.10
CA MET A 193 12.14 13.42 15.64
C MET A 193 12.22 12.44 16.81
N LYS A 194 12.76 12.94 17.92
CA LYS A 194 12.91 12.14 19.13
C LYS A 194 11.53 11.78 19.67
N ASP A 195 10.61 12.71 19.59
CA ASP A 195 9.24 12.45 20.06
C ASP A 195 8.59 11.38 19.15
N LYS A 196 8.75 11.53 17.84
CA LYS A 196 8.19 10.56 16.89
C LYS A 196 8.81 9.17 17.13
N LEU A 197 10.09 9.13 17.46
CA LEU A 197 10.73 7.84 17.72
C LEU A 197 10.08 7.14 18.92
N ALA A 198 9.66 7.92 19.90
CA ALA A 198 9.03 7.37 21.10
C ALA A 198 7.62 6.89 20.73
N GLN A 199 6.98 7.61 19.82
CA GLN A 199 5.65 7.23 19.38
C GLN A 199 5.74 5.92 18.61
N PHE A 200 6.79 5.77 17.84
CA PHE A 200 7.00 4.56 17.07
C PHE A 200 7.19 3.37 18.02
N THR A 201 8.10 3.55 18.98
CA THR A 201 8.42 2.52 19.96
C THR A 201 7.23 2.16 20.84
N SER A 202 6.34 3.11 21.05
CA SER A 202 5.19 2.87 21.91
C SER A 202 4.19 1.90 21.29
N LEU A 203 4.38 1.57 20.03
CA LEU A 203 3.45 0.66 19.35
C LEU A 203 3.98 -0.76 19.26
N GLN A 204 5.21 -0.98 19.75
CA GLN A 204 5.80 -2.31 19.68
C GLN A 204 5.05 -3.37 20.47
N ALA A 205 4.64 -3.07 21.70
CA ALA A 205 3.91 -4.05 22.51
C ALA A 205 2.73 -4.63 21.72
N ASP A 206 1.83 -3.77 21.24
CA ASP A 206 0.65 -4.19 20.47
C ASP A 206 0.99 -5.02 19.25
N LEU A 207 2.06 -4.63 18.57
CA LEU A 207 2.52 -5.35 17.39
C LEU A 207 2.83 -6.78 17.83
N GLU A 208 3.78 -6.91 18.77
CA GLU A 208 4.19 -8.21 19.29
C GLU A 208 3.03 -9.04 19.83
N ASN A 209 2.03 -8.38 20.42
CA ASN A 209 0.89 -9.08 21.01
C ASN A 209 -0.28 -9.34 20.08
N GLY A 210 -0.16 -8.93 18.82
CA GLY A 210 -1.23 -9.16 17.87
C GLY A 210 -2.51 -8.39 18.12
N VAL A 211 -2.39 -7.21 18.71
CA VAL A 211 -3.57 -6.37 18.97
C VAL A 211 -3.75 -5.42 17.79
N ASN A 212 -4.92 -5.46 17.15
CA ASN A 212 -5.19 -4.61 15.97
C ASN A 212 -3.98 -4.70 15.06
N LEU A 213 -3.58 -5.93 14.79
CA LEU A 213 -2.40 -6.20 13.99
C LEU A 213 -2.19 -5.31 12.76
N GLU A 214 -3.12 -5.33 11.81
CA GLU A 214 -2.94 -4.54 10.61
C GLU A 214 -2.96 -3.02 10.81
N GLN A 215 -3.69 -2.57 11.81
CA GLN A 215 -3.78 -1.15 12.09
C GLN A 215 -2.48 -0.66 12.71
N THR A 216 -1.90 -1.50 13.56
CA THR A 216 -0.65 -1.17 14.25
C THR A 216 0.51 -1.12 13.27
N ILE A 217 0.56 -2.10 12.38
CA ILE A 217 1.62 -2.16 11.37
C ILE A 217 1.49 -0.92 10.50
N ARG A 218 0.25 -0.58 10.12
CA ARG A 218 0.03 0.58 9.29
C ARG A 218 0.52 1.87 9.94
N LEU A 219 0.25 2.02 11.23
CA LEU A 219 0.67 3.21 11.95
C LEU A 219 2.18 3.26 12.15
N ARG A 220 2.81 2.12 12.44
CA ARG A 220 4.26 2.13 12.61
C ARG A 220 4.95 2.56 11.33
N GLU A 221 4.49 2.05 10.19
CA GLU A 221 5.12 2.45 8.93
C GLU A 221 4.89 3.95 8.67
N GLU A 222 3.69 4.44 8.97
CA GLU A 222 3.39 5.86 8.81
C GLU A 222 4.29 6.71 9.70
N ILE A 223 4.53 6.27 10.95
CA ILE A 223 5.39 7.05 11.85
C ILE A 223 6.82 6.99 11.32
N ALA A 224 7.22 5.83 10.80
CA ALA A 224 8.56 5.72 10.20
C ALA A 224 8.69 6.76 9.07
N GLU A 225 7.62 6.93 8.27
CA GLU A 225 7.62 7.89 7.17
C GLU A 225 7.65 9.34 7.67
N GLN A 226 6.92 9.61 8.76
CA GLN A 226 6.87 10.95 9.36
C GLN A 226 8.25 11.34 9.85
N HIS A 227 8.90 10.40 10.51
CA HIS A 227 10.23 10.61 11.05
C HIS A 227 11.19 10.95 9.92
N ARG A 228 11.14 10.17 8.86
CA ARG A 228 11.98 10.38 7.69
C ARG A 228 11.66 11.74 7.05
N ALA A 229 10.39 12.10 6.99
CA ALA A 229 10.04 13.39 6.40
C ALA A 229 10.63 14.54 7.25
N LEU A 230 10.69 14.36 8.58
CA LEU A 230 11.25 15.41 9.45
C LEU A 230 12.73 15.65 9.14
N GLY A 231 13.48 14.59 8.86
CA GLY A 231 14.88 14.74 8.54
C GLY A 231 15.10 15.46 7.21
N GLN A 232 14.17 15.26 6.28
CA GLN A 232 14.26 15.91 4.96
C GLN A 232 13.93 17.37 5.10
N MET A 233 13.12 17.71 6.08
CA MET A 233 12.77 19.12 6.33
C MET A 233 14.06 19.87 6.66
N LYS A 234 14.94 19.22 7.43
CA LYS A 234 16.22 19.82 7.80
C LYS A 234 17.08 20.03 6.58
N GLU A 235 17.17 19.01 5.71
CA GLU A 235 17.96 19.12 4.49
C GLU A 235 17.43 20.23 3.59
N MET A 236 16.12 20.33 3.49
CA MET A 236 15.46 21.36 2.68
C MET A 236 15.87 22.73 3.20
N ALA A 237 15.75 22.94 4.50
CA ALA A 237 16.10 24.23 5.11
C ALA A 237 17.58 24.53 4.89
N ALA A 238 18.42 23.52 5.13
CA ALA A 238 19.85 23.66 4.98
C ALA A 238 20.25 24.23 3.60
N LYS A 239 19.47 23.92 2.55
CA LYS A 239 19.77 24.43 1.20
C LYS A 239 19.61 25.94 1.17
N TYR A 240 18.87 26.47 2.14
CA TYR A 240 18.67 27.90 2.22
C TYR A 240 19.64 28.53 3.22
N GLY A 241 20.52 27.69 3.78
CA GLY A 241 21.50 28.17 4.73
C GLY A 241 20.98 28.17 6.17
N TYR A 242 19.95 27.40 6.45
CA TYR A 242 19.42 27.36 7.82
C TYR A 242 19.48 25.99 8.46
N ASP A 243 19.77 25.98 9.75
CA ASP A 243 19.86 24.76 10.55
C ASP A 243 18.67 24.82 11.49
N ILE A 244 17.67 23.97 11.26
CA ILE A 244 16.49 24.00 12.11
C ILE A 244 16.41 22.82 13.07
N SER A 245 17.56 22.22 13.34
CA SER A 245 17.67 21.09 14.25
C SER A 245 17.18 21.49 15.64
N GLY A 246 17.43 22.75 16.02
CA GLY A 246 17.00 23.25 17.31
C GLY A 246 15.89 24.26 17.19
N PRO A 247 15.24 24.65 18.31
CA PRO A 247 14.15 25.64 18.33
C PRO A 247 14.58 27.04 17.88
N ALA A 248 13.61 27.84 17.44
CA ALA A 248 13.87 29.21 17.00
C ALA A 248 14.34 30.09 18.18
N THR A 249 15.37 30.91 17.97
CA THR A 249 15.86 31.76 19.05
C THR A 249 15.32 33.20 19.02
N ASN A 250 14.75 33.63 17.90
CA ASN A 250 14.18 34.98 17.78
C ASN A 250 12.92 34.98 16.88
N ALA A 251 12.31 36.16 16.72
CA ALA A 251 11.12 36.33 15.91
C ALA A 251 11.32 35.90 14.46
N GLN A 252 12.39 36.35 13.83
CA GLN A 252 12.63 35.96 12.46
C GLN A 252 12.72 34.43 12.31
N GLU A 253 13.47 33.78 13.17
CA GLU A 253 13.58 32.33 13.11
C GLU A 253 12.25 31.64 13.40
N ALA A 254 11.46 32.18 14.33
CA ALA A 254 10.17 31.56 14.65
C ALA A 254 9.24 31.58 13.41
N ILE A 255 9.26 32.70 12.69
CA ILE A 255 8.46 32.85 11.47
C ILE A 255 9.03 31.96 10.36
N GLN A 256 10.35 32.02 10.16
CA GLN A 256 11.00 31.23 9.14
C GLN A 256 10.85 29.72 9.39
N TRP A 257 11.07 29.28 10.63
CA TRP A 257 10.93 27.87 11.03
C TRP A 257 9.49 27.37 10.78
N THR A 258 8.50 28.17 11.13
CA THR A 258 7.12 27.78 10.94
C THR A 258 6.84 27.68 9.44
N TYR A 259 7.30 28.68 8.68
CA TYR A 259 7.07 28.65 7.25
C TYR A 259 7.80 27.46 6.61
N PHE A 260 8.98 27.11 7.12
CA PHE A 260 9.70 25.96 6.58
C PHE A 260 8.90 24.67 6.76
N GLY A 261 8.22 24.55 7.89
CA GLY A 261 7.42 23.35 8.09
C GLY A 261 6.34 23.30 7.02
N TYR A 262 5.71 24.44 6.75
CA TYR A 262 4.65 24.53 5.75
C TYR A 262 5.23 24.26 4.34
N LEU A 263 6.42 24.81 4.09
CA LEU A 263 7.07 24.66 2.80
C LEU A 263 7.31 23.19 2.46
N ALA A 264 7.61 22.36 3.45
CA ALA A 264 7.83 20.93 3.20
C ALA A 264 6.54 20.30 2.71
N ALA A 265 5.42 20.78 3.26
CA ALA A 265 4.10 20.33 2.90
C ALA A 265 3.79 20.65 1.44
N VAL A 266 3.85 21.94 1.10
CA VAL A 266 3.53 22.38 -0.26
C VAL A 266 4.55 21.96 -1.35
N LYS A 267 5.60 21.26 -0.94
CA LYS A 267 6.60 20.73 -1.88
C LYS A 267 6.32 19.24 -2.07
N SER A 268 5.59 18.62 -1.15
CA SER A 268 5.37 17.18 -1.24
C SER A 268 3.93 16.76 -1.50
N GLN A 269 2.99 17.65 -1.26
CA GLN A 269 1.57 17.34 -1.45
C GLN A 269 0.92 18.45 -2.23
N ASN A 270 -0.13 18.14 -2.97
CA ASN A 270 -0.85 19.13 -3.76
C ASN A 270 -2.32 19.12 -3.40
N GLY A 271 -2.58 19.00 -2.10
CA GLY A 271 -3.94 18.97 -1.60
C GLY A 271 -4.70 20.16 -2.12
N ALA A 272 -6.00 20.01 -2.34
CA ALA A 272 -6.80 21.11 -2.85
C ALA A 272 -6.69 22.30 -1.89
N ALA A 273 -6.79 22.03 -0.59
CA ALA A 273 -6.59 23.07 0.41
C ALA A 273 -5.32 22.72 1.18
N MET A 274 -4.40 23.67 1.27
CA MET A 274 -3.17 23.48 2.04
C MET A 274 -3.15 24.68 3.00
N SER A 275 -3.93 24.57 4.07
CA SER A 275 -4.03 25.67 5.01
C SER A 275 -2.86 25.85 5.97
N PHE A 276 -2.67 27.10 6.37
CA PHE A 276 -1.57 27.48 7.24
C PHE A 276 -1.85 27.22 8.74
N GLY A 277 -3.09 27.39 9.18
CA GLY A 277 -3.41 27.11 10.59
C GLY A 277 -3.76 28.31 11.46
N ARG A 278 -3.35 28.28 12.73
CA ARG A 278 -3.59 29.38 13.71
C ARG A 278 -2.22 29.76 14.26
N THR A 279 -1.56 30.66 13.55
CA THR A 279 -0.20 31.06 13.84
C THR A 279 0.10 32.51 14.21
N SER A 280 -0.75 33.46 13.83
CA SER A 280 -0.44 34.86 14.13
C SER A 280 -0.18 35.10 15.63
N THR A 281 -1.10 34.69 16.49
CA THR A 281 -0.93 34.88 17.94
C THR A 281 0.30 34.12 18.43
N PHE A 282 0.50 32.91 17.91
CA PHE A 282 1.64 32.10 18.30
C PHE A 282 2.93 32.87 18.03
N LEU A 283 3.02 33.48 16.84
CA LEU A 283 4.22 34.21 16.48
C LEU A 283 4.37 35.53 17.23
N ASP A 284 3.29 36.03 17.84
CA ASP A 284 3.36 37.29 18.57
C ASP A 284 4.26 37.12 19.80
N VAL A 285 4.28 35.92 20.36
CA VAL A 285 5.11 35.66 21.52
C VAL A 285 6.57 35.95 21.18
N TYR A 286 7.00 35.57 19.98
CA TYR A 286 8.38 35.80 19.62
C TYR A 286 8.63 37.23 19.21
N ILE A 287 7.63 37.82 18.55
CA ILE A 287 7.75 39.20 18.10
C ILE A 287 7.80 40.12 19.31
N GLU A 288 6.87 39.91 20.25
CA GLU A 288 6.78 40.70 21.45
C GLU A 288 8.12 40.71 22.22
N ARG A 289 8.69 39.52 22.45
CA ARG A 289 9.96 39.40 23.17
C ARG A 289 11.07 40.20 22.49
N ASP A 290 11.16 40.12 21.17
CA ASP A 290 12.17 40.87 20.44
C ASP A 290 11.94 42.39 20.48
N LEU A 291 10.67 42.80 20.53
CA LEU A 291 10.35 44.23 20.58
C LEU A 291 10.79 44.75 21.95
N LYS A 292 10.27 44.13 23.01
CA LYS A 292 10.60 44.50 24.37
C LYS A 292 12.11 44.47 24.64
N ALA A 293 12.86 43.63 23.94
CA ALA A 293 14.29 43.61 24.16
C ALA A 293 14.99 44.56 23.20
N GLY A 294 14.18 45.30 22.43
CA GLY A 294 14.72 46.24 21.46
C GLY A 294 15.45 45.65 20.26
N LYS A 295 15.38 44.33 20.08
CA LYS A 295 16.08 43.68 18.97
C LYS A 295 15.51 44.02 17.58
N ILE A 296 14.24 44.39 17.55
CA ILE A 296 13.59 44.75 16.29
C ILE A 296 12.59 45.87 16.54
N THR A 297 12.38 46.70 15.52
CA THR A 297 11.42 47.79 15.63
C THR A 297 10.04 47.26 15.19
N GLU A 298 9.02 48.09 15.27
CA GLU A 298 7.69 47.67 14.85
C GLU A 298 7.63 47.55 13.34
N GLN A 299 8.30 48.45 12.62
CA GLN A 299 8.28 48.37 11.17
C GLN A 299 9.00 47.10 10.74
N GLU A 300 10.05 46.74 11.45
CA GLU A 300 10.79 45.52 11.12
C GLU A 300 9.95 44.25 11.37
N ALA A 301 9.05 44.33 12.35
CA ALA A 301 8.19 43.21 12.69
C ALA A 301 7.18 43.06 11.55
N GLN A 302 6.59 44.18 11.15
CA GLN A 302 5.63 44.19 10.07
C GLN A 302 6.28 43.62 8.80
N GLU A 303 7.53 43.96 8.56
CA GLU A 303 8.23 43.47 7.38
C GLU A 303 8.34 41.93 7.35
N MET A 304 8.70 41.32 8.47
CA MET A 304 8.82 39.87 8.56
C MET A 304 7.47 39.24 8.26
N VAL A 305 6.43 39.79 8.86
CA VAL A 305 5.09 39.30 8.62
C VAL A 305 4.75 39.42 7.12
N ASP A 306 5.00 40.61 6.57
CA ASP A 306 4.75 40.84 5.16
C ASP A 306 5.50 39.84 4.26
N HIS A 307 6.75 39.53 4.58
CA HIS A 307 7.49 38.59 3.75
C HIS A 307 6.99 37.14 3.92
N LEU A 308 6.41 36.84 5.08
CA LEU A 308 5.86 35.52 5.32
C LEU A 308 4.59 35.47 4.48
N VAL A 309 3.71 36.44 4.72
CA VAL A 309 2.44 36.50 4.02
C VAL A 309 2.64 36.57 2.51
N MET A 310 3.71 37.24 2.08
CA MET A 310 4.02 37.34 0.66
C MET A 310 4.26 35.93 0.09
N LYS A 311 5.01 35.11 0.84
CA LYS A 311 5.30 33.76 0.40
C LYS A 311 4.00 32.92 0.31
N LEU A 312 3.06 33.17 1.21
CA LEU A 312 1.81 32.43 1.16
C LEU A 312 1.00 32.85 -0.08
N ARG A 313 1.20 34.09 -0.53
CA ARG A 313 0.52 34.61 -1.72
C ARG A 313 1.17 34.01 -2.98
N MET A 314 2.25 33.25 -2.81
CA MET A 314 2.98 32.68 -3.94
C MET A 314 2.93 31.18 -4.09
N VAL A 315 2.15 30.52 -3.25
CA VAL A 315 2.00 29.08 -3.30
C VAL A 315 1.24 28.81 -4.59
N ARG A 316 1.66 27.81 -5.33
CA ARG A 316 1.00 27.47 -6.60
C ARG A 316 1.03 25.98 -6.84
N PHE A 317 -0.02 25.46 -7.46
CA PHE A 317 -0.05 24.05 -7.82
C PHE A 317 -0.52 23.88 -9.27
N LEU A 318 0.09 22.93 -9.97
CA LEU A 318 -0.27 22.66 -11.36
C LEU A 318 -1.57 21.90 -11.40
N ARG A 319 -2.61 22.56 -11.90
CA ARG A 319 -3.95 21.97 -12.00
C ARG A 319 -4.41 21.85 -13.44
N THR A 320 -5.44 21.02 -13.67
CA THR A 320 -6.01 20.83 -15.01
C THR A 320 -7.19 21.80 -15.21
N PRO A 321 -7.65 21.95 -16.45
CA PRO A 321 -8.80 22.85 -16.68
C PRO A 321 -10.05 22.32 -15.97
N GLU A 322 -10.18 20.99 -15.93
CA GLU A 322 -11.30 20.36 -15.24
C GLU A 322 -11.29 20.79 -13.78
N TYR A 323 -10.12 20.68 -13.14
CA TYR A 323 -9.96 21.11 -11.76
C TYR A 323 -10.33 22.59 -11.63
N ASP A 324 -9.87 23.41 -12.58
CA ASP A 324 -10.15 24.84 -12.63
C ASP A 324 -11.66 25.17 -12.65
N GLU A 325 -12.47 24.29 -13.24
CA GLU A 325 -13.92 24.54 -13.27
C GLU A 325 -14.55 24.29 -11.90
N LEU A 326 -14.02 23.29 -11.19
CA LEU A 326 -14.52 22.90 -9.89
C LEU A 326 -14.01 23.81 -8.76
N PHE A 327 -12.81 24.35 -8.93
CA PHE A 327 -12.21 25.22 -7.92
C PHE A 327 -11.60 26.43 -8.64
N SER A 328 -12.44 27.39 -8.99
CA SER A 328 -12.03 28.57 -9.73
C SER A 328 -11.16 29.60 -9.01
N GLY A 329 -10.44 30.37 -9.82
CA GLY A 329 -9.58 31.44 -9.34
C GLY A 329 -8.21 31.09 -8.81
N ASP A 330 -7.64 29.97 -9.26
CA ASP A 330 -6.31 29.54 -8.80
C ASP A 330 -6.23 29.56 -7.27
N PRO A 331 -7.16 28.87 -6.59
CA PRO A 331 -7.19 28.83 -5.13
C PRO A 331 -6.15 27.94 -4.44
N ILE A 332 -5.80 28.32 -3.22
CA ILE A 332 -4.83 27.57 -2.43
C ILE A 332 -5.38 27.22 -1.05
N TRP A 333 -6.16 28.14 -0.49
CA TRP A 333 -6.73 28.00 0.84
C TRP A 333 -5.59 27.91 1.88
N ALA A 334 -4.65 28.85 1.79
CA ALA A 334 -3.55 28.92 2.77
C ALA A 334 -4.21 29.71 3.88
N THR A 335 -5.17 29.06 4.54
CA THR A 335 -5.98 29.67 5.57
C THR A 335 -5.34 29.91 6.94
N GLU A 336 -5.53 31.12 7.45
CA GLU A 336 -4.97 31.51 8.74
C GLU A 336 -6.11 31.96 9.67
N SER A 337 -6.19 31.34 10.83
CA SER A 337 -7.21 31.65 11.81
C SER A 337 -6.68 32.71 12.77
N ILE A 338 -7.30 33.89 12.72
CA ILE A 338 -6.90 35.04 13.53
C ILE A 338 -7.85 35.39 14.68
N GLY A 339 -7.27 35.76 15.82
CA GLY A 339 -8.07 36.15 16.97
C GLY A 339 -8.73 35.08 17.81
N GLY A 340 -10.03 35.28 18.05
CA GLY A 340 -10.77 34.33 18.88
C GLY A 340 -10.57 34.63 20.36
N MET A 341 -11.24 33.85 21.20
CA MET A 341 -11.13 34.03 22.64
C MET A 341 -10.61 32.73 23.23
N GLY A 342 -9.85 32.82 24.31
CA GLY A 342 -9.36 31.61 24.96
C GLY A 342 -10.45 31.04 25.86
N LEU A 343 -10.28 29.82 26.36
CA LEU A 343 -11.30 29.24 27.23
C LEU A 343 -11.32 29.99 28.58
N ASP A 344 -10.24 30.69 28.90
CA ASP A 344 -10.14 31.43 30.16
C ASP A 344 -10.76 32.82 30.07
N GLY A 345 -11.43 33.10 28.95
CA GLY A 345 -12.08 34.40 28.81
C GLY A 345 -11.23 35.52 28.27
N ARG A 346 -9.91 35.36 28.29
CA ARG A 346 -9.04 36.41 27.76
C ARG A 346 -9.18 36.39 26.23
N THR A 347 -8.93 37.50 25.57
CA THR A 347 -8.99 37.50 24.11
C THR A 347 -7.69 36.94 23.57
N LEU A 348 -7.75 36.29 22.43
CA LEU A 348 -6.55 35.74 21.85
C LEU A 348 -6.05 36.69 20.77
N VAL A 349 -6.72 37.84 20.66
CA VAL A 349 -6.28 38.86 19.70
C VAL A 349 -4.95 39.39 20.21
N THR A 350 -4.04 39.69 19.30
CA THR A 350 -2.73 40.22 19.69
C THR A 350 -2.35 41.30 18.69
N LYS A 351 -1.21 41.93 18.89
CA LYS A 351 -0.80 42.94 17.95
C LYS A 351 -0.58 42.28 16.59
N ASN A 352 -0.29 40.98 16.62
CA ASN A 352 -0.05 40.27 15.38
C ASN A 352 -1.36 40.03 14.65
N SER A 353 -2.47 39.98 15.37
CA SER A 353 -3.76 39.81 14.71
C SER A 353 -3.88 41.00 13.75
N PHE A 354 -3.54 42.19 14.25
CA PHE A 354 -3.58 43.42 13.47
C PHE A 354 -2.53 43.46 12.37
N ARG A 355 -1.33 42.95 12.65
CA ARG A 355 -0.27 42.96 11.65
C ARG A 355 -0.63 42.17 10.39
N PHE A 356 -1.22 40.98 10.59
CA PHE A 356 -1.64 40.14 9.49
C PHE A 356 -2.66 40.83 8.60
N LEU A 357 -3.70 41.41 9.22
CA LEU A 357 -4.72 42.14 8.49
C LEU A 357 -4.07 43.28 7.70
N ASN A 358 -3.10 43.92 8.33
CA ASN A 358 -2.36 45.04 7.74
C ASN A 358 -1.64 44.72 6.43
N THR A 359 -1.37 43.42 6.17
CA THR A 359 -0.71 43.06 4.92
C THR A 359 -1.61 43.44 3.73
N LEU A 360 -2.90 43.57 3.98
CA LEU A 360 -3.85 43.94 2.92
C LEU A 360 -3.70 45.43 2.62
N TYR A 361 -2.92 46.12 3.47
CA TYR A 361 -2.66 47.53 3.29
C TYR A 361 -1.25 47.68 2.78
N THR A 362 -0.31 47.05 3.46
CA THR A 362 1.09 47.14 3.06
C THR A 362 1.36 46.57 1.67
N MET A 363 0.64 45.52 1.29
CA MET A 363 0.85 44.90 -0.03
C MET A 363 -0.43 44.85 -0.86
N GLY A 364 -1.48 45.51 -0.37
CA GLY A 364 -2.74 45.54 -1.11
C GLY A 364 -3.64 44.34 -0.94
N PRO A 365 -4.83 44.37 -1.57
CA PRO A 365 -5.79 43.25 -1.46
C PRO A 365 -5.20 41.97 -2.04
N SER A 366 -5.56 40.84 -1.43
CA SER A 366 -5.08 39.55 -1.87
C SER A 366 -6.02 38.47 -1.35
N PRO A 367 -6.27 37.44 -2.18
CA PRO A 367 -7.16 36.33 -1.82
C PRO A 367 -6.46 35.30 -0.93
N GLU A 368 -5.14 35.24 -1.02
CA GLU A 368 -4.34 34.33 -0.20
C GLU A 368 -3.35 35.21 0.57
N PRO A 369 -3.11 34.90 1.84
CA PRO A 369 -3.75 33.78 2.53
C PRO A 369 -5.21 34.12 2.80
N ASN A 370 -6.00 33.10 3.11
CA ASN A 370 -7.44 33.25 3.38
C ASN A 370 -7.53 33.59 4.88
N MET A 371 -7.52 34.89 5.18
CA MET A 371 -7.57 35.35 6.56
C MET A 371 -8.97 35.24 7.12
N THR A 372 -9.07 34.41 8.14
CA THR A 372 -10.33 34.10 8.76
C THR A 372 -10.35 34.62 10.17
N ILE A 373 -11.34 35.47 10.44
CA ILE A 373 -11.50 36.07 11.76
C ILE A 373 -12.35 35.18 12.66
N LEU A 374 -11.78 34.71 13.77
CA LEU A 374 -12.52 33.90 14.73
C LEU A 374 -13.23 34.91 15.62
N TRP A 375 -14.49 35.14 15.26
CA TRP A 375 -15.37 36.10 15.89
C TRP A 375 -16.07 35.68 17.17
N SER A 376 -16.17 36.63 18.09
CA SER A 376 -16.89 36.42 19.36
C SER A 376 -17.57 37.74 19.67
N GLU A 377 -18.74 37.68 20.30
CA GLU A 377 -19.43 38.92 20.64
C GLU A 377 -18.59 39.65 21.68
N LYS A 378 -17.64 38.95 22.27
CA LYS A 378 -16.77 39.52 23.30
C LYS A 378 -15.38 39.91 22.85
N LEU A 379 -15.16 40.03 21.54
CA LEU A 379 -13.85 40.45 21.06
C LEU A 379 -13.71 41.94 21.41
N PRO A 380 -12.48 42.43 21.53
CA PRO A 380 -12.25 43.84 21.83
C PRO A 380 -12.84 44.67 20.69
N LEU A 381 -13.79 45.55 21.01
CA LEU A 381 -14.42 46.40 20.00
C LEU A 381 -13.41 47.05 19.07
N ASN A 382 -12.21 47.35 19.56
CA ASN A 382 -11.20 47.97 18.72
C ASN A 382 -10.88 47.06 17.54
N PHE A 383 -10.72 45.77 17.83
CA PHE A 383 -10.40 44.80 16.78
C PHE A 383 -11.58 44.60 15.84
N LYS A 384 -12.79 44.47 16.42
CA LYS A 384 -14.01 44.28 15.65
C LYS A 384 -14.15 45.35 14.57
N LYS A 385 -13.94 46.60 14.97
CA LYS A 385 -14.07 47.71 14.03
C LYS A 385 -12.98 47.70 12.98
N PHE A 386 -11.74 47.42 13.39
CA PHE A 386 -10.65 47.38 12.42
C PHE A 386 -10.86 46.26 11.37
N ALA A 387 -11.40 45.14 11.79
CA ALA A 387 -11.66 44.02 10.88
C ALA A 387 -12.78 44.43 9.92
N ALA A 388 -13.83 45.05 10.46
CA ALA A 388 -14.95 45.51 9.62
C ALA A 388 -14.43 46.52 8.61
N LYS A 389 -13.54 47.40 9.06
CA LYS A 389 -12.98 48.40 8.20
C LYS A 389 -12.21 47.76 7.05
N VAL A 390 -11.38 46.78 7.39
CA VAL A 390 -10.58 46.06 6.40
C VAL A 390 -11.51 45.37 5.40
N SER A 391 -12.65 44.89 5.87
CA SER A 391 -13.63 44.26 4.97
C SER A 391 -14.18 45.32 4.02
N ILE A 392 -14.50 46.49 4.56
CA ILE A 392 -15.03 47.60 3.75
C ILE A 392 -13.99 48.05 2.73
N ASP A 393 -12.72 48.10 3.12
CA ASP A 393 -11.69 48.51 2.18
C ASP A 393 -11.28 47.43 1.21
N THR A 394 -11.31 46.16 1.64
CA THR A 394 -10.81 45.09 0.77
C THR A 394 -11.67 43.89 0.35
N SER A 395 -12.71 43.55 1.10
CA SER A 395 -13.53 42.39 0.76
C SER A 395 -12.68 41.12 0.71
N SER A 396 -11.58 41.13 1.44
CA SER A 396 -10.66 40.00 1.48
C SER A 396 -10.74 39.10 2.71
N LEU A 397 -11.67 39.39 3.63
CA LEU A 397 -11.78 38.61 4.86
C LEU A 397 -13.06 37.78 5.00
N GLN A 398 -12.98 36.75 5.83
CA GLN A 398 -14.15 35.93 6.13
C GLN A 398 -14.24 35.84 7.65
N TYR A 399 -15.43 35.60 8.18
CA TYR A 399 -15.62 35.49 9.61
C TYR A 399 -16.30 34.19 9.98
N GLU A 400 -15.86 33.58 11.08
CA GLU A 400 -16.45 32.35 11.54
C GLU A 400 -16.76 32.43 13.02
N ASN A 401 -17.81 31.75 13.45
CA ASN A 401 -18.27 31.82 14.85
C ASN A 401 -17.43 31.18 15.96
N ASP A 402 -16.56 31.96 16.59
CA ASP A 402 -15.74 31.44 17.69
C ASP A 402 -16.62 31.09 18.90
N ASP A 403 -17.74 31.79 19.05
CA ASP A 403 -18.63 31.52 20.17
C ASP A 403 -19.32 30.19 19.99
N LEU A 404 -19.40 29.73 18.76
CA LEU A 404 -20.02 28.44 18.48
C LEU A 404 -18.98 27.29 18.46
N MET A 405 -17.85 27.49 17.80
CA MET A 405 -16.84 26.43 17.72
C MET A 405 -15.94 26.15 18.92
N ARG A 406 -15.51 27.20 19.61
CA ARG A 406 -14.67 27.03 20.80
C ARG A 406 -15.41 26.15 21.84
N PRO A 407 -16.69 26.47 22.11
CA PRO A 407 -17.44 25.67 23.08
C PRO A 407 -17.69 24.24 22.60
N ASP A 408 -18.02 24.08 21.32
CA ASP A 408 -18.28 22.77 20.76
C ASP A 408 -17.08 21.84 20.91
N PHE A 409 -15.90 22.39 20.72
CA PHE A 409 -14.65 21.65 20.84
C PHE A 409 -14.11 21.63 22.26
N ASN A 410 -14.46 22.68 23.02
CA ASN A 410 -13.93 22.86 24.36
C ASN A 410 -12.41 22.97 24.17
N ASN A 411 -12.02 23.85 23.27
CA ASN A 411 -10.61 24.03 22.93
C ASN A 411 -10.47 25.39 22.26
N ASP A 412 -9.41 26.11 22.58
CA ASP A 412 -9.19 27.43 21.99
C ASP A 412 -8.00 27.43 21.03
N ASP A 413 -7.66 26.25 20.51
CA ASP A 413 -6.55 26.12 19.57
C ASP A 413 -6.97 25.24 18.38
N TYR A 414 -8.12 25.57 17.80
CA TYR A 414 -8.61 24.87 16.63
C TYR A 414 -8.38 25.83 15.47
N ALA A 415 -8.24 25.32 14.25
CA ALA A 415 -8.03 26.17 13.08
C ALA A 415 -8.99 25.82 11.96
N ILE A 416 -9.11 26.70 11.00
CA ILE A 416 -10.00 26.48 9.87
C ILE A 416 -9.27 25.89 8.67
N ALA A 417 -9.70 24.71 8.22
CA ALA A 417 -9.09 24.10 7.04
C ALA A 417 -9.95 24.51 5.86
N CYS A 418 -9.31 24.90 4.76
CA CYS A 418 -10.02 25.32 3.56
C CYS A 418 -10.91 26.52 3.81
N CYS A 419 -12.23 26.33 3.73
CA CYS A 419 -13.17 27.44 3.94
C CYS A 419 -13.79 27.58 5.32
N VAL A 420 -14.41 26.50 5.78
CA VAL A 420 -15.17 26.50 7.04
C VAL A 420 -15.06 25.24 7.91
N SER A 421 -14.11 24.35 7.60
CA SER A 421 -13.95 23.08 8.33
C SER A 421 -12.96 23.17 9.47
N PRO A 422 -13.46 23.15 10.71
CA PRO A 422 -12.59 23.25 11.89
C PRO A 422 -11.92 22.00 12.42
N MET A 423 -10.72 22.18 12.94
CA MET A 423 -9.97 21.07 13.52
C MET A 423 -9.00 21.57 14.60
N ILE A 424 -8.86 20.80 15.66
CA ILE A 424 -7.94 21.14 16.73
C ILE A 424 -6.55 20.85 16.15
N VAL A 425 -5.73 21.89 16.09
CA VAL A 425 -4.41 21.82 15.51
C VAL A 425 -3.46 20.74 16.00
N GLY A 426 -3.04 19.89 15.06
CA GLY A 426 -2.14 18.80 15.35
C GLY A 426 -2.80 17.58 15.94
N LYS A 427 -4.12 17.61 16.10
CA LYS A 427 -4.82 16.47 16.69
C LYS A 427 -6.03 15.99 15.89
N GLN A 428 -6.38 16.71 14.83
CA GLN A 428 -7.55 16.35 14.00
C GLN A 428 -7.25 16.65 12.54
N MET A 429 -7.94 15.92 11.66
CA MET A 429 -7.82 16.11 10.21
C MET A 429 -9.15 15.66 9.61
N GLN A 430 -9.40 16.02 8.37
CA GLN A 430 -10.62 15.59 7.73
C GLN A 430 -10.30 14.78 6.50
N PHE A 431 -11.18 13.84 6.17
CA PHE A 431 -11.04 13.05 4.95
C PHE A 431 -11.92 13.87 4.04
N PHE A 432 -11.30 14.66 3.17
CA PHE A 432 -12.01 15.54 2.26
C PHE A 432 -12.94 14.80 1.34
N GLY A 433 -14.16 15.31 1.18
CA GLY A 433 -15.09 14.63 0.30
C GLY A 433 -15.78 15.44 -0.79
N ALA A 434 -15.39 16.70 -0.96
CA ALA A 434 -16.03 17.56 -1.96
C ALA A 434 -17.53 17.65 -1.66
N ARG A 435 -18.39 17.61 -2.66
CA ARG A 435 -19.82 17.69 -2.41
C ARG A 435 -20.64 16.88 -3.41
N ALA A 436 -21.86 16.53 -3.00
CA ALA A 436 -22.80 15.77 -3.82
C ALA A 436 -23.86 16.74 -4.31
N ASN A 437 -24.52 16.41 -5.41
CA ASN A 437 -25.55 17.27 -5.99
C ASN A 437 -26.92 16.93 -5.40
N LEU A 438 -27.36 17.66 -4.39
CA LEU A 438 -28.65 17.36 -3.79
C LEU A 438 -29.84 17.69 -4.68
N ALA A 439 -29.71 18.71 -5.51
CA ALA A 439 -30.80 19.09 -6.40
C ALA A 439 -31.08 18.02 -7.44
N LYS A 440 -30.04 17.41 -7.98
CA LYS A 440 -30.24 16.38 -8.99
C LYS A 440 -30.86 15.15 -8.32
N THR A 441 -30.54 14.93 -7.08
CA THR A 441 -31.09 13.79 -6.35
C THR A 441 -32.61 13.92 -6.25
N MET A 442 -33.13 15.15 -6.25
CA MET A 442 -34.57 15.36 -6.21
C MET A 442 -35.16 15.08 -7.60
N LEU A 443 -34.50 15.54 -8.64
CA LEU A 443 -34.99 15.28 -9.99
C LEU A 443 -35.07 13.78 -10.25
N TYR A 444 -34.08 13.05 -9.75
CA TYR A 444 -34.03 11.61 -9.93
C TYR A 444 -35.24 10.97 -9.26
N ALA A 445 -35.57 11.48 -8.08
CA ALA A 445 -36.70 10.97 -7.32
C ALA A 445 -37.98 11.14 -8.16
N ILE A 446 -38.06 12.22 -8.90
CA ILE A 446 -39.23 12.49 -9.72
C ILE A 446 -39.16 11.71 -11.04
N ASN A 447 -37.95 11.52 -11.56
CA ASN A 447 -37.81 10.82 -12.82
C ASN A 447 -37.45 9.34 -12.73
N GLY A 448 -37.67 8.75 -11.56
CA GLY A 448 -37.37 7.34 -11.39
C GLY A 448 -35.91 6.95 -11.60
N GLY A 449 -35.00 7.83 -11.18
CA GLY A 449 -33.58 7.54 -11.30
C GLY A 449 -32.96 7.79 -12.67
N VAL A 450 -33.79 8.22 -13.61
CA VAL A 450 -33.27 8.49 -14.94
C VAL A 450 -32.73 9.90 -14.98
N ASP A 451 -31.56 10.09 -15.58
CA ASP A 451 -30.97 11.44 -15.64
C ASP A 451 -31.66 12.31 -16.69
N GLU A 452 -32.12 13.48 -16.26
CA GLU A 452 -32.86 14.40 -17.12
C GLU A 452 -32.15 14.93 -18.36
N LYS A 453 -30.81 14.91 -18.37
CA LYS A 453 -30.03 15.38 -19.53
C LYS A 453 -29.51 14.21 -20.38
N LEU A 454 -28.92 13.22 -19.73
CA LEU A 454 -28.37 12.07 -20.45
C LEU A 454 -29.42 11.01 -20.78
N LYS A 455 -30.62 11.15 -20.24
CA LYS A 455 -31.70 10.18 -20.46
C LYS A 455 -31.21 8.73 -20.31
N MET A 456 -30.48 8.46 -19.23
CA MET A 456 -29.95 7.14 -18.96
C MET A 456 -30.22 6.81 -17.49
N GLN A 457 -30.32 5.53 -17.17
CA GLN A 457 -30.59 5.11 -15.80
C GLN A 457 -29.33 5.30 -14.97
N VAL A 458 -29.44 6.07 -13.90
CA VAL A 458 -28.30 6.34 -13.04
C VAL A 458 -28.63 5.92 -11.63
N GLY A 459 -29.70 6.48 -11.07
CA GLY A 459 -30.11 6.09 -9.73
C GLY A 459 -30.84 4.75 -9.80
N PRO A 460 -31.26 4.18 -8.67
CA PRO A 460 -31.97 2.88 -8.74
C PRO A 460 -33.20 2.91 -9.65
N LYS A 461 -33.39 1.84 -10.42
CA LYS A 461 -34.54 1.79 -11.32
C LYS A 461 -35.77 1.92 -10.45
N SER A 462 -36.66 2.82 -10.84
CA SER A 462 -37.84 3.09 -10.04
C SER A 462 -38.91 3.76 -10.91
N GLU A 463 -40.14 3.78 -10.44
CA GLU A 463 -41.22 4.38 -11.21
C GLU A 463 -41.18 5.90 -11.11
N PRO A 464 -41.23 6.59 -12.26
CA PRO A 464 -41.20 8.04 -12.18
C PRO A 464 -42.54 8.49 -11.56
N ILE A 465 -42.56 9.67 -10.95
CA ILE A 465 -43.78 10.18 -10.34
C ILE A 465 -44.84 10.59 -11.37
N LYS A 466 -46.05 10.06 -11.20
CA LYS A 466 -47.15 10.35 -12.11
C LYS A 466 -48.02 11.48 -11.56
N GLY A 467 -48.80 12.10 -12.45
CA GLY A 467 -49.68 13.18 -12.05
C GLY A 467 -49.42 14.45 -12.84
N ASP A 468 -50.45 15.26 -13.03
CA ASP A 468 -50.28 16.52 -13.75
C ASP A 468 -49.73 17.58 -12.82
N VAL A 469 -49.91 17.38 -11.52
CA VAL A 469 -49.45 18.31 -10.50
C VAL A 469 -48.71 17.54 -9.40
N LEU A 470 -47.56 18.04 -8.97
CA LEU A 470 -46.77 17.39 -7.95
C LEU A 470 -47.31 17.57 -6.55
N ASN A 471 -47.08 16.57 -5.71
CA ASN A 471 -47.56 16.60 -4.36
C ASN A 471 -46.37 16.56 -3.40
N TYR A 472 -46.30 17.50 -2.47
CA TYR A 472 -45.16 17.55 -1.56
C TYR A 472 -44.87 16.25 -0.81
N ASP A 473 -45.88 15.66 -0.21
CA ASP A 473 -45.63 14.44 0.55
C ASP A 473 -45.06 13.30 -0.27
N GLU A 474 -45.50 13.18 -1.52
CA GLU A 474 -45.02 12.10 -2.37
C GLU A 474 -43.59 12.37 -2.84
N VAL A 475 -43.35 13.57 -3.36
CA VAL A 475 -42.02 13.95 -3.83
C VAL A 475 -40.98 13.85 -2.71
N MET A 476 -41.36 14.22 -1.50
CA MET A 476 -40.44 14.17 -0.39
C MET A 476 -40.14 12.73 0.03
N GLU A 477 -41.08 11.83 -0.24
CA GLU A 477 -40.90 10.43 0.12
C GLU A 477 -39.94 9.77 -0.87
N ARG A 478 -40.17 10.00 -2.16
CA ARG A 478 -39.31 9.47 -3.20
C ARG A 478 -37.90 10.02 -2.97
N MET A 479 -37.84 11.31 -2.64
CA MET A 479 -36.57 11.98 -2.40
C MET A 479 -35.82 11.34 -1.25
N ASP A 480 -36.53 11.07 -0.16
N ASP A 480 -36.53 11.08 -0.17
CA ASP A 480 -35.88 10.46 0.99
CA ASP A 480 -35.92 10.46 1.00
C ASP A 480 -35.18 9.17 0.60
C ASP A 480 -35.23 9.15 0.60
N HIS A 481 -35.76 8.45 -0.36
N HIS A 481 -35.82 8.45 -0.36
CA HIS A 481 -35.20 7.18 -0.83
CA HIS A 481 -35.27 7.18 -0.83
C HIS A 481 -33.92 7.40 -1.63
C HIS A 481 -33.99 7.37 -1.63
N PHE A 482 -33.98 8.26 -2.62
N PHE A 482 -34.01 8.28 -2.60
CA PHE A 482 -32.82 8.54 -3.44
CA PHE A 482 -32.84 8.52 -3.42
C PHE A 482 -31.68 9.15 -2.61
C PHE A 482 -31.69 9.14 -2.61
N MET A 483 -32.01 9.69 -1.45
CA MET A 483 -31.00 10.29 -0.57
C MET A 483 -30.29 9.18 0.18
N ASP A 484 -31.01 8.07 0.40
CA ASP A 484 -30.44 6.90 1.05
C ASP A 484 -29.41 6.35 0.06
N TRP A 485 -29.82 6.28 -1.20
CA TRP A 485 -28.95 5.79 -2.27
C TRP A 485 -27.73 6.71 -2.48
N LEU A 486 -27.95 8.02 -2.46
CA LEU A 486 -26.84 8.95 -2.65
C LEU A 486 -25.84 8.78 -1.50
N ALA A 487 -26.35 8.65 -0.29
CA ALA A 487 -25.49 8.46 0.87
C ALA A 487 -24.59 7.24 0.74
N LYS A 488 -25.14 6.13 0.29
CA LYS A 488 -24.38 4.91 0.15
C LYS A 488 -23.31 5.05 -0.96
N GLN A 489 -23.72 5.51 -2.13
CA GLN A 489 -22.76 5.69 -3.21
C GLN A 489 -21.64 6.65 -2.79
N TYR A 490 -22.00 7.73 -2.10
CA TYR A 490 -21.07 8.77 -1.67
C TYR A 490 -20.00 8.27 -0.70
N ILE A 491 -20.43 7.64 0.38
CA ILE A 491 -19.51 7.10 1.38
C ILE A 491 -18.66 5.96 0.78
N THR A 492 -19.25 5.20 -0.14
CA THR A 492 -18.51 4.12 -0.78
C THR A 492 -17.39 4.76 -1.60
N ALA A 493 -17.71 5.81 -2.33
CA ALA A 493 -16.69 6.48 -3.14
C ALA A 493 -15.58 7.05 -2.26
N LEU A 494 -15.95 7.64 -1.12
CA LEU A 494 -14.97 8.22 -0.21
C LEU A 494 -14.14 7.15 0.53
N ASN A 495 -14.76 6.02 0.86
CA ASN A 495 -14.02 4.95 1.54
C ASN A 495 -12.91 4.45 0.63
N ILE A 496 -13.22 4.32 -0.64
CA ILE A 496 -12.25 3.86 -1.64
C ILE A 496 -11.12 4.91 -1.78
N ILE A 497 -11.51 6.17 -1.92
CA ILE A 497 -10.57 7.26 -2.10
C ILE A 497 -9.56 7.41 -0.97
N HIS A 498 -10.04 7.46 0.26
CA HIS A 498 -9.12 7.64 1.37
C HIS A 498 -8.29 6.40 1.70
N TYR A 499 -8.82 5.22 1.39
CA TYR A 499 -8.03 4.02 1.55
C TYR A 499 -6.85 4.15 0.55
N MET A 500 -7.14 4.63 -0.66
CA MET A 500 -6.08 4.77 -1.66
C MET A 500 -5.11 5.94 -1.42
N HIS A 501 -5.62 7.05 -0.90
CA HIS A 501 -4.73 8.18 -0.61
C HIS A 501 -3.73 7.82 0.53
N ASP A 502 -4.22 7.06 1.51
CA ASP A 502 -3.40 6.60 2.62
C ASP A 502 -2.31 5.69 2.06
N LYS A 503 -2.70 4.83 1.13
CA LYS A 503 -1.78 3.90 0.50
C LYS A 503 -0.78 4.52 -0.45
N TYR A 504 -1.26 5.41 -1.32
CA TYR A 504 -0.36 5.95 -2.34
C TYR A 504 0.09 7.38 -2.24
N SER A 505 -0.42 8.13 -1.28
CA SER A 505 0.02 9.51 -1.15
C SER A 505 -0.18 10.00 0.27
N TYR A 506 0.38 9.24 1.22
CA TYR A 506 0.29 9.57 2.64
C TYR A 506 1.06 10.85 2.85
N GLU A 507 0.39 11.85 3.41
CA GLU A 507 0.98 13.16 3.64
C GLU A 507 1.93 13.18 4.84
N ALA A 508 3.05 12.47 4.69
CA ALA A 508 4.04 12.33 5.74
C ALA A 508 4.59 13.60 6.40
N SER A 509 4.97 14.61 5.63
CA SER A 509 5.53 15.80 6.23
C SER A 509 4.51 16.53 7.09
N LEU A 510 3.23 16.39 6.75
CA LEU A 510 2.18 17.05 7.52
C LEU A 510 1.81 16.25 8.77
N MET A 511 1.66 14.95 8.60
CA MET A 511 1.28 14.09 9.70
C MET A 511 2.39 14.01 10.76
N ALA A 512 3.61 14.35 10.36
CA ALA A 512 4.78 14.36 11.25
C ALA A 512 4.63 15.49 12.26
N LEU A 513 3.73 16.42 11.97
CA LEU A 513 3.51 17.56 12.85
C LEU A 513 2.15 17.43 13.53
N HIS A 514 1.75 16.20 13.82
CA HIS A 514 0.49 15.93 14.52
C HIS A 514 0.89 14.92 15.58
N ASP A 515 -0.03 14.65 16.52
CA ASP A 515 0.15 13.65 17.58
C ASP A 515 0.15 12.26 16.94
N ARG A 516 0.48 11.23 17.72
CA ARG A 516 0.50 9.86 17.22
C ARG A 516 -0.87 9.43 16.69
N ASP A 517 -1.92 9.73 17.45
CA ASP A 517 -3.25 9.36 17.04
C ASP A 517 -4.02 10.61 16.63
N VAL A 518 -4.57 10.57 15.43
CA VAL A 518 -5.28 11.71 14.91
C VAL A 518 -6.76 11.43 14.69
N ILE A 519 -7.59 12.35 15.16
CA ILE A 519 -9.02 12.21 14.97
C ILE A 519 -9.28 12.50 13.50
N ARG A 520 -10.15 11.71 12.88
CA ARG A 520 -10.46 11.90 11.48
C ARG A 520 -11.95 11.93 11.25
N THR A 521 -12.44 12.85 10.44
CA THR A 521 -13.85 12.85 10.10
C THR A 521 -13.94 12.58 8.57
N MET A 522 -15.07 12.07 8.11
CA MET A 522 -15.29 11.84 6.68
C MET A 522 -16.28 12.92 6.31
N ALA A 523 -15.80 13.99 5.67
CA ALA A 523 -16.65 15.13 5.35
C ALA A 523 -17.41 15.08 4.04
N CYS A 524 -18.74 15.09 4.13
CA CYS A 524 -19.59 15.05 2.96
C CYS A 524 -20.24 16.40 2.73
N GLY A 525 -20.12 16.91 1.50
CA GLY A 525 -20.70 18.19 1.23
C GLY A 525 -21.97 18.09 0.42
N ILE A 526 -22.84 19.08 0.55
N ILE A 526 -22.81 19.10 0.55
CA ILE A 526 -24.07 19.10 -0.22
CA ILE A 526 -24.08 19.19 -0.15
C ILE A 526 -24.09 20.39 -1.03
C ILE A 526 -24.09 20.43 -1.04
N ALA A 527 -24.44 20.24 -2.30
CA ALA A 527 -24.52 21.35 -3.23
C ALA A 527 -25.99 21.49 -3.65
N GLY A 528 -26.41 22.72 -3.92
CA GLY A 528 -27.79 22.96 -4.31
C GLY A 528 -28.84 22.97 -3.19
N LEU A 529 -28.43 23.16 -1.94
CA LEU A 529 -29.40 23.16 -0.84
C LEU A 529 -30.56 24.12 -1.06
N SER A 530 -30.29 25.35 -1.48
CA SER A 530 -31.37 26.30 -1.66
C SER A 530 -32.19 25.97 -2.89
N VAL A 531 -31.58 25.36 -3.90
CA VAL A 531 -32.35 24.99 -5.08
C VAL A 531 -33.34 23.91 -4.65
N ALA A 532 -32.86 22.98 -3.84
CA ALA A 532 -33.72 21.88 -3.38
C ALA A 532 -34.79 22.38 -2.42
N ALA A 533 -34.41 23.24 -1.48
CA ALA A 533 -35.38 23.76 -0.54
C ALA A 533 -36.47 24.54 -1.30
N ASP A 534 -36.08 25.41 -2.21
CA ASP A 534 -37.07 26.17 -2.95
C ASP A 534 -37.94 25.30 -3.82
N SER A 535 -37.37 24.23 -4.36
CA SER A 535 -38.14 23.33 -5.20
C SER A 535 -39.24 22.71 -4.36
N LEU A 536 -38.87 22.22 -3.17
CA LEU A 536 -39.86 21.62 -2.29
C LEU A 536 -40.92 22.67 -1.91
N SER A 537 -40.47 23.83 -1.47
CA SER A 537 -41.38 24.92 -1.08
C SER A 537 -42.38 25.20 -2.20
N ALA A 538 -41.89 25.34 -3.42
CA ALA A 538 -42.75 25.61 -4.54
C ALA A 538 -43.79 24.53 -4.68
N ILE A 539 -43.34 23.28 -4.53
CA ILE A 539 -44.22 22.12 -4.67
C ILE A 539 -45.28 22.09 -3.59
N LYS A 540 -44.88 22.48 -2.38
CA LYS A 540 -45.77 22.49 -1.24
C LYS A 540 -46.75 23.66 -1.15
N TYR A 541 -46.29 24.87 -1.46
CA TYR A 541 -47.17 26.05 -1.39
C TYR A 541 -47.71 26.61 -2.69
N ALA A 542 -47.32 26.03 -3.82
CA ALA A 542 -47.85 26.48 -5.10
C ALA A 542 -48.30 25.26 -5.89
N LYS A 543 -48.51 25.41 -7.18
CA LYS A 543 -48.92 24.28 -8.01
C LYS A 543 -47.88 24.06 -9.10
N VAL A 544 -47.03 23.07 -8.88
CA VAL A 544 -45.97 22.76 -9.84
C VAL A 544 -46.45 21.66 -10.78
N LYS A 545 -46.41 21.97 -12.07
CA LYS A 545 -46.86 21.05 -13.11
C LYS A 545 -45.70 20.55 -13.97
N PRO A 546 -45.43 19.23 -13.91
CA PRO A 546 -44.34 18.67 -14.70
C PRO A 546 -44.65 18.61 -16.20
N ILE A 547 -43.67 18.93 -17.02
CA ILE A 547 -43.85 18.86 -18.46
C ILE A 547 -42.95 17.70 -18.89
N ARG A 548 -43.57 16.62 -19.36
CA ARG A 548 -42.86 15.41 -19.74
C ARG A 548 -42.70 15.16 -21.22
N ASP A 549 -41.58 14.54 -21.60
CA ASP A 549 -41.34 14.20 -22.99
C ASP A 549 -42.05 12.88 -23.28
N GLU A 550 -42.03 12.44 -24.54
CA GLU A 550 -42.72 11.22 -24.92
C GLU A 550 -42.43 10.00 -24.02
N ASP A 551 -41.27 9.97 -23.38
CA ASP A 551 -40.94 8.85 -22.51
C ASP A 551 -41.36 9.03 -21.06
N GLY A 552 -42.03 10.14 -20.78
CA GLY A 552 -42.49 10.41 -19.41
C GLY A 552 -41.47 11.10 -18.54
N LEU A 553 -40.38 11.57 -19.15
CA LEU A 553 -39.34 12.23 -18.38
C LEU A 553 -39.71 13.70 -18.14
N ALA A 554 -39.67 14.12 -16.88
CA ALA A 554 -39.99 15.49 -16.49
C ALA A 554 -38.84 16.42 -16.83
N ILE A 555 -38.92 17.02 -18.02
CA ILE A 555 -37.88 17.92 -18.52
C ILE A 555 -38.09 19.40 -18.22
N ASP A 556 -39.26 19.77 -17.74
CA ASP A 556 -39.52 21.15 -17.39
C ASP A 556 -40.62 21.20 -16.36
N PHE A 557 -40.81 22.36 -15.76
CA PHE A 557 -41.85 22.52 -14.76
C PHE A 557 -42.52 23.91 -14.89
N GLU A 558 -43.83 23.97 -14.82
CA GLU A 558 -44.45 25.29 -14.89
C GLU A 558 -45.12 25.46 -13.54
N ILE A 559 -45.00 26.65 -12.98
CA ILE A 559 -45.53 26.92 -11.65
C ILE A 559 -46.74 27.88 -11.61
N GLU A 560 -47.69 27.59 -10.73
CA GLU A 560 -48.85 28.45 -10.60
C GLU A 560 -48.90 28.96 -9.18
N GLY A 561 -48.69 30.27 -9.03
CA GLY A 561 -48.68 30.87 -7.70
C GLY A 561 -47.29 31.25 -7.24
N GLU A 562 -47.23 31.97 -6.12
CA GLU A 562 -45.96 32.42 -5.54
C GLU A 562 -45.66 31.47 -4.38
N TYR A 563 -44.40 31.38 -3.98
CA TYR A 563 -44.01 30.50 -2.88
C TYR A 563 -42.79 31.06 -2.16
N PRO A 564 -42.69 30.83 -0.84
CA PRO A 564 -41.53 31.34 -0.09
C PRO A 564 -40.18 30.77 -0.54
N GLN A 565 -39.22 31.66 -0.75
CA GLN A 565 -37.89 31.26 -1.17
C GLN A 565 -36.91 31.44 -0.02
N PHE A 566 -35.93 30.54 0.06
CA PHE A 566 -34.93 30.60 1.13
C PHE A 566 -34.16 31.93 1.17
N GLY A 567 -33.92 32.42 2.38
CA GLY A 567 -33.19 33.67 2.56
C GLY A 567 -34.03 34.91 2.83
N ASN A 568 -35.30 34.71 3.16
CA ASN A 568 -36.20 35.83 3.44
C ASN A 568 -36.83 35.67 4.82
N ASN A 569 -36.13 34.95 5.68
CA ASN A 569 -36.57 34.68 7.04
C ASN A 569 -38.03 34.24 7.15
N ASP A 570 -38.45 33.36 6.23
CA ASP A 570 -39.81 32.81 6.19
C ASP A 570 -39.70 31.34 6.58
N PRO A 571 -40.02 31.00 7.84
CA PRO A 571 -39.96 29.64 8.37
C PRO A 571 -40.57 28.56 7.48
N ARG A 572 -41.53 28.93 6.64
CA ARG A 572 -42.16 27.93 5.79
C ARG A 572 -41.15 27.25 4.85
N VAL A 573 -40.19 28.00 4.34
CA VAL A 573 -39.19 27.41 3.45
C VAL A 573 -37.88 27.08 4.16
N ASP A 574 -37.51 27.92 5.12
CA ASP A 574 -36.27 27.71 5.87
C ASP A 574 -36.33 26.40 6.65
N ASP A 575 -37.52 25.98 7.04
CA ASP A 575 -37.66 24.75 7.78
C ASP A 575 -37.39 23.57 6.85
N LEU A 576 -37.72 23.71 5.58
CA LEU A 576 -37.49 22.64 4.63
C LEU A 576 -35.96 22.46 4.44
N ALA A 577 -35.24 23.59 4.39
CA ALA A 577 -33.80 23.57 4.23
C ALA A 577 -33.20 22.91 5.47
N VAL A 578 -33.64 23.32 6.64
CA VAL A 578 -33.13 22.72 7.87
C VAL A 578 -33.43 21.22 7.88
N ASP A 579 -34.61 20.83 7.36
CA ASP A 579 -34.98 19.41 7.32
C ASP A 579 -34.03 18.58 6.44
N LEU A 580 -33.73 19.09 5.24
CA LEU A 580 -32.81 18.41 4.33
C LEU A 580 -31.43 18.20 4.97
N VAL A 581 -30.88 19.26 5.55
CA VAL A 581 -29.58 19.15 6.18
C VAL A 581 -29.60 18.04 7.23
N GLU A 582 -30.69 17.95 7.99
CA GLU A 582 -30.83 16.95 9.04
C GLU A 582 -30.95 15.53 8.51
N ARG A 583 -31.77 15.38 7.48
CA ARG A 583 -32.00 14.08 6.85
C ARG A 583 -30.73 13.47 6.30
N PHE A 584 -30.07 14.20 5.41
CA PHE A 584 -28.85 13.67 4.82
C PHE A 584 -27.84 13.30 5.91
N MET A 585 -27.70 14.16 6.91
CA MET A 585 -26.75 13.87 7.98
C MET A 585 -27.07 12.56 8.73
N LYS A 586 -28.33 12.32 9.03
CA LYS A 586 -28.69 11.09 9.74
C LYS A 586 -28.49 9.85 8.87
N LYS A 587 -28.53 10.03 7.57
CA LYS A 587 -28.33 8.88 6.70
C LYS A 587 -26.86 8.46 6.57
N ILE A 588 -25.94 9.40 6.35
CA ILE A 588 -24.53 9.02 6.20
C ILE A 588 -23.98 8.59 7.54
N GLN A 589 -24.67 9.02 8.58
CA GLN A 589 -24.28 8.72 9.96
C GLN A 589 -24.29 7.22 10.26
N LYS A 590 -25.17 6.49 9.57
CA LYS A 590 -25.31 5.04 9.76
C LYS A 590 -24.37 4.19 8.92
N LEU A 591 -23.52 4.80 8.10
CA LEU A 591 -22.66 4.00 7.24
C LEU A 591 -21.24 3.74 7.75
N HIS A 592 -20.72 2.56 7.45
CA HIS A 592 -19.36 2.22 7.85
C HIS A 592 -18.36 3.00 7.00
N THR A 593 -17.34 3.55 7.63
CA THR A 593 -16.36 4.33 6.92
C THR A 593 -14.96 3.76 7.11
N TYR A 594 -14.07 4.09 6.18
CA TYR A 594 -12.68 3.65 6.24
C TYR A 594 -11.99 4.31 7.43
N ARG A 595 -11.23 3.51 8.16
CA ARG A 595 -10.47 3.95 9.30
C ARG A 595 -11.39 4.58 10.35
N ASP A 596 -12.67 4.24 10.28
CA ASP A 596 -13.69 4.74 11.19
C ASP A 596 -13.78 6.25 11.28
N ALA A 597 -13.55 6.94 10.17
CA ALA A 597 -13.65 8.39 10.20
C ALA A 597 -15.12 8.73 10.45
N ILE A 598 -15.37 9.62 11.39
CA ILE A 598 -16.73 9.98 11.74
C ILE A 598 -17.37 10.82 10.64
N PRO A 599 -18.50 10.36 10.10
CA PRO A 599 -19.10 11.18 9.06
C PRO A 599 -19.48 12.57 9.56
N THR A 600 -19.21 13.59 8.76
CA THR A 600 -19.63 14.94 9.08
C THR A 600 -20.16 15.52 7.78
N GLN A 601 -20.91 16.61 7.88
CA GLN A 601 -21.52 17.23 6.70
C GLN A 601 -21.19 18.71 6.66
N SER A 602 -21.05 19.21 5.43
CA SER A 602 -20.80 20.63 5.20
C SER A 602 -21.70 21.09 4.08
N VAL A 603 -22.17 22.32 4.14
CA VAL A 603 -22.98 22.88 3.08
C VAL A 603 -21.99 23.85 2.46
N LEU A 604 -21.21 23.30 1.53
CA LEU A 604 -20.14 24.01 0.85
C LEU A 604 -20.08 23.50 -0.59
N THR A 605 -19.78 24.38 -1.53
CA THR A 605 -19.72 23.96 -2.92
C THR A 605 -18.44 24.32 -3.67
N ILE A 606 -17.83 25.43 -3.28
CA ILE A 606 -16.69 26.00 -4.00
C ILE A 606 -17.34 26.26 -5.37
N THR A 607 -16.70 25.92 -6.49
CA THR A 607 -17.36 26.23 -7.77
C THR A 607 -18.21 25.10 -8.39
N SER A 608 -18.53 24.10 -7.56
CA SER A 608 -19.37 22.99 -7.98
C SER A 608 -20.78 23.54 -8.20
N ASN A 609 -21.06 24.75 -7.70
CA ASN A 609 -22.37 25.37 -7.88
C ASN A 609 -22.54 25.66 -9.37
N VAL A 610 -21.43 25.99 -10.03
CA VAL A 610 -21.46 26.27 -11.46
C VAL A 610 -21.42 24.96 -12.25
N VAL A 611 -20.53 24.05 -11.88
CA VAL A 611 -20.39 22.78 -12.59
C VAL A 611 -21.65 21.91 -12.48
N TYR A 612 -22.18 21.73 -11.27
CA TYR A 612 -23.40 20.93 -11.11
C TYR A 612 -24.58 21.67 -11.79
N GLY A 613 -24.58 23.01 -11.72
CA GLY A 613 -25.63 23.77 -12.35
C GLY A 613 -25.65 23.50 -13.85
N LYS A 614 -24.47 23.41 -14.48
CA LYS A 614 -24.39 23.16 -15.92
C LYS A 614 -24.93 21.77 -16.28
N LYS A 615 -24.75 20.81 -15.39
CA LYS A 615 -25.20 19.44 -15.62
C LYS A 615 -26.61 19.13 -15.07
N THR A 616 -27.30 20.12 -14.51
CA THR A 616 -28.63 19.87 -13.97
C THR A 616 -29.71 20.58 -14.78
N GLY A 617 -30.78 19.85 -15.08
CA GLY A 617 -31.86 20.40 -15.88
C GLY A 617 -32.77 21.33 -15.10
N ASN A 618 -33.88 21.75 -15.73
CA ASN A 618 -34.86 22.63 -15.08
C ASN A 618 -35.30 21.97 -13.79
N THR A 619 -35.48 22.76 -12.75
CA THR A 619 -35.90 22.23 -11.47
C THR A 619 -37.24 22.86 -11.06
N PRO A 620 -37.94 22.21 -10.11
CA PRO A 620 -39.24 22.63 -9.57
C PRO A 620 -39.34 24.05 -8.99
N ASP A 621 -38.24 24.61 -8.51
CA ASP A 621 -38.26 25.97 -7.97
C ASP A 621 -38.36 27.01 -9.07
N GLY A 622 -37.99 26.62 -10.29
CA GLY A 622 -38.06 27.56 -11.40
C GLY A 622 -36.71 27.85 -12.05
N ARG A 623 -35.63 27.38 -11.41
CA ARG A 623 -34.28 27.57 -11.94
C ARG A 623 -34.20 26.85 -13.28
N ARG A 624 -33.65 27.51 -14.29
CA ARG A 624 -33.52 26.92 -15.62
C ARG A 624 -32.31 26.01 -15.72
N ALA A 625 -32.41 25.06 -16.64
CA ALA A 625 -31.36 24.11 -16.90
C ALA A 625 -30.05 24.85 -17.24
N GLY A 626 -28.92 24.38 -16.69
CA GLY A 626 -27.64 25.01 -16.96
C GLY A 626 -27.27 26.14 -16.03
N ALA A 627 -28.25 26.68 -15.30
CA ALA A 627 -28.00 27.77 -14.39
C ALA A 627 -27.25 27.32 -13.15
N PRO A 628 -26.30 28.16 -12.67
CA PRO A 628 -25.48 27.90 -11.48
C PRO A 628 -26.34 27.77 -10.23
N PHE A 629 -25.90 26.95 -9.29
CA PHE A 629 -26.65 26.84 -8.04
C PHE A 629 -26.12 28.04 -7.23
N GLY A 630 -26.58 28.16 -5.99
CA GLY A 630 -26.07 29.22 -5.17
C GLY A 630 -24.76 28.74 -4.55
N PRO A 631 -23.83 29.65 -4.27
CA PRO A 631 -22.59 29.14 -3.67
C PRO A 631 -22.88 28.63 -2.25
N GLY A 632 -22.22 27.55 -1.86
CA GLY A 632 -22.43 27.01 -0.53
C GLY A 632 -23.88 26.94 -0.08
N ALA A 633 -24.18 27.52 1.08
CA ALA A 633 -25.54 27.52 1.62
C ALA A 633 -26.34 28.76 1.25
N ASN A 634 -25.94 29.45 0.21
CA ASN A 634 -26.61 30.68 -0.22
C ASN A 634 -27.99 30.55 -0.86
N PRO A 635 -28.82 31.60 -0.70
CA PRO A 635 -30.15 31.56 -1.32
C PRO A 635 -29.82 31.61 -2.80
N MET A 636 -30.72 31.20 -3.67
CA MET A 636 -30.45 31.25 -5.10
C MET A 636 -30.28 32.71 -5.53
N HIS A 637 -29.46 32.91 -6.55
CA HIS A 637 -29.19 34.24 -7.08
C HIS A 637 -30.42 35.16 -7.09
N GLY A 638 -30.36 36.21 -6.25
CA GLY A 638 -31.42 37.21 -6.19
C GLY A 638 -32.72 36.92 -5.46
N ARG A 639 -32.87 35.72 -4.91
CA ARG A 639 -34.11 35.40 -4.23
C ARG A 639 -34.24 36.02 -2.85
N ASP A 640 -33.12 36.36 -2.22
CA ASP A 640 -33.19 37.00 -0.92
C ASP A 640 -33.35 38.49 -1.23
N GLN A 641 -34.57 39.00 -1.02
CA GLN A 641 -34.89 40.38 -1.35
C GLN A 641 -35.52 41.16 -0.19
N LYS A 642 -35.39 40.65 1.03
CA LYS A 642 -35.95 41.33 2.18
C LYS A 642 -34.87 41.90 3.12
N GLY A 643 -33.71 42.25 2.57
CA GLY A 643 -32.65 42.81 3.39
C GLY A 643 -31.67 41.85 4.04
N ALA A 644 -30.54 42.40 4.47
CA ALA A 644 -29.45 41.67 5.11
C ALA A 644 -29.80 40.90 6.38
N VAL A 645 -30.54 41.54 7.27
CA VAL A 645 -30.90 40.91 8.54
C VAL A 645 -31.75 39.67 8.33
N ALA A 646 -32.64 39.74 7.35
CA ALA A 646 -33.51 38.61 7.07
C ALA A 646 -32.71 37.43 6.46
N SER A 647 -31.94 37.70 5.41
CA SER A 647 -31.15 36.65 4.78
C SER A 647 -30.16 36.04 5.77
N LEU A 648 -29.55 36.88 6.62
CA LEU A 648 -28.61 36.37 7.60
C LEU A 648 -29.36 35.44 8.56
N THR A 649 -30.56 35.85 8.93
CA THR A 649 -31.37 35.05 9.85
C THR A 649 -31.64 33.67 9.28
N SER A 650 -32.00 33.61 8.00
CA SER A 650 -32.28 32.35 7.32
C SER A 650 -31.11 31.38 7.40
N VAL A 651 -29.95 31.85 6.99
CA VAL A 651 -28.76 31.03 6.99
C VAL A 651 -28.34 30.57 8.38
N ALA A 652 -28.40 31.48 9.35
CA ALA A 652 -28.05 31.15 10.73
C ALA A 652 -28.96 30.05 11.28
N LYS A 653 -30.14 29.90 10.70
CA LYS A 653 -31.04 28.87 11.15
C LYS A 653 -30.51 27.48 10.77
N LEU A 654 -29.63 27.41 9.78
CA LEU A 654 -29.05 26.13 9.35
C LEU A 654 -28.26 25.55 10.50
N PRO A 655 -28.55 24.29 10.87
CA PRO A 655 -27.92 23.55 11.97
C PRO A 655 -26.49 23.05 11.85
N PHE A 656 -25.59 23.77 12.52
CA PHE A 656 -24.19 23.40 12.54
C PHE A 656 -24.06 22.05 13.25
N ALA A 657 -25.02 21.74 14.11
CA ALA A 657 -25.03 20.49 14.86
C ALA A 657 -25.15 19.32 13.90
N TYR A 658 -25.78 19.56 12.75
CA TYR A 658 -25.92 18.52 11.74
C TYR A 658 -25.00 18.75 10.54
N ALA A 659 -24.18 19.80 10.63
CA ALA A 659 -23.25 20.17 9.56
C ALA A 659 -21.95 20.63 10.20
N LYS A 660 -21.30 19.73 10.93
CA LYS A 660 -20.06 20.05 11.60
C LYS A 660 -18.85 20.36 10.73
N ASP A 661 -18.95 20.12 9.42
CA ASP A 661 -17.85 20.39 8.51
C ASP A 661 -17.91 21.84 8.01
N GLY A 662 -18.99 22.54 8.37
CA GLY A 662 -19.14 23.93 7.99
C GLY A 662 -20.34 24.29 7.12
N ILE A 663 -20.77 25.55 7.23
CA ILE A 663 -21.90 26.09 6.46
C ILE A 663 -21.43 27.43 5.91
N SER A 664 -21.22 27.48 4.60
CA SER A 664 -20.72 28.68 3.94
C SER A 664 -21.80 29.63 3.43
N TYR A 665 -21.63 30.92 3.74
CA TYR A 665 -22.56 31.95 3.28
C TYR A 665 -21.78 33.15 2.73
N THR A 666 -22.02 33.48 1.46
CA THR A 666 -21.35 34.60 0.80
C THR A 666 -22.31 35.80 0.81
N PHE A 667 -21.99 36.75 1.68
CA PHE A 667 -22.77 37.97 1.88
C PHE A 667 -22.13 39.19 1.19
N SER A 668 -22.85 39.78 0.24
CA SER A 668 -22.36 40.97 -0.47
C SER A 668 -23.31 42.14 -0.24
N ILE A 669 -22.78 43.25 0.26
CA ILE A 669 -23.59 44.44 0.55
C ILE A 669 -22.98 45.70 -0.06
N VAL A 670 -23.81 46.54 -0.68
CA VAL A 670 -23.32 47.79 -1.28
C VAL A 670 -22.91 48.75 -0.15
N PRO A 671 -21.83 49.52 -0.35
CA PRO A 671 -21.34 50.46 0.67
C PRO A 671 -22.39 51.29 1.40
N ASN A 672 -23.25 51.96 0.64
CA ASN A 672 -24.27 52.81 1.25
C ASN A 672 -25.36 52.10 2.04
N ALA A 673 -25.57 50.82 1.76
CA ALA A 673 -26.60 50.08 2.49
C ALA A 673 -26.09 49.88 3.91
N LEU A 674 -24.78 49.99 4.05
CA LEU A 674 -24.10 49.79 5.33
C LEU A 674 -24.01 51.08 6.15
N GLY A 675 -24.00 52.22 5.46
CA GLY A 675 -23.92 53.49 6.16
C GLY A 675 -23.57 54.70 5.31
N LYS A 676 -23.96 55.86 5.82
CA LYS A 676 -23.73 57.16 5.18
C LYS A 676 -22.23 57.47 5.08
N ASP A 677 -21.48 57.12 6.13
CA ASP A 677 -20.04 57.36 6.18
C ASP A 677 -19.24 56.17 6.73
N ASP A 678 -17.92 56.25 6.56
CA ASP A 678 -17.01 55.21 7.00
C ASP A 678 -17.20 54.70 8.43
N GLU A 679 -17.20 55.60 9.41
CA GLU A 679 -17.38 55.21 10.81
C GLU A 679 -18.67 54.46 11.08
N VAL A 680 -19.75 54.92 10.45
CA VAL A 680 -21.05 54.29 10.62
C VAL A 680 -21.03 52.88 10.03
N ARG A 681 -20.45 52.75 8.84
CA ARG A 681 -20.36 51.46 8.14
C ARG A 681 -19.67 50.43 9.02
N LYS A 682 -18.49 50.78 9.54
CA LYS A 682 -17.73 49.89 10.43
C LYS A 682 -18.63 49.42 11.56
N THR A 683 -19.20 50.38 12.28
CA THR A 683 -20.05 50.08 13.41
C THR A 683 -21.24 49.21 13.03
N ASN A 684 -21.85 49.47 11.87
CA ASN A 684 -23.00 48.66 11.48
C ASN A 684 -22.64 47.23 11.05
N LEU A 685 -21.52 47.09 10.33
CA LEU A 685 -21.09 45.78 9.88
C LEU A 685 -20.83 44.94 11.12
N ALA A 686 -20.08 45.50 12.06
CA ALA A 686 -19.77 44.82 13.31
C ALA A 686 -21.07 44.41 14.00
N GLY A 687 -22.10 45.26 13.90
CA GLY A 687 -23.38 44.95 14.51
C GLY A 687 -24.07 43.76 13.87
N LEU A 688 -24.17 43.79 12.55
CA LEU A 688 -24.79 42.70 11.80
C LEU A 688 -24.17 41.36 12.16
N MET A 689 -22.85 41.34 12.25
CA MET A 689 -22.13 40.13 12.57
C MET A 689 -22.36 39.64 13.99
N ASP A 690 -22.42 40.55 14.96
CA ASP A 690 -22.67 40.13 16.34
C ASP A 690 -24.03 39.46 16.36
N GLY A 691 -24.96 40.04 15.63
CA GLY A 691 -26.29 39.48 15.55
C GLY A 691 -26.27 38.13 14.85
N TYR A 692 -25.59 38.07 13.71
CA TYR A 692 -25.48 36.84 12.94
C TYR A 692 -24.85 35.73 13.77
N PHE A 693 -23.73 36.02 14.42
CA PHE A 693 -23.05 35.00 15.23
C PHE A 693 -23.57 34.87 16.66
N HIS A 694 -24.59 35.66 17.03
CA HIS A 694 -25.12 35.60 18.39
C HIS A 694 -25.44 34.16 18.81
N HIS A 695 -24.87 33.74 19.92
CA HIS A 695 -25.04 32.36 20.39
C HIS A 695 -25.39 32.19 21.86
N GLU A 696 -26.33 31.28 22.11
CA GLU A 696 -26.76 30.93 23.46
C GLU A 696 -27.47 29.58 23.40
N ALA A 697 -27.63 28.95 24.56
CA ALA A 697 -28.26 27.63 24.66
C ALA A 697 -29.43 27.33 23.72
N SER A 698 -30.25 28.32 23.39
CA SER A 698 -31.39 28.08 22.51
C SER A 698 -31.24 28.75 21.14
N ILE A 699 -30.08 29.34 20.89
CA ILE A 699 -29.83 30.00 19.61
C ILE A 699 -28.41 29.73 19.16
N GLU A 700 -28.26 28.71 18.30
CA GLU A 700 -26.96 28.31 17.78
C GLU A 700 -26.23 29.43 17.05
N GLY A 701 -26.92 30.07 16.11
CA GLY A 701 -26.31 31.16 15.33
C GLY A 701 -25.52 30.68 14.10
N GLY A 702 -25.14 31.63 13.24
CA GLY A 702 -24.37 31.33 12.03
C GLY A 702 -22.97 30.81 12.32
N GLN A 703 -22.39 30.08 11.37
CA GLN A 703 -21.06 29.53 11.58
C GLN A 703 -20.00 30.26 10.79
N HIS A 704 -20.40 30.79 9.65
CA HIS A 704 -19.45 31.47 8.77
C HIS A 704 -20.10 32.59 7.97
N LEU A 705 -19.27 33.53 7.53
CA LEU A 705 -19.77 34.63 6.72
C LEU A 705 -18.69 35.28 5.86
N ASN A 706 -18.88 35.24 4.55
CA ASN A 706 -17.96 35.89 3.63
C ASN A 706 -18.51 37.32 3.59
N VAL A 707 -17.66 38.34 3.57
CA VAL A 707 -18.15 39.72 3.50
C VAL A 707 -17.61 40.54 2.33
N ASN A 708 -18.46 40.85 1.36
CA ASN A 708 -18.07 41.68 0.23
C ASN A 708 -18.79 43.01 0.39
N VAL A 709 -18.03 44.10 0.36
CA VAL A 709 -18.59 45.45 0.46
C VAL A 709 -18.23 46.10 -0.87
N MET A 710 -19.20 46.10 -1.78
CA MET A 710 -18.97 46.64 -3.12
C MET A 710 -20.25 46.90 -3.90
N ASN A 711 -20.08 47.51 -5.07
CA ASN A 711 -21.19 47.82 -5.96
C ASN A 711 -21.01 46.96 -7.19
N ARG A 712 -22.10 46.37 -7.64
CA ARG A 712 -22.09 45.52 -8.83
C ARG A 712 -21.54 46.28 -10.03
N GLU A 713 -21.78 47.58 -10.06
CA GLU A 713 -21.31 48.44 -11.16
C GLU A 713 -19.79 48.37 -11.29
N MET A 714 -19.10 48.28 -10.16
CA MET A 714 -17.64 48.20 -10.17
C MET A 714 -17.12 46.91 -10.78
N LEU A 715 -17.77 45.79 -10.50
CA LEU A 715 -17.33 44.51 -11.07
C LEU A 715 -17.53 44.53 -12.59
N LEU A 716 -18.59 45.18 -13.04
CA LEU A 716 -18.90 45.30 -14.48
C LEU A 716 -17.79 46.08 -15.17
N ASP A 717 -17.37 47.18 -14.55
CA ASP A 717 -16.29 47.98 -15.08
C ASP A 717 -15.02 47.13 -15.13
N ALA A 718 -14.83 46.28 -14.13
CA ALA A 718 -13.66 45.41 -14.04
C ALA A 718 -13.67 44.36 -15.14
N MET A 719 -14.87 43.90 -15.50
CA MET A 719 -14.97 42.89 -16.56
C MET A 719 -14.47 43.43 -17.90
N GLU A 720 -14.75 44.70 -18.16
CA GLU A 720 -14.31 45.34 -19.41
C GLU A 720 -12.87 45.83 -19.34
N ASN A 721 -12.44 46.27 -18.15
CA ASN A 721 -11.08 46.77 -17.96
C ASN A 721 -10.34 46.03 -16.82
N PRO A 722 -9.91 44.79 -17.05
CA PRO A 722 -9.19 44.06 -16.01
C PRO A 722 -7.88 44.71 -15.56
N GLU A 723 -7.18 45.32 -16.51
CA GLU A 723 -5.90 45.98 -16.25
C GLU A 723 -6.00 47.13 -15.24
N LYS A 724 -7.22 47.55 -14.93
CA LYS A 724 -7.45 48.64 -13.97
C LYS A 724 -7.68 48.11 -12.54
N TYR A 725 -7.85 46.81 -12.40
CA TYR A 725 -8.06 46.19 -11.08
C TYR A 725 -7.16 44.97 -10.91
N PRO A 726 -5.84 45.13 -11.11
CA PRO A 726 -4.95 43.98 -10.97
C PRO A 726 -5.00 43.25 -9.61
N GLN A 727 -5.37 43.97 -8.55
CA GLN A 727 -5.43 43.35 -7.24
C GLN A 727 -6.82 43.29 -6.63
N LEU A 728 -7.85 43.58 -7.43
CA LEU A 728 -9.22 43.51 -6.92
C LEU A 728 -9.51 42.08 -6.44
N THR A 729 -9.93 41.96 -5.18
CA THR A 729 -10.20 40.66 -4.58
C THR A 729 -11.64 40.57 -4.08
N ILE A 730 -12.28 39.44 -4.33
CA ILE A 730 -13.65 39.22 -3.90
C ILE A 730 -13.85 37.83 -3.24
N ARG A 731 -14.74 37.75 -2.25
CA ARG A 731 -15.04 36.48 -1.58
C ARG A 731 -16.12 35.82 -2.47
N VAL A 732 -16.00 34.50 -2.68
CA VAL A 732 -16.94 33.80 -3.57
C VAL A 732 -17.59 32.48 -3.10
N SER A 733 -17.14 31.90 -1.99
CA SER A 733 -17.75 30.65 -1.56
C SER A 733 -17.21 30.16 -0.23
N GLY A 734 -16.30 30.94 0.35
CA GLY A 734 -15.68 30.55 1.62
C GLY A 734 -14.18 30.73 1.49
N TYR A 735 -13.81 31.51 0.47
CA TYR A 735 -12.43 31.86 0.16
C TYR A 735 -12.53 33.02 -0.84
N ALA A 736 -11.39 33.60 -1.21
CA ALA A 736 -11.40 34.70 -2.13
C ALA A 736 -10.55 34.40 -3.35
N VAL A 737 -10.74 35.22 -4.38
CA VAL A 737 -9.99 35.10 -5.62
C VAL A 737 -9.76 36.51 -6.18
N ARG A 738 -8.77 36.67 -7.05
CA ARG A 738 -8.61 37.97 -7.69
C ARG A 738 -9.66 37.90 -8.79
N PHE A 739 -10.56 38.88 -8.82
CA PHE A 739 -11.61 38.92 -9.81
C PHE A 739 -11.09 38.57 -11.22
N ASN A 740 -9.94 39.11 -11.58
CA ASN A 740 -9.34 38.85 -12.89
C ASN A 740 -8.95 37.40 -13.14
N SER A 741 -8.82 36.61 -12.09
CA SER A 741 -8.41 35.21 -12.26
C SER A 741 -9.55 34.27 -12.70
N LEU A 742 -10.77 34.79 -12.70
CA LEU A 742 -11.92 33.98 -13.07
C LEU A 742 -12.17 33.94 -14.56
N THR A 743 -12.89 32.92 -15.00
CA THR A 743 -13.26 32.80 -16.41
C THR A 743 -14.49 33.71 -16.59
N LYS A 744 -14.86 34.00 -17.83
CA LYS A 744 -16.03 34.85 -18.09
C LYS A 744 -17.28 34.19 -17.50
N GLU A 745 -17.42 32.88 -17.71
CA GLU A 745 -18.57 32.13 -17.21
C GLU A 745 -18.63 32.24 -15.68
N GLN A 746 -17.46 32.09 -15.04
CA GLN A 746 -17.37 32.17 -13.59
C GLN A 746 -17.67 33.59 -13.11
N GLN A 747 -17.31 34.60 -13.90
CA GLN A 747 -17.62 35.97 -13.51
C GLN A 747 -19.14 36.18 -13.61
N GLN A 748 -19.75 35.64 -14.67
CA GLN A 748 -21.19 35.77 -14.88
C GLN A 748 -21.94 35.30 -13.63
N ASP A 749 -21.47 34.20 -13.05
CA ASP A 749 -22.08 33.67 -11.84
C ASP A 749 -21.99 34.72 -10.73
N VAL A 750 -20.77 35.20 -10.49
CA VAL A 750 -20.49 36.23 -9.46
C VAL A 750 -21.33 37.52 -9.63
N ILE A 751 -21.38 38.06 -10.84
CA ILE A 751 -22.12 39.30 -11.09
C ILE A 751 -23.65 39.19 -10.99
N THR A 752 -24.19 37.99 -11.20
CA THR A 752 -25.65 37.83 -11.15
C THR A 752 -26.14 37.40 -9.77
N ARG A 753 -25.24 37.34 -8.80
CA ARG A 753 -25.59 36.96 -7.43
C ARG A 753 -26.25 38.12 -6.69
N THR A 754 -26.76 37.86 -5.50
CA THR A 754 -27.42 38.90 -4.72
C THR A 754 -26.47 39.97 -4.15
N PHE A 755 -26.80 41.24 -4.45
CA PHE A 755 -26.05 42.39 -3.91
C PHE A 755 -27.06 43.04 -2.98
N THR A 756 -26.91 42.81 -1.68
CA THR A 756 -27.85 43.34 -0.72
C THR A 756 -27.87 44.87 -0.70
N GLN A 757 -29.06 45.41 -0.97
CA GLN A 757 -29.29 46.86 -1.05
C GLN A 757 -29.78 47.48 0.26
N SER A 758 -30.01 46.68 1.29
CA SER A 758 -30.50 47.22 2.55
C SER A 758 -30.25 46.29 3.71
N MET A 759 -30.38 46.80 4.93
CA MET A 759 -30.21 45.98 6.13
C MET A 759 -31.54 45.23 6.32
N SER B 1 -22.17 -17.90 -20.55
CA SER B 1 -22.91 -19.19 -20.57
C SER B 1 -23.06 -19.74 -21.99
N GLU B 2 -22.10 -19.41 -22.86
CA GLU B 2 -22.09 -19.88 -24.24
C GLU B 2 -20.66 -20.08 -24.76
N LEU B 3 -20.33 -21.33 -25.11
CA LEU B 3 -18.99 -21.64 -25.61
C LEU B 3 -18.83 -21.31 -27.10
N ASN B 4 -18.11 -20.23 -27.37
CA ASN B 4 -17.88 -19.77 -28.73
C ASN B 4 -17.14 -20.78 -29.61
N GLU B 5 -16.95 -20.39 -30.85
CA GLU B 5 -16.26 -21.21 -31.85
C GLU B 5 -14.88 -21.61 -31.32
N LYS B 6 -14.13 -20.60 -30.87
CA LYS B 6 -12.77 -20.80 -30.34
C LYS B 6 -12.64 -21.97 -29.36
N LEU B 7 -13.54 -22.05 -28.38
CA LEU B 7 -13.47 -23.11 -27.39
C LEU B 7 -13.86 -24.49 -27.95
N ALA B 8 -14.92 -24.56 -28.74
CA ALA B 8 -15.38 -25.84 -29.30
C ALA B 8 -14.34 -26.50 -30.23
N THR B 9 -13.68 -25.68 -31.05
CA THR B 9 -12.66 -26.14 -31.97
C THR B 9 -11.44 -26.65 -31.21
N ALA B 10 -10.95 -25.84 -30.28
CA ALA B 10 -9.77 -26.20 -29.51
C ALA B 10 -10.01 -27.41 -28.63
N TRP B 11 -11.26 -27.62 -28.23
CA TRP B 11 -11.61 -28.74 -27.36
C TRP B 11 -12.19 -29.96 -28.05
N GLU B 12 -12.16 -29.95 -29.39
CA GLU B 12 -12.69 -31.07 -30.18
C GLU B 12 -12.16 -32.43 -29.70
N GLY B 13 -13.07 -33.33 -29.33
CA GLY B 13 -12.67 -34.65 -28.89
C GLY B 13 -12.56 -34.82 -27.39
N PHE B 14 -12.48 -33.71 -26.67
CA PHE B 14 -12.37 -33.77 -25.24
C PHE B 14 -13.71 -34.15 -24.61
N THR B 15 -13.64 -34.88 -23.50
CA THR B 15 -14.86 -35.29 -22.81
C THR B 15 -15.43 -34.11 -22.03
N LYS B 16 -16.75 -33.93 -22.12
CA LYS B 16 -17.46 -32.85 -21.45
C LYS B 16 -17.45 -32.92 -19.92
N GLY B 17 -17.81 -31.80 -19.29
CA GLY B 17 -17.84 -31.74 -17.84
C GLY B 17 -17.93 -30.30 -17.37
N ASP B 18 -18.09 -30.10 -16.07
CA ASP B 18 -18.16 -28.77 -15.48
C ASP B 18 -17.07 -27.84 -16.00
N TRP B 19 -15.88 -28.43 -16.24
CA TRP B 19 -14.70 -27.69 -16.72
C TRP B 19 -14.92 -26.85 -17.97
N GLN B 20 -15.96 -27.16 -18.73
CA GLN B 20 -16.24 -26.42 -19.95
C GLN B 20 -17.08 -25.17 -19.66
N ASN B 21 -17.68 -25.13 -18.47
CA ASN B 21 -18.54 -24.02 -18.12
C ASN B 21 -17.98 -23.09 -17.05
N GLU B 22 -16.87 -23.47 -16.43
CA GLU B 22 -16.25 -22.69 -15.36
C GLU B 22 -14.76 -23.08 -15.30
N VAL B 23 -13.95 -22.30 -14.60
CA VAL B 23 -12.54 -22.66 -14.47
C VAL B 23 -12.46 -23.83 -13.48
N ASN B 24 -12.01 -24.98 -13.98
CA ASN B 24 -11.87 -26.20 -13.19
C ASN B 24 -10.88 -27.13 -13.93
N VAL B 25 -9.60 -26.91 -13.68
CA VAL B 25 -8.59 -27.70 -14.36
C VAL B 25 -8.64 -29.16 -13.92
N ARG B 26 -8.83 -29.38 -12.63
CA ARG B 26 -8.89 -30.74 -12.11
C ARG B 26 -9.95 -31.59 -12.83
N ASP B 27 -11.13 -31.02 -13.06
CA ASP B 27 -12.19 -31.75 -13.74
C ASP B 27 -11.76 -32.09 -15.17
N PHE B 28 -11.12 -31.14 -15.84
CA PHE B 28 -10.66 -31.40 -17.20
C PHE B 28 -9.72 -32.61 -17.20
N ILE B 29 -8.75 -32.62 -16.29
CA ILE B 29 -7.81 -33.73 -16.20
C ILE B 29 -8.56 -35.05 -15.92
N GLN B 30 -9.42 -35.04 -14.90
CA GLN B 30 -10.18 -36.23 -14.52
C GLN B 30 -11.02 -36.84 -15.64
N LYS B 31 -11.51 -36.01 -16.54
CA LYS B 31 -12.34 -36.52 -17.62
C LYS B 31 -11.61 -36.78 -18.92
N ASN B 32 -10.30 -36.51 -18.95
CA ASN B 32 -9.59 -36.65 -20.18
C ASN B 32 -8.25 -37.35 -20.20
N TYR B 33 -7.59 -37.47 -19.05
CA TYR B 33 -6.29 -38.10 -19.05
C TYR B 33 -6.41 -39.58 -19.26
N THR B 34 -5.31 -40.18 -19.68
CA THR B 34 -5.23 -41.61 -19.96
C THR B 34 -4.25 -42.25 -18.98
N PRO B 35 -4.76 -42.99 -17.98
CA PRO B 35 -3.81 -43.61 -17.05
C PRO B 35 -2.88 -44.52 -17.88
N TYR B 36 -1.62 -44.62 -17.50
CA TYR B 36 -0.68 -45.46 -18.23
C TYR B 36 0.09 -46.38 -17.30
N GLU B 37 0.00 -47.69 -17.55
CA GLU B 37 0.68 -48.67 -16.71
C GLU B 37 1.78 -49.43 -17.45
N GLY B 38 2.04 -49.01 -18.70
CA GLY B 38 3.08 -49.63 -19.51
C GLY B 38 4.45 -49.23 -19.01
N ASP B 39 5.51 -49.62 -19.72
CA ASP B 39 6.85 -49.26 -19.27
C ASP B 39 7.54 -48.22 -20.15
N GLU B 40 8.82 -47.99 -19.91
CA GLU B 40 9.55 -46.97 -20.65
C GLU B 40 9.98 -47.29 -22.06
N SER B 41 9.70 -48.52 -22.53
CA SER B 41 10.12 -48.93 -23.87
C SER B 41 9.64 -48.05 -25.02
N PHE B 42 8.61 -47.24 -24.79
CA PHE B 42 8.09 -46.39 -25.85
C PHE B 42 8.91 -45.10 -26.05
N LEU B 43 9.66 -44.70 -25.02
CA LEU B 43 10.47 -43.48 -25.02
C LEU B 43 11.47 -43.28 -26.15
N ALA B 44 11.49 -42.05 -26.68
CA ALA B 44 12.40 -41.70 -27.76
C ALA B 44 13.59 -40.95 -27.17
N GLY B 45 14.59 -40.72 -28.00
CA GLY B 45 15.76 -40.00 -27.57
C GLY B 45 15.68 -38.59 -28.10
N ALA B 46 16.67 -37.79 -27.77
CA ALA B 46 16.72 -36.39 -28.19
C ALA B 46 16.92 -36.24 -29.68
N THR B 47 16.57 -35.07 -30.20
CA THR B 47 16.76 -34.79 -31.61
C THR B 47 18.07 -33.99 -31.70
N GLU B 48 18.47 -33.67 -32.92
CA GLU B 48 19.69 -32.91 -33.10
C GLU B 48 19.50 -31.49 -32.58
N ALA B 49 18.31 -30.94 -32.82
CA ALA B 49 17.98 -29.58 -32.38
C ALA B 49 18.08 -29.47 -30.86
N THR B 50 17.58 -30.48 -30.15
CA THR B 50 17.63 -30.49 -28.69
C THR B 50 19.07 -30.51 -28.17
N THR B 51 19.88 -31.41 -28.70
CA THR B 51 21.28 -31.56 -28.31
C THR B 51 22.07 -30.30 -28.65
N THR B 52 21.82 -29.74 -29.82
CA THR B 52 22.52 -28.52 -30.22
C THR B 52 22.18 -27.40 -29.25
N LEU B 53 20.87 -27.22 -29.00
CA LEU B 53 20.39 -26.18 -28.09
C LEU B 53 20.95 -26.38 -26.67
N TRP B 54 20.81 -27.59 -26.14
CA TRP B 54 21.30 -27.86 -24.78
C TRP B 54 22.83 -27.70 -24.63
N ASP B 55 23.59 -28.18 -25.61
CA ASP B 55 25.05 -28.09 -25.58
C ASP B 55 25.50 -26.62 -25.54
N LYS B 56 24.80 -25.78 -26.29
CA LYS B 56 25.15 -24.37 -26.31
C LYS B 56 24.86 -23.75 -24.94
N VAL B 57 23.73 -24.12 -24.36
CA VAL B 57 23.34 -23.61 -23.04
C VAL B 57 24.33 -24.07 -21.97
N MET B 58 24.81 -25.30 -22.09
CA MET B 58 25.75 -25.81 -21.10
C MET B 58 27.05 -25.01 -21.06
N GLU B 59 27.40 -24.32 -22.16
CA GLU B 59 28.60 -23.50 -22.18
C GLU B 59 28.43 -22.35 -21.18
N GLY B 60 27.19 -21.85 -21.09
CA GLY B 60 26.87 -20.80 -20.14
C GLY B 60 26.83 -21.33 -18.72
N VAL B 61 26.39 -22.58 -18.55
CA VAL B 61 26.30 -23.20 -17.24
C VAL B 61 27.69 -23.45 -16.65
N LYS B 62 28.60 -23.95 -17.50
CA LYS B 62 29.98 -24.22 -17.11
C LYS B 62 30.60 -22.92 -16.65
N LEU B 63 30.34 -21.84 -17.39
CA LEU B 63 30.88 -20.54 -17.07
C LEU B 63 30.35 -20.05 -15.73
N GLU B 64 29.07 -20.31 -15.45
CA GLU B 64 28.44 -19.91 -14.19
C GLU B 64 29.08 -20.66 -13.05
N ASN B 65 29.17 -21.99 -13.18
CA ASN B 65 29.76 -22.83 -12.15
C ASN B 65 31.20 -22.46 -11.77
N ARG B 66 32.07 -22.26 -12.76
CA ARG B 66 33.46 -21.93 -12.42
C ARG B 66 33.66 -20.54 -11.87
N THR B 67 32.84 -19.56 -12.28
CA THR B 67 32.99 -18.19 -11.76
C THR B 67 32.11 -17.96 -10.54
N HIS B 68 31.20 -18.91 -10.27
CA HIS B 68 30.25 -18.78 -9.17
C HIS B 68 29.55 -17.39 -9.26
N ALA B 69 29.31 -16.95 -10.49
CA ALA B 69 28.68 -15.68 -10.76
C ALA B 69 27.76 -15.73 -12.00
N PRO B 70 26.84 -14.77 -12.13
CA PRO B 70 25.95 -14.76 -13.30
C PRO B 70 26.75 -14.63 -14.59
N VAL B 71 26.19 -15.13 -15.69
CA VAL B 71 26.84 -15.01 -16.99
C VAL B 71 26.79 -13.51 -17.36
N ASP B 72 25.65 -12.89 -17.05
CA ASP B 72 25.40 -11.49 -17.34
C ASP B 72 24.08 -11.14 -16.65
N PHE B 73 23.79 -9.84 -16.55
CA PHE B 73 22.56 -9.37 -15.96
C PHE B 73 22.34 -7.89 -16.27
N ASP B 74 21.08 -7.46 -16.19
CA ASP B 74 20.67 -6.07 -16.42
C ASP B 74 21.17 -5.14 -15.31
N THR B 75 21.48 -3.89 -15.66
CA THR B 75 21.90 -2.89 -14.69
C THR B 75 21.11 -1.60 -14.92
N ALA B 76 20.31 -1.54 -15.98
CA ALA B 76 19.54 -0.32 -16.26
C ALA B 76 18.09 -0.56 -16.66
N VAL B 77 17.58 -1.77 -16.45
CA VAL B 77 16.19 -2.04 -16.82
C VAL B 77 15.46 -2.72 -15.68
N ALA B 78 14.29 -2.19 -15.35
CA ALA B 78 13.46 -2.77 -14.29
C ALA B 78 12.56 -3.79 -15.01
N SER B 79 12.64 -5.03 -14.56
CA SER B 79 11.88 -6.10 -15.17
C SER B 79 10.40 -6.18 -14.83
N THR B 80 9.59 -6.31 -15.88
CA THR B 80 8.16 -6.45 -15.73
C THR B 80 7.75 -7.56 -16.71
N ILE B 81 6.46 -7.83 -16.83
CA ILE B 81 6.01 -8.87 -17.74
C ILE B 81 6.33 -8.53 -19.20
N THR B 82 6.24 -7.25 -19.57
CA THR B 82 6.46 -6.83 -20.95
C THR B 82 7.71 -6.00 -21.24
N SER B 83 8.57 -5.82 -20.26
CA SER B 83 9.77 -5.00 -20.44
C SER B 83 10.83 -5.50 -21.43
N HIS B 84 10.98 -6.81 -21.56
CA HIS B 84 12.00 -7.35 -22.45
C HIS B 84 11.47 -7.83 -23.81
N ASP B 85 12.30 -7.68 -24.86
CA ASP B 85 11.95 -8.17 -26.19
C ASP B 85 12.22 -9.68 -26.17
N ALA B 86 11.81 -10.37 -27.21
CA ALA B 86 12.02 -11.81 -27.31
C ALA B 86 13.51 -12.16 -27.37
N GLY B 87 13.89 -13.22 -26.68
CA GLY B 87 15.25 -13.68 -26.69
C GLY B 87 15.21 -15.16 -26.99
N TYR B 88 16.24 -15.67 -27.69
CA TYR B 88 16.31 -17.08 -28.05
C TYR B 88 17.71 -17.65 -27.90
N ILE B 89 17.79 -18.98 -27.93
CA ILE B 89 19.06 -19.69 -27.89
C ILE B 89 19.40 -19.77 -29.38
N ASN B 90 18.38 -20.16 -30.15
CA ASN B 90 18.46 -20.29 -31.60
C ASN B 90 17.02 -20.39 -32.07
N LYS B 91 16.46 -19.28 -32.52
CA LYS B 91 15.06 -19.24 -32.95
C LYS B 91 14.68 -20.34 -33.97
N GLN B 92 15.59 -20.69 -34.85
CA GLN B 92 15.31 -21.70 -35.88
C GLN B 92 15.11 -23.11 -35.34
N LEU B 93 15.65 -23.39 -34.16
CA LEU B 93 15.58 -24.73 -33.58
C LEU B 93 14.52 -25.00 -32.51
N GLU B 94 14.24 -24.00 -31.69
CA GLU B 94 13.30 -24.11 -30.57
C GLU B 94 11.84 -24.34 -30.92
N LYS B 95 11.25 -25.34 -30.25
CA LYS B 95 9.84 -25.70 -30.41
C LYS B 95 8.96 -25.01 -29.35
N ILE B 96 9.59 -24.60 -28.24
CA ILE B 96 8.93 -23.93 -27.13
C ILE B 96 9.84 -22.74 -26.82
N VAL B 97 9.30 -21.52 -26.89
CA VAL B 97 10.14 -20.37 -26.70
C VAL B 97 9.81 -19.49 -25.48
N GLY B 98 10.72 -18.58 -25.18
CA GLY B 98 10.54 -17.68 -24.05
C GLY B 98 11.69 -17.67 -23.04
N LEU B 99 12.31 -16.51 -22.90
CA LEU B 99 13.40 -16.34 -21.94
C LEU B 99 13.03 -15.14 -21.05
N GLN B 100 13.59 -15.08 -19.85
CA GLN B 100 13.31 -13.98 -18.93
C GLN B 100 13.75 -12.64 -19.50
N THR B 101 14.93 -12.61 -20.10
CA THR B 101 15.40 -11.36 -20.72
C THR B 101 15.61 -11.59 -22.20
N GLU B 102 16.41 -10.74 -22.84
CA GLU B 102 16.60 -10.91 -24.27
C GLU B 102 17.71 -11.91 -24.62
N ALA B 103 18.35 -12.48 -23.61
CA ALA B 103 19.45 -13.43 -23.84
C ALA B 103 19.49 -14.61 -22.86
N PRO B 104 19.92 -15.79 -23.34
CA PRO B 104 19.99 -16.96 -22.47
C PRO B 104 20.83 -16.73 -21.21
N LEU B 105 20.24 -17.05 -20.06
CA LEU B 105 20.88 -16.92 -18.75
C LEU B 105 21.19 -15.49 -18.26
N LYS B 106 20.82 -14.46 -19.01
CA LYS B 106 21.07 -13.10 -18.55
C LYS B 106 20.02 -12.82 -17.48
N ARG B 107 20.45 -12.42 -16.29
CA ARG B 107 19.52 -12.19 -15.20
C ARG B 107 18.99 -10.77 -15.17
N ALA B 108 17.75 -10.63 -14.69
CA ALA B 108 17.07 -9.33 -14.64
C ALA B 108 17.06 -8.62 -13.27
N LEU B 109 16.65 -7.35 -13.30
CA LEU B 109 16.51 -6.56 -12.08
C LEU B 109 15.04 -6.52 -11.75
N ILE B 110 14.69 -7.04 -10.58
CA ILE B 110 13.31 -7.07 -10.10
C ILE B 110 13.42 -6.21 -8.83
N PRO B 111 13.37 -4.88 -9.00
CA PRO B 111 13.47 -3.86 -7.94
C PRO B 111 12.38 -3.75 -6.90
N PHE B 112 11.15 -4.13 -7.24
CA PHE B 112 10.04 -4.02 -6.30
C PHE B 112 10.31 -4.69 -4.93
N GLY B 113 11.30 -5.57 -4.88
CA GLY B 113 11.60 -6.25 -3.63
C GLY B 113 12.60 -5.53 -2.75
N GLY B 114 13.36 -4.58 -3.32
CA GLY B 114 14.35 -3.83 -2.58
C GLY B 114 15.54 -3.49 -3.48
N ILE B 115 15.93 -2.22 -3.49
CA ILE B 115 17.05 -1.78 -4.32
C ILE B 115 18.41 -2.13 -3.69
N LYS B 116 18.45 -2.31 -2.37
CA LYS B 116 19.69 -2.64 -1.70
C LYS B 116 20.25 -3.98 -2.13
N MET B 117 19.40 -5.00 -2.25
CA MET B 117 19.88 -6.31 -2.66
C MET B 117 20.50 -6.20 -4.05
N ILE B 118 19.88 -5.39 -4.90
CA ILE B 118 20.39 -5.21 -6.24
C ILE B 118 21.75 -4.49 -6.22
N GLU B 119 21.91 -3.46 -5.38
CA GLU B 119 23.20 -2.76 -5.27
C GLU B 119 24.25 -3.76 -4.78
N GLY B 120 23.89 -4.56 -3.78
CA GLY B 120 24.80 -5.56 -3.25
C GLY B 120 25.25 -6.58 -4.30
N SER B 121 24.35 -6.88 -5.23
CA SER B 121 24.68 -7.85 -6.29
C SER B 121 25.61 -7.22 -7.30
N CYS B 122 25.37 -5.95 -7.62
CA CYS B 122 26.20 -5.24 -8.58
C CYS B 122 27.64 -5.11 -8.05
N LYS B 123 27.76 -4.86 -6.75
CA LYS B 123 29.07 -4.72 -6.14
C LYS B 123 29.75 -6.09 -6.11
N ALA B 124 29.03 -7.11 -5.64
CA ALA B 124 29.59 -8.44 -5.56
C ALA B 124 30.12 -8.96 -6.90
N TYR B 125 29.58 -8.49 -8.01
CA TYR B 125 30.04 -8.98 -9.32
C TYR B 125 30.66 -7.91 -10.20
N ASN B 126 31.18 -6.86 -9.59
CA ASN B 126 31.83 -5.76 -10.31
C ASN B 126 31.04 -5.27 -11.52
N ARG B 127 29.83 -4.78 -11.25
CA ARG B 127 28.94 -4.22 -12.26
C ARG B 127 28.43 -2.93 -11.62
N GLU B 128 27.89 -2.03 -12.41
CA GLU B 128 27.41 -0.77 -11.86
C GLU B 128 25.91 -0.52 -12.07
N LEU B 129 25.20 -0.25 -10.97
CA LEU B 129 23.76 0.02 -11.04
C LEU B 129 23.41 1.40 -11.62
N ASP B 130 22.52 1.43 -12.61
CA ASP B 130 22.11 2.69 -13.23
C ASP B 130 21.52 3.62 -12.16
N PRO B 131 22.00 4.88 -12.10
CA PRO B 131 21.58 5.90 -11.15
C PRO B 131 20.06 6.15 -11.09
N MET B 132 19.41 6.13 -12.25
CA MET B 132 17.97 6.34 -12.33
C MET B 132 17.22 5.18 -11.66
N ILE B 133 17.59 3.95 -11.99
CA ILE B 133 16.94 2.80 -11.36
C ILE B 133 17.05 2.95 -9.85
N LYS B 134 18.25 3.26 -9.36
CA LYS B 134 18.47 3.42 -7.93
C LYS B 134 17.62 4.52 -7.33
N LYS B 135 17.56 5.65 -8.02
CA LYS B 135 16.77 6.79 -7.54
C LYS B 135 15.27 6.47 -7.47
N ILE B 136 14.75 5.85 -8.53
CA ILE B 136 13.33 5.49 -8.60
C ILE B 136 12.94 4.59 -7.45
N PHE B 137 13.70 3.53 -7.22
CA PHE B 137 13.38 2.62 -6.17
C PHE B 137 13.88 2.91 -4.76
N THR B 138 14.22 4.17 -4.54
N THR B 138 14.19 4.18 -4.51
CA THR B 138 14.68 4.64 -3.23
CA THR B 138 14.62 4.61 -3.19
C THR B 138 13.78 5.79 -2.78
C THR B 138 13.76 5.80 -2.78
N GLU B 139 13.46 6.68 -3.73
CA GLU B 139 12.65 7.87 -3.46
C GLU B 139 11.21 7.91 -4.02
N TYR B 140 10.96 7.16 -5.11
CA TYR B 140 9.63 7.18 -5.74
C TYR B 140 8.77 5.95 -5.47
N ARG B 141 9.34 4.77 -5.69
CA ARG B 141 8.60 3.54 -5.47
C ARG B 141 9.20 2.81 -4.28
N LYS B 142 8.51 2.86 -3.14
CA LYS B 142 8.98 2.18 -1.92
C LYS B 142 8.97 0.69 -2.19
N THR B 143 9.97 -0.03 -1.68
CA THR B 143 10.08 -1.46 -1.91
C THR B 143 9.75 -2.31 -0.68
N HIS B 144 9.52 -3.60 -0.90
CA HIS B 144 9.22 -4.52 0.20
C HIS B 144 10.30 -4.43 1.29
N ASN B 145 11.56 -4.49 0.86
CA ASN B 145 12.66 -4.42 1.80
C ASN B 145 12.60 -3.17 2.71
N GLN B 146 12.45 -1.98 2.13
N GLN B 146 12.45 -1.99 2.13
CA GLN B 146 12.40 -0.79 2.98
CA GLN B 146 12.41 -0.79 2.96
C GLN B 146 11.17 -0.76 3.88
C GLN B 146 11.17 -0.73 3.86
N GLY B 147 10.07 -1.31 3.41
CA GLY B 147 8.86 -1.33 4.19
C GLY B 147 9.01 -2.23 5.41
N VAL B 148 9.60 -3.40 5.22
CA VAL B 148 9.82 -4.32 6.33
C VAL B 148 10.74 -3.68 7.40
N PHE B 149 11.88 -3.12 6.99
CA PHE B 149 12.80 -2.51 7.97
C PHE B 149 12.35 -1.20 8.63
N ASP B 150 11.28 -0.60 8.12
CA ASP B 150 10.72 0.60 8.68
C ASP B 150 9.83 0.20 9.85
N VAL B 151 9.45 -1.07 9.93
CA VAL B 151 8.55 -1.56 10.97
C VAL B 151 9.10 -2.62 11.91
N TYR B 152 10.26 -3.18 11.57
CA TYR B 152 10.91 -4.18 12.43
C TYR B 152 11.17 -3.61 13.83
N THR B 153 11.25 -4.49 14.83
CA THR B 153 11.54 -4.10 16.20
C THR B 153 13.04 -4.29 16.44
N PRO B 154 13.61 -3.64 17.47
CA PRO B 154 15.05 -3.81 17.73
C PRO B 154 15.36 -5.26 18.13
N ASP B 155 14.36 -5.92 18.73
CA ASP B 155 14.53 -7.32 19.15
C ASP B 155 14.74 -8.20 17.94
N ILE B 156 13.85 -8.06 16.94
CA ILE B 156 13.95 -8.83 15.71
C ILE B 156 15.27 -8.57 15.02
N LEU B 157 15.76 -7.34 15.09
CA LEU B 157 17.04 -7.06 14.47
C LEU B 157 18.14 -7.80 15.24
N ARG B 158 17.98 -7.89 16.57
CA ARG B 158 18.98 -8.59 17.37
C ARG B 158 19.00 -10.09 17.04
N CYS B 159 17.82 -10.70 16.95
CA CYS B 159 17.75 -12.13 16.63
C CYS B 159 18.37 -12.40 15.26
N ARG B 160 18.11 -11.48 14.35
CA ARG B 160 18.61 -11.57 12.99
C ARG B 160 20.12 -11.57 13.03
N LYS B 161 20.67 -10.68 13.86
CA LYS B 161 22.10 -10.50 14.04
C LYS B 161 22.80 -11.69 14.71
N SER B 162 22.19 -12.23 15.75
CA SER B 162 22.75 -13.34 16.52
C SER B 162 22.65 -14.73 15.90
N GLY B 163 21.86 -14.85 14.84
CA GLY B 163 21.73 -16.14 14.19
C GLY B 163 20.67 -17.03 14.81
N VAL B 164 19.66 -16.43 15.44
CA VAL B 164 18.59 -17.23 16.03
C VAL B 164 17.36 -17.13 15.11
N LEU B 165 17.28 -16.05 14.34
CA LEU B 165 16.18 -15.84 13.39
C LEU B 165 16.77 -15.05 12.23
N THR B 166 17.47 -15.75 11.34
CA THR B 166 18.18 -15.16 10.21
C THR B 166 17.73 -15.69 8.86
N GLY B 167 17.84 -14.86 7.82
CA GLY B 167 17.45 -15.28 6.49
C GLY B 167 15.98 -15.29 6.09
N LEU B 168 15.13 -14.58 6.84
CA LEU B 168 13.71 -14.50 6.53
C LEU B 168 13.51 -13.69 5.25
N PRO B 169 12.33 -13.83 4.61
CA PRO B 169 11.96 -13.15 3.35
C PRO B 169 11.81 -11.62 3.45
N ASP B 170 12.84 -10.94 3.92
CA ASP B 170 12.79 -9.49 4.01
C ASP B 170 13.72 -8.88 2.98
N ALA B 171 14.44 -9.74 2.26
CA ALA B 171 15.39 -9.26 1.25
C ALA B 171 15.41 -10.08 -0.04
N TYR B 172 14.30 -10.71 -0.36
CA TYR B 172 14.14 -11.53 -1.56
C TYR B 172 12.66 -11.90 -1.64
N GLY B 173 12.17 -12.20 -2.84
CA GLY B 173 10.78 -12.56 -3.03
C GLY B 173 10.39 -13.73 -2.15
N ARG B 174 9.23 -13.65 -1.49
CA ARG B 174 8.79 -14.73 -0.60
C ARG B 174 8.49 -16.04 -1.34
N GLY B 175 8.06 -15.95 -2.59
CA GLY B 175 7.75 -17.15 -3.34
C GLY B 175 6.68 -18.02 -2.69
N ARG B 176 6.81 -19.34 -2.80
CA ARG B 176 5.83 -20.28 -2.24
C ARG B 176 4.46 -20.08 -2.83
N ILE B 177 4.42 -19.62 -4.08
CA ILE B 177 3.15 -19.43 -4.75
C ILE B 177 3.21 -20.12 -6.10
N ILE B 178 2.17 -20.88 -6.42
CA ILE B 178 2.10 -21.57 -7.71
C ILE B 178 0.85 -21.20 -8.45
N GLY B 179 0.99 -20.31 -9.43
CA GLY B 179 -0.15 -19.95 -10.24
C GLY B 179 -0.47 -21.22 -11.03
N ASP B 180 -1.73 -21.42 -11.41
CA ASP B 180 -2.06 -22.61 -12.19
C ASP B 180 -1.85 -22.27 -13.67
N TYR B 181 -0.61 -22.42 -14.10
CA TYR B 181 -0.27 -22.07 -15.48
C TYR B 181 -1.03 -22.91 -16.53
N ARG B 182 -1.58 -24.05 -16.10
CA ARG B 182 -2.35 -24.94 -16.96
C ARG B 182 -3.62 -24.21 -17.48
N ARG B 183 -4.13 -23.26 -16.67
CA ARG B 183 -5.30 -22.48 -17.01
C ARG B 183 -5.13 -21.74 -18.34
N VAL B 184 -3.93 -21.25 -18.61
CA VAL B 184 -3.70 -20.52 -19.86
C VAL B 184 -3.90 -21.44 -21.05
N ALA B 185 -3.34 -22.65 -20.98
CA ALA B 185 -3.49 -23.60 -22.07
C ALA B 185 -4.94 -24.03 -22.25
N LEU B 186 -5.62 -24.35 -21.14
CA LEU B 186 -6.98 -24.84 -21.22
C LEU B 186 -8.05 -23.81 -21.65
N TYR B 187 -8.02 -22.61 -21.09
CA TYR B 187 -9.02 -21.60 -21.41
C TYR B 187 -8.60 -20.43 -22.30
N GLY B 188 -7.30 -20.17 -22.37
CA GLY B 188 -6.82 -19.03 -23.13
C GLY B 188 -6.97 -17.80 -22.23
N ILE B 189 -6.22 -16.74 -22.52
CA ILE B 189 -6.29 -15.55 -21.69
C ILE B 189 -7.65 -14.83 -21.64
N ASP B 190 -8.32 -14.63 -22.77
CA ASP B 190 -9.58 -13.89 -22.73
C ASP B 190 -10.60 -14.47 -21.75
N TYR B 191 -10.73 -15.80 -21.73
CA TYR B 191 -11.66 -16.46 -20.84
C TYR B 191 -11.31 -16.15 -19.38
N LEU B 192 -10.03 -16.27 -19.06
CA LEU B 192 -9.56 -16.02 -17.72
C LEU B 192 -9.81 -14.57 -17.28
N MET B 193 -9.59 -13.62 -18.18
CA MET B 193 -9.85 -12.21 -17.89
C MET B 193 -11.34 -11.98 -17.61
N LYS B 194 -12.20 -12.61 -18.41
CA LYS B 194 -13.65 -12.49 -18.24
C LYS B 194 -14.09 -13.02 -16.86
N ASP B 195 -13.49 -14.13 -16.45
CA ASP B 195 -13.77 -14.75 -15.17
C ASP B 195 -13.24 -13.86 -14.01
N LYS B 196 -12.10 -13.19 -14.21
CA LYS B 196 -11.60 -12.32 -13.15
C LYS B 196 -12.50 -11.10 -13.02
N LEU B 197 -13.06 -10.65 -14.14
CA LEU B 197 -13.95 -9.51 -14.11
C LEU B 197 -15.19 -9.85 -13.29
N ALA B 198 -15.69 -11.09 -13.41
CA ALA B 198 -16.85 -11.52 -12.65
C ALA B 198 -16.51 -11.55 -11.17
N GLN B 199 -15.30 -12.00 -10.86
CA GLN B 199 -14.82 -12.07 -9.48
C GLN B 199 -14.74 -10.66 -8.86
N PHE B 200 -14.28 -9.71 -9.65
CA PHE B 200 -14.16 -8.32 -9.22
C PHE B 200 -15.54 -7.77 -8.91
N THR B 201 -16.48 -8.02 -9.82
CA THR B 201 -17.85 -7.55 -9.67
C THR B 201 -18.56 -8.21 -8.48
N SER B 202 -18.15 -9.42 -8.12
CA SER B 202 -18.79 -10.13 -7.02
C SER B 202 -18.53 -9.49 -5.66
N LEU B 203 -17.53 -8.61 -5.61
CA LEU B 203 -17.18 -7.94 -4.38
C LEU B 203 -17.89 -6.62 -4.20
N GLN B 204 -18.63 -6.18 -5.22
CA GLN B 204 -19.31 -4.89 -5.15
C GLN B 204 -20.32 -4.70 -4.02
N ALA B 205 -21.16 -5.70 -3.80
CA ALA B 205 -22.18 -5.62 -2.76
C ALA B 205 -21.58 -5.42 -1.38
N ASP B 206 -20.60 -6.23 -1.03
CA ASP B 206 -19.91 -6.12 0.26
C ASP B 206 -19.22 -4.77 0.40
N LEU B 207 -18.62 -4.30 -0.70
CA LEU B 207 -17.95 -3.02 -0.68
C LEU B 207 -18.95 -1.91 -0.32
N GLU B 208 -20.07 -1.85 -1.04
CA GLU B 208 -21.07 -0.82 -0.80
C GLU B 208 -21.74 -0.96 0.56
N ASN B 209 -21.88 -2.20 1.05
CA ASN B 209 -22.54 -2.45 2.33
C ASN B 209 -21.67 -2.32 3.58
N GLY B 210 -20.40 -1.97 3.42
CA GLY B 210 -19.54 -1.83 4.58
C GLY B 210 -19.07 -3.09 5.27
N VAL B 211 -19.24 -4.23 4.61
CA VAL B 211 -18.82 -5.54 5.12
C VAL B 211 -17.32 -5.76 4.96
N ASN B 212 -16.59 -5.85 6.07
CA ASN B 212 -15.14 -6.04 6.03
C ASN B 212 -14.59 -5.08 4.97
N LEU B 213 -14.88 -3.80 5.15
CA LEU B 213 -14.50 -2.77 4.22
C LEU B 213 -13.06 -2.77 3.70
N GLU B 214 -12.08 -2.74 4.59
CA GLU B 214 -10.70 -2.72 4.16
C GLU B 214 -10.22 -3.99 3.46
N GLN B 215 -10.71 -5.16 3.89
CA GLN B 215 -10.32 -6.41 3.25
C GLN B 215 -10.96 -6.49 1.87
N THR B 216 -12.15 -5.91 1.74
CA THR B 216 -12.85 -5.94 0.47
C THR B 216 -12.15 -5.00 -0.50
N ILE B 217 -11.81 -3.81 -0.03
CA ILE B 217 -11.12 -2.87 -0.89
C ILE B 217 -9.78 -3.48 -1.36
N ARG B 218 -9.05 -4.13 -0.45
CA ARG B 218 -7.77 -4.74 -0.80
C ARG B 218 -7.92 -5.83 -1.87
N LEU B 219 -8.84 -6.76 -1.65
CA LEU B 219 -9.07 -7.84 -2.61
C LEU B 219 -9.50 -7.28 -3.97
N ARG B 220 -10.39 -6.29 -3.99
CA ARG B 220 -10.78 -5.71 -5.27
C ARG B 220 -9.57 -5.13 -6.04
N GLU B 221 -8.67 -4.46 -5.33
CA GLU B 221 -7.50 -3.89 -6.00
C GLU B 221 -6.60 -5.02 -6.51
N GLU B 222 -6.48 -6.07 -5.72
CA GLU B 222 -5.68 -7.21 -6.14
C GLU B 222 -6.26 -7.87 -7.39
N ILE B 223 -7.58 -8.03 -7.46
CA ILE B 223 -8.21 -8.64 -8.63
C ILE B 223 -7.98 -7.71 -9.81
N ALA B 224 -8.13 -6.41 -9.60
CA ALA B 224 -7.89 -5.48 -10.69
C ALA B 224 -6.47 -5.65 -11.23
N GLU B 225 -5.48 -5.80 -10.35
CA GLU B 225 -4.07 -5.96 -10.75
C GLU B 225 -3.86 -7.30 -11.48
N GLN B 226 -4.53 -8.34 -11.01
CA GLN B 226 -4.46 -9.66 -11.63
C GLN B 226 -4.95 -9.64 -13.07
N HIS B 227 -6.07 -8.94 -13.27
CA HIS B 227 -6.70 -8.81 -14.57
C HIS B 227 -5.77 -8.07 -15.54
N ARG B 228 -5.15 -6.99 -15.04
CA ARG B 228 -4.21 -6.21 -15.81
C ARG B 228 -3.00 -7.10 -16.17
N ALA B 229 -2.61 -7.97 -15.25
CA ALA B 229 -1.48 -8.87 -15.49
C ALA B 229 -1.78 -9.88 -16.64
N LEU B 230 -3.01 -10.41 -16.66
CA LEU B 230 -3.42 -11.36 -17.69
C LEU B 230 -3.26 -10.67 -19.05
N GLY B 231 -3.74 -9.44 -19.14
CA GLY B 231 -3.59 -8.66 -20.35
C GLY B 231 -2.12 -8.47 -20.75
N GLN B 232 -1.25 -8.31 -19.76
CA GLN B 232 0.17 -8.14 -20.05
C GLN B 232 0.79 -9.45 -20.54
N MET B 233 0.26 -10.58 -20.09
CA MET B 233 0.73 -11.90 -20.53
C MET B 233 0.54 -12.03 -22.05
N LYS B 234 -0.56 -11.50 -22.56
CA LYS B 234 -0.82 -11.55 -24.00
C LYS B 234 0.20 -10.70 -24.75
N GLU B 235 0.49 -9.50 -24.24
CA GLU B 235 1.45 -8.65 -24.90
C GLU B 235 2.80 -9.32 -24.90
N MET B 236 3.10 -10.01 -23.80
CA MET B 236 4.37 -10.70 -23.67
C MET B 236 4.50 -11.82 -24.69
N ALA B 237 3.45 -12.63 -24.86
CA ALA B 237 3.51 -13.73 -25.80
C ALA B 237 3.59 -13.22 -27.24
N ALA B 238 2.91 -12.10 -27.51
CA ALA B 238 2.89 -11.50 -28.85
C ALA B 238 4.30 -11.07 -29.27
N LYS B 239 5.12 -10.72 -28.30
CA LYS B 239 6.49 -10.32 -28.62
C LYS B 239 7.22 -11.51 -29.26
N TYR B 240 6.73 -12.72 -29.00
CA TYR B 240 7.31 -13.94 -29.55
C TYR B 240 6.53 -14.43 -30.79
N GLY B 241 5.60 -13.60 -31.26
CA GLY B 241 4.78 -13.93 -32.40
C GLY B 241 3.55 -14.76 -32.09
N TYR B 242 3.21 -14.94 -30.83
CA TYR B 242 2.03 -15.74 -30.46
C TYR B 242 0.80 -14.99 -29.97
N ASP B 243 -0.38 -15.49 -30.33
CA ASP B 243 -1.63 -14.88 -29.86
C ASP B 243 -2.26 -15.88 -28.87
N ILE B 244 -2.28 -15.55 -27.59
CA ILE B 244 -2.81 -16.49 -26.60
C ILE B 244 -4.17 -16.10 -26.03
N SER B 245 -4.88 -15.24 -26.76
CA SER B 245 -6.22 -14.81 -26.34
C SER B 245 -7.12 -16.04 -26.23
N GLY B 246 -6.95 -16.96 -27.18
CA GLY B 246 -7.76 -18.17 -27.18
C GLY B 246 -7.03 -19.37 -26.61
N PRO B 247 -7.76 -20.46 -26.31
CA PRO B 247 -7.14 -21.67 -25.75
C PRO B 247 -6.22 -22.44 -26.72
N ALA B 248 -5.25 -23.15 -26.16
CA ALA B 248 -4.31 -23.95 -26.93
C ALA B 248 -5.08 -24.99 -27.78
N THR B 249 -4.75 -25.12 -29.06
CA THR B 249 -5.46 -26.08 -29.92
C THR B 249 -4.79 -27.43 -30.16
N ASN B 250 -3.50 -27.57 -29.81
CA ASN B 250 -2.73 -28.82 -29.99
C ASN B 250 -1.69 -29.00 -28.88
N ALA B 251 -0.89 -30.07 -28.93
CA ALA B 251 0.10 -30.29 -27.88
C ALA B 251 1.13 -29.16 -27.76
N GLN B 252 1.72 -28.77 -28.88
CA GLN B 252 2.71 -27.70 -28.88
C GLN B 252 2.16 -26.42 -28.22
N GLU B 253 0.94 -26.03 -28.57
CA GLU B 253 0.35 -24.83 -28.00
C GLU B 253 0.02 -24.99 -26.51
N ALA B 254 -0.35 -26.21 -26.09
CA ALA B 254 -0.64 -26.46 -24.67
C ALA B 254 0.62 -26.26 -23.82
N ILE B 255 1.73 -26.79 -24.30
CA ILE B 255 3.00 -26.63 -23.60
C ILE B 255 3.46 -25.17 -23.68
N GLN B 256 3.37 -24.58 -24.85
CA GLN B 256 3.80 -23.21 -25.04
C GLN B 256 3.00 -22.22 -24.18
N TRP B 257 1.68 -22.42 -24.15
CA TRP B 257 0.75 -21.59 -23.37
C TRP B 257 0.97 -21.71 -21.86
N THR B 258 1.15 -22.94 -21.39
CA THR B 258 1.37 -23.17 -19.96
C THR B 258 2.67 -22.48 -19.53
N TYR B 259 3.72 -22.71 -20.31
CA TYR B 259 5.02 -22.10 -20.03
C TYR B 259 4.92 -20.56 -20.09
N PHE B 260 4.13 -20.02 -21.03
CA PHE B 260 4.00 -18.57 -21.08
C PHE B 260 3.45 -17.99 -19.75
N GLY B 261 2.56 -18.75 -19.10
CA GLY B 261 1.99 -18.33 -17.84
C GLY B 261 3.09 -18.28 -16.79
N TYR B 262 3.92 -19.31 -16.77
CA TYR B 262 5.05 -19.39 -15.87
C TYR B 262 6.05 -18.28 -16.22
N LEU B 263 6.32 -18.09 -17.51
CA LEU B 263 7.26 -17.06 -17.92
C LEU B 263 6.87 -15.68 -17.37
N ALA B 264 5.59 -15.32 -17.44
CA ALA B 264 5.16 -14.01 -16.94
C ALA B 264 5.54 -13.88 -15.48
N ALA B 265 5.37 -14.99 -14.74
CA ALA B 265 5.68 -15.04 -13.33
C ALA B 265 7.19 -14.84 -13.06
N VAL B 266 8.07 -15.52 -13.79
CA VAL B 266 9.50 -15.40 -13.53
C VAL B 266 10.09 -14.16 -14.16
N LYS B 267 9.26 -13.37 -14.80
CA LYS B 267 9.70 -12.13 -15.41
C LYS B 267 9.34 -10.98 -14.45
N SER B 268 8.38 -11.23 -13.57
CA SER B 268 7.84 -10.19 -12.69
C SER B 268 8.08 -10.35 -11.20
N GLN B 269 8.34 -11.57 -10.77
CA GLN B 269 8.59 -11.90 -9.38
C GLN B 269 9.92 -12.70 -9.28
N ASN B 270 10.68 -12.47 -8.21
CA ASN B 270 11.94 -13.17 -8.01
C ASN B 270 11.82 -13.99 -6.73
N GLY B 271 10.67 -14.65 -6.58
CA GLY B 271 10.42 -15.47 -5.42
C GLY B 271 11.50 -16.51 -5.23
N ALA B 272 11.79 -16.87 -3.99
CA ALA B 272 12.84 -17.85 -3.73
C ALA B 272 12.50 -19.11 -4.53
N ALA B 273 11.32 -19.68 -4.30
CA ALA B 273 10.87 -20.84 -5.06
C ALA B 273 9.76 -20.36 -6.03
N MET B 274 9.94 -20.68 -7.31
CA MET B 274 8.99 -20.33 -8.37
C MET B 274 8.63 -21.67 -9.00
N SER B 275 7.82 -22.45 -8.27
CA SER B 275 7.44 -23.79 -8.71
C SER B 275 6.54 -23.84 -9.95
N PHE B 276 6.68 -24.91 -10.72
CA PHE B 276 5.92 -25.07 -11.96
C PHE B 276 4.50 -25.63 -11.70
N GLY B 277 4.41 -26.63 -10.82
CA GLY B 277 3.12 -27.21 -10.50
C GLY B 277 2.99 -28.71 -10.71
N ARG B 278 1.83 -29.12 -11.21
CA ARG B 278 1.51 -30.53 -11.49
C ARG B 278 0.96 -30.47 -12.90
N THR B 279 1.86 -30.51 -13.87
CA THR B 279 1.51 -30.34 -15.28
C THR B 279 1.72 -31.49 -16.26
N SER B 280 2.62 -32.41 -15.93
CA SER B 280 2.92 -33.49 -16.86
C SER B 280 1.70 -34.28 -17.34
N THR B 281 0.84 -34.68 -16.42
CA THR B 281 -0.36 -35.43 -16.78
C THR B 281 -1.37 -34.55 -17.52
N PHE B 282 -1.46 -33.29 -17.11
CA PHE B 282 -2.36 -32.33 -17.77
C PHE B 282 -1.94 -32.22 -19.24
N LEU B 283 -0.64 -32.05 -19.46
CA LEU B 283 -0.15 -31.91 -20.82
C LEU B 283 -0.27 -33.20 -21.63
N ASP B 284 -0.32 -34.34 -20.95
CA ASP B 284 -0.43 -35.60 -21.67
C ASP B 284 -1.76 -35.69 -22.43
N VAL B 285 -2.80 -35.05 -21.90
CA VAL B 285 -4.08 -35.04 -22.55
C VAL B 285 -3.95 -34.49 -23.98
N TYR B 286 -3.18 -33.40 -24.15
CA TYR B 286 -3.00 -32.80 -25.46
C TYR B 286 -2.04 -33.59 -26.38
N ILE B 287 -1.03 -34.21 -25.79
CA ILE B 287 -0.07 -34.96 -26.56
C ILE B 287 -0.76 -36.23 -27.07
N GLU B 288 -1.44 -36.90 -26.14
CA GLU B 288 -2.17 -38.12 -26.44
C GLU B 288 -3.15 -37.88 -27.62
N ARG B 289 -3.85 -36.75 -27.63
CA ARG B 289 -4.78 -36.43 -28.72
C ARG B 289 -4.05 -36.28 -30.06
N ASP B 290 -2.96 -35.51 -30.08
CA ASP B 290 -2.20 -35.31 -31.32
C ASP B 290 -1.56 -36.63 -31.84
N LEU B 291 -1.20 -37.54 -30.93
CA LEU B 291 -0.61 -38.79 -31.36
C LEU B 291 -1.67 -39.64 -32.05
N LYS B 292 -2.81 -39.84 -31.40
CA LYS B 292 -3.89 -40.64 -31.99
C LYS B 292 -4.39 -40.05 -33.30
N ALA B 293 -4.33 -38.72 -33.43
CA ALA B 293 -4.77 -38.09 -34.66
C ALA B 293 -3.62 -38.10 -35.65
N GLY B 294 -2.52 -38.72 -35.25
CA GLY B 294 -1.35 -38.76 -36.12
C GLY B 294 -0.83 -37.38 -36.51
N LYS B 295 -0.98 -36.38 -35.64
CA LYS B 295 -0.49 -35.03 -35.92
C LYS B 295 0.98 -34.84 -35.47
N ILE B 296 1.42 -35.67 -34.53
CA ILE B 296 2.80 -35.60 -34.06
C ILE B 296 3.32 -37.02 -33.85
N THR B 297 4.63 -37.19 -33.99
CA THR B 297 5.24 -38.49 -33.76
C THR B 297 5.65 -38.50 -32.30
N GLU B 298 6.00 -39.67 -31.77
CA GLU B 298 6.43 -39.79 -30.40
C GLU B 298 7.72 -39.01 -30.17
N GLN B 299 8.62 -39.04 -31.14
CA GLN B 299 9.86 -38.31 -30.99
C GLN B 299 9.59 -36.81 -30.91
N GLU B 300 8.58 -36.33 -31.64
CA GLU B 300 8.21 -34.91 -31.62
C GLU B 300 7.63 -34.54 -30.24
N ALA B 301 6.96 -35.49 -29.62
CA ALA B 301 6.36 -35.28 -28.30
C ALA B 301 7.51 -35.08 -27.31
N GLN B 302 8.48 -35.98 -27.37
CA GLN B 302 9.63 -35.89 -26.49
C GLN B 302 10.36 -34.57 -26.70
N GLU B 303 10.56 -34.18 -27.96
CA GLU B 303 11.25 -32.93 -28.24
C GLU B 303 10.56 -31.72 -27.60
N MET B 304 9.23 -31.66 -27.71
CA MET B 304 8.46 -30.56 -27.13
C MET B 304 8.67 -30.50 -25.61
N VAL B 305 8.56 -31.66 -24.95
CA VAL B 305 8.77 -31.73 -23.51
C VAL B 305 10.20 -31.32 -23.15
N ASP B 306 11.17 -31.74 -23.95
CA ASP B 306 12.59 -31.43 -23.74
C ASP B 306 12.83 -29.92 -23.86
N HIS B 307 12.21 -29.29 -24.84
CA HIS B 307 12.42 -27.86 -25.04
C HIS B 307 11.75 -27.06 -23.89
N LEU B 308 10.64 -27.59 -23.38
CA LEU B 308 9.93 -26.98 -22.26
C LEU B 308 10.84 -27.09 -21.04
N VAL B 309 11.24 -28.33 -20.74
CA VAL B 309 12.08 -28.62 -19.59
C VAL B 309 13.42 -27.87 -19.69
N MET B 310 13.93 -27.70 -20.91
CA MET B 310 15.17 -26.97 -21.13
C MET B 310 14.99 -25.53 -20.63
N LYS B 311 13.88 -24.89 -20.97
CA LYS B 311 13.60 -23.54 -20.52
C LYS B 311 13.56 -23.47 -18.98
N LEU B 312 12.99 -24.47 -18.33
CA LEU B 312 12.92 -24.50 -16.87
C LEU B 312 14.33 -24.60 -16.28
N ARG B 313 15.24 -25.22 -17.05
CA ARG B 313 16.64 -25.37 -16.64
C ARG B 313 17.38 -24.04 -16.83
N MET B 314 16.73 -23.07 -17.47
CA MET B 314 17.36 -21.79 -17.75
C MET B 314 16.85 -20.60 -16.93
N VAL B 315 15.96 -20.85 -15.97
CA VAL B 315 15.42 -19.78 -15.14
C VAL B 315 16.53 -19.34 -14.20
N ARG B 316 16.73 -18.03 -14.12
CA ARG B 316 17.79 -17.48 -13.26
C ARG B 316 17.32 -16.22 -12.57
N PHE B 317 17.86 -15.98 -11.37
CA PHE B 317 17.55 -14.76 -10.63
C PHE B 317 18.82 -14.16 -10.04
N LEU B 318 18.91 -12.84 -10.04
CA LEU B 318 20.08 -12.15 -9.49
C LEU B 318 19.95 -12.18 -7.98
N ARG B 319 20.89 -12.84 -7.31
CA ARG B 319 20.85 -12.95 -5.86
C ARG B 319 22.11 -12.35 -5.21
N THR B 320 22.03 -12.07 -3.91
CA THR B 320 23.16 -11.50 -3.17
C THR B 320 24.03 -12.63 -2.60
N PRO B 321 25.28 -12.30 -2.21
CA PRO B 321 26.15 -13.34 -1.64
C PRO B 321 25.54 -13.94 -0.38
N GLU B 322 24.82 -13.12 0.39
CA GLU B 322 24.18 -13.59 1.59
C GLU B 322 23.07 -14.58 1.24
N TYR B 323 22.41 -14.34 0.11
CA TYR B 323 21.36 -15.23 -0.37
C TYR B 323 22.07 -16.54 -0.68
N ASP B 324 23.18 -16.43 -1.42
CA ASP B 324 23.97 -17.60 -1.80
C ASP B 324 24.29 -18.52 -0.61
N GLU B 325 24.49 -17.95 0.57
CA GLU B 325 24.81 -18.72 1.78
C GLU B 325 23.59 -19.46 2.35
N LEU B 326 22.43 -18.83 2.28
CA LEU B 326 21.20 -19.42 2.79
C LEU B 326 20.55 -20.44 1.84
N PHE B 327 20.67 -20.20 0.54
CA PHE B 327 20.08 -21.05 -0.49
C PHE B 327 21.16 -21.36 -1.53
N SER B 328 21.96 -22.39 -1.27
CA SER B 328 23.09 -22.71 -2.15
C SER B 328 22.77 -23.46 -3.44
N GLY B 329 23.70 -23.35 -4.40
CA GLY B 329 23.56 -24.05 -5.64
C GLY B 329 22.78 -23.35 -6.75
N ASP B 330 22.55 -22.05 -6.62
CA ASP B 330 21.82 -21.29 -7.63
C ASP B 330 20.49 -21.98 -7.88
N PRO B 331 19.73 -22.25 -6.80
CA PRO B 331 18.43 -22.92 -6.91
C PRO B 331 17.28 -22.09 -7.47
N ILE B 332 16.29 -22.79 -8.03
CA ILE B 332 15.12 -22.15 -8.59
C ILE B 332 13.86 -22.79 -8.00
N TRP B 333 13.92 -24.09 -7.75
CA TRP B 333 12.77 -24.84 -7.25
C TRP B 333 11.60 -24.75 -8.25
N ALA B 334 11.92 -24.96 -9.53
CA ALA B 334 10.89 -24.99 -10.59
C ALA B 334 10.36 -26.40 -10.45
N THR B 335 9.67 -26.62 -9.34
CA THR B 335 9.15 -27.93 -9.02
C THR B 335 7.97 -28.42 -9.83
N GLU B 336 8.05 -29.71 -10.19
CA GLU B 336 7.02 -30.40 -10.96
C GLU B 336 6.60 -31.66 -10.20
N SER B 337 5.32 -31.81 -9.93
CA SER B 337 4.83 -33.00 -9.23
C SER B 337 4.33 -33.98 -10.27
N ILE B 338 4.96 -35.14 -10.30
CA ILE B 338 4.69 -36.20 -11.27
C ILE B 338 3.97 -37.42 -10.69
N GLY B 339 2.96 -37.89 -11.42
CA GLY B 339 2.24 -39.07 -11.03
C GLY B 339 1.16 -38.96 -9.99
N GLY B 340 1.30 -39.76 -8.92
CA GLY B 340 0.31 -39.80 -7.86
C GLY B 340 -0.86 -40.68 -8.27
N MET B 341 -1.83 -40.83 -7.37
CA MET B 341 -3.01 -41.63 -7.65
C MET B 341 -4.20 -40.69 -7.50
N GLY B 342 -5.26 -40.93 -8.27
CA GLY B 342 -6.44 -40.08 -8.14
C GLY B 342 -7.27 -40.52 -6.94
N LEU B 343 -8.31 -39.77 -6.60
CA LEU B 343 -9.18 -40.15 -5.50
C LEU B 343 -10.03 -41.36 -5.93
N ASP B 344 -10.26 -41.49 -7.22
CA ASP B 344 -11.06 -42.60 -7.74
C ASP B 344 -10.25 -43.91 -7.82
N GLY B 345 -8.99 -43.89 -7.37
CA GLY B 345 -8.20 -45.11 -7.39
C GLY B 345 -7.30 -45.31 -8.60
N ARG B 346 -7.62 -44.65 -9.72
CA ARG B 346 -6.79 -44.77 -10.92
C ARG B 346 -5.46 -44.09 -10.66
N THR B 347 -4.44 -44.48 -11.40
CA THR B 347 -3.14 -43.86 -11.23
C THR B 347 -3.18 -42.61 -12.10
N LEU B 348 -2.52 -41.56 -11.66
CA LEU B 348 -2.48 -40.35 -12.44
C LEU B 348 -1.20 -40.34 -13.27
N VAL B 349 -0.53 -41.49 -13.30
CA VAL B 349 0.69 -41.68 -14.08
C VAL B 349 0.30 -41.78 -15.55
N THR B 350 1.04 -41.11 -16.42
CA THR B 350 0.80 -41.10 -17.86
C THR B 350 2.09 -41.34 -18.63
N LYS B 351 1.99 -41.43 -19.95
CA LYS B 351 3.18 -41.58 -20.77
C LYS B 351 4.06 -40.33 -20.59
N ASN B 352 3.42 -39.19 -20.35
CA ASN B 352 4.15 -37.93 -20.15
C ASN B 352 4.91 -37.96 -18.84
N SER B 353 4.44 -38.75 -17.87
CA SER B 353 5.15 -38.85 -16.61
C SER B 353 6.54 -39.34 -16.98
N PHE B 354 6.57 -40.34 -17.87
CA PHE B 354 7.81 -40.93 -18.34
C PHE B 354 8.62 -39.98 -19.20
N ARG B 355 7.95 -39.19 -20.04
CA ARG B 355 8.69 -38.28 -20.89
C ARG B 355 9.46 -37.23 -20.07
N PHE B 356 8.91 -36.85 -18.91
CA PHE B 356 9.55 -35.85 -18.05
C PHE B 356 10.81 -36.42 -17.42
N LEU B 357 10.71 -37.62 -16.89
CA LEU B 357 11.88 -38.25 -16.30
C LEU B 357 12.95 -38.44 -17.38
N ASN B 358 12.50 -38.82 -18.56
CA ASN B 358 13.37 -39.06 -19.70
C ASN B 358 14.23 -37.86 -20.11
N THR B 359 13.92 -36.67 -19.61
CA THR B 359 14.74 -35.49 -19.94
C THR B 359 16.11 -35.62 -19.27
N LEU B 360 16.16 -36.39 -18.18
CA LEU B 360 17.41 -36.59 -17.47
C LEU B 360 18.37 -37.40 -18.35
N TYR B 361 17.79 -38.14 -19.30
CA TYR B 361 18.57 -38.92 -20.24
C TYR B 361 18.80 -38.14 -21.55
N THR B 362 17.74 -37.56 -22.11
CA THR B 362 17.88 -36.82 -23.35
C THR B 362 18.81 -35.60 -23.23
N MET B 363 18.81 -34.96 -22.07
CA MET B 363 19.66 -33.79 -21.86
C MET B 363 20.59 -33.96 -20.67
N GLY B 364 20.73 -35.20 -20.18
CA GLY B 364 21.61 -35.47 -19.06
C GLY B 364 21.04 -35.04 -17.72
N PRO B 365 21.71 -35.35 -16.60
CA PRO B 365 21.20 -34.95 -15.27
C PRO B 365 21.12 -33.43 -15.16
N SER B 366 20.16 -32.95 -14.35
CA SER B 366 19.96 -31.52 -14.13
C SER B 366 19.21 -31.29 -12.81
N PRO B 367 19.61 -30.25 -12.05
CA PRO B 367 18.94 -29.95 -10.76
C PRO B 367 17.53 -29.33 -10.96
N GLU B 368 17.33 -28.68 -12.10
CA GLU B 368 16.04 -28.07 -12.42
C GLU B 368 15.57 -28.63 -13.76
N PRO B 369 14.25 -28.89 -13.89
CA PRO B 369 13.25 -28.71 -12.85
C PRO B 369 13.39 -29.71 -11.70
N ASN B 370 12.82 -29.37 -10.54
CA ASN B 370 12.86 -30.17 -9.33
C ASN B 370 11.81 -31.27 -9.42
N MET B 371 12.06 -32.27 -10.26
CA MET B 371 11.09 -33.35 -10.44
C MET B 371 10.84 -34.18 -9.16
N THR B 372 9.58 -34.17 -8.76
CA THR B 372 9.10 -34.81 -7.55
C THR B 372 8.08 -35.86 -7.88
N ILE B 373 8.33 -37.08 -7.41
CA ILE B 373 7.43 -38.20 -7.65
C ILE B 373 6.39 -38.27 -6.53
N LEU B 374 5.13 -38.25 -6.91
CA LEU B 374 4.06 -38.37 -5.93
C LEU B 374 3.94 -39.89 -5.78
N TRP B 375 4.64 -40.41 -4.79
CA TRP B 375 4.69 -41.84 -4.54
C TRP B 375 3.50 -42.42 -3.78
N SER B 376 3.03 -43.54 -4.29
CA SER B 376 1.94 -44.29 -3.69
C SER B 376 2.28 -45.78 -3.74
N GLU B 377 2.03 -46.49 -2.65
CA GLU B 377 2.31 -47.91 -2.65
C GLU B 377 1.57 -48.60 -3.79
N LYS B 378 0.57 -47.92 -4.37
CA LYS B 378 -0.19 -48.51 -5.46
C LYS B 378 0.08 -48.05 -6.89
N LEU B 379 1.21 -47.38 -7.09
CA LEU B 379 1.59 -46.92 -8.42
C LEU B 379 1.92 -48.13 -9.29
N PRO B 380 1.87 -47.97 -10.62
CA PRO B 380 2.19 -49.12 -11.48
C PRO B 380 3.65 -49.50 -11.18
N LEU B 381 3.95 -50.80 -11.11
CA LEU B 381 5.31 -51.27 -10.82
C LEU B 381 6.26 -50.82 -11.94
N ASN B 382 5.77 -50.81 -13.17
CA ASN B 382 6.58 -50.35 -14.31
C ASN B 382 7.11 -48.93 -14.03
N PHE B 383 6.26 -48.07 -13.44
CA PHE B 383 6.68 -46.71 -13.15
C PHE B 383 7.59 -46.65 -11.90
N LYS B 384 7.25 -47.41 -10.85
CA LYS B 384 8.06 -47.46 -9.61
C LYS B 384 9.49 -47.87 -9.92
N LYS B 385 9.61 -48.86 -10.78
CA LYS B 385 10.93 -49.36 -11.17
C LYS B 385 11.69 -48.36 -12.01
N PHE B 386 11.01 -47.73 -12.97
CA PHE B 386 11.68 -46.75 -13.83
C PHE B 386 12.17 -45.52 -13.05
N ALA B 387 11.42 -45.12 -12.04
CA ALA B 387 11.79 -43.96 -11.21
C ALA B 387 13.08 -44.27 -10.44
N ALA B 388 13.08 -45.43 -9.77
CA ALA B 388 14.25 -45.88 -9.02
C ALA B 388 15.43 -45.87 -9.98
N LYS B 389 15.23 -46.44 -11.14
CA LYS B 389 16.26 -46.50 -12.18
C LYS B 389 16.85 -45.12 -12.53
N VAL B 390 15.99 -44.11 -12.65
CA VAL B 390 16.44 -42.75 -12.97
C VAL B 390 17.22 -42.21 -11.78
N SER B 391 16.77 -42.55 -10.57
CA SER B 391 17.44 -42.14 -9.35
C SER B 391 18.86 -42.72 -9.31
N ILE B 392 18.96 -44.03 -9.55
CA ILE B 392 20.25 -44.70 -9.54
C ILE B 392 21.17 -44.12 -10.60
N ASP B 393 20.62 -43.76 -11.76
CA ASP B 393 21.43 -43.19 -12.83
C ASP B 393 21.74 -41.69 -12.69
N THR B 394 20.87 -40.94 -11.99
CA THR B 394 21.07 -39.50 -11.88
C THR B 394 21.05 -38.82 -10.52
N SER B 395 20.50 -39.47 -9.50
CA SER B 395 20.41 -38.83 -8.19
C SER B 395 19.75 -37.45 -8.37
N SER B 396 18.74 -37.40 -9.25
CA SER B 396 18.07 -36.16 -9.55
C SER B 396 16.61 -36.07 -9.10
N LEU B 397 16.07 -37.14 -8.52
CA LEU B 397 14.67 -37.08 -8.11
C LEU B 397 14.41 -37.14 -6.62
N GLN B 398 13.24 -36.64 -6.22
CA GLN B 398 12.86 -36.73 -4.82
C GLN B 398 11.49 -37.42 -4.81
N TYR B 399 11.09 -37.94 -3.67
CA TYR B 399 9.84 -38.66 -3.57
C TYR B 399 8.99 -38.17 -2.42
N GLU B 400 7.70 -37.97 -2.68
CA GLU B 400 6.82 -37.52 -1.62
C GLU B 400 5.60 -38.41 -1.53
N ASN B 401 5.12 -38.56 -0.30
CA ASN B 401 4.00 -39.43 0.02
C ASN B 401 2.59 -39.04 -0.44
N ASP B 402 2.19 -39.54 -1.61
CA ASP B 402 0.86 -39.26 -2.14
C ASP B 402 -0.20 -39.99 -1.30
N ASP B 403 0.17 -41.11 -0.69
CA ASP B 403 -0.76 -41.87 0.14
C ASP B 403 -1.07 -41.13 1.44
N LEU B 404 -0.29 -40.10 1.73
CA LEU B 404 -0.48 -39.30 2.93
C LEU B 404 -1.14 -37.92 2.62
N MET B 405 -0.62 -37.22 1.61
CA MET B 405 -1.13 -35.90 1.26
C MET B 405 -2.47 -35.89 0.56
N ARG B 406 -2.68 -36.82 -0.37
CA ARG B 406 -3.93 -36.88 -1.09
C ARG B 406 -5.12 -37.02 -0.15
N PRO B 407 -5.06 -37.97 0.79
CA PRO B 407 -6.18 -38.13 1.72
C PRO B 407 -6.29 -36.95 2.68
N ASP B 408 -5.15 -36.34 3.00
CA ASP B 408 -5.16 -35.20 3.91
C ASP B 408 -5.93 -34.03 3.32
N PHE B 409 -5.68 -33.72 2.05
CA PHE B 409 -6.37 -32.64 1.37
C PHE B 409 -7.69 -33.19 0.82
N ASN B 410 -7.74 -34.50 0.61
CA ASN B 410 -8.90 -35.14 0.00
C ASN B 410 -8.96 -34.47 -1.35
N ASN B 411 -7.83 -34.47 -2.04
CA ASN B 411 -7.72 -33.84 -3.34
C ASN B 411 -6.60 -34.52 -4.11
N ASP B 412 -6.80 -34.71 -5.41
CA ASP B 412 -5.80 -35.34 -6.28
C ASP B 412 -5.15 -34.34 -7.24
N ASP B 413 -5.23 -33.05 -6.90
CA ASP B 413 -4.65 -31.99 -7.73
C ASP B 413 -3.86 -30.95 -6.92
N TYR B 414 -3.11 -31.42 -5.92
CA TYR B 414 -2.26 -30.55 -5.11
C TYR B 414 -0.86 -30.67 -5.73
N ALA B 415 -0.01 -29.66 -5.55
CA ALA B 415 1.35 -29.75 -6.11
C ALA B 415 2.33 -29.40 -5.00
N ILE B 416 3.62 -29.60 -5.24
CA ILE B 416 4.63 -29.30 -4.23
C ILE B 416 5.31 -27.98 -4.56
N ALA B 417 5.34 -27.06 -3.59
CA ALA B 417 5.99 -25.76 -3.76
C ALA B 417 7.36 -25.85 -3.11
N CYS B 418 8.38 -25.39 -3.83
CA CYS B 418 9.75 -25.42 -3.35
C CYS B 418 10.23 -26.84 -3.11
N CYS B 419 10.35 -27.24 -1.85
CA CYS B 419 10.84 -28.57 -1.53
C CYS B 419 9.78 -29.59 -1.12
N VAL B 420 9.07 -29.29 -0.04
CA VAL B 420 8.10 -30.22 0.52
C VAL B 420 6.75 -29.66 0.93
N SER B 421 6.42 -28.43 0.51
CA SER B 421 5.16 -27.83 0.91
C SER B 421 4.04 -27.99 -0.11
N PRO B 422 3.01 -28.76 0.25
CA PRO B 422 1.90 -29.00 -0.68
C PRO B 422 0.77 -27.98 -0.65
N MET B 423 0.11 -27.82 -1.79
CA MET B 423 -0.98 -26.86 -1.89
C MET B 423 -1.91 -27.28 -3.03
N ILE B 424 -3.22 -27.11 -2.86
CA ILE B 424 -4.17 -27.46 -3.91
C ILE B 424 -4.00 -26.41 -5.00
N VAL B 425 -3.64 -26.85 -6.21
CA VAL B 425 -3.38 -25.92 -7.31
C VAL B 425 -4.46 -24.91 -7.71
N GLY B 426 -4.09 -23.63 -7.63
CA GLY B 426 -4.99 -22.54 -7.96
C GLY B 426 -5.89 -22.13 -6.80
N LYS B 427 -5.82 -22.87 -5.69
CA LYS B 427 -6.67 -22.58 -4.53
C LYS B 427 -5.96 -22.33 -3.20
N GLN B 428 -4.65 -22.54 -3.16
CA GLN B 428 -3.86 -22.40 -1.93
C GLN B 428 -2.47 -21.82 -2.19
N MET B 429 -1.92 -21.17 -1.17
CA MET B 429 -0.58 -20.61 -1.23
C MET B 429 -0.04 -20.59 0.19
N GLN B 430 1.26 -20.31 0.31
CA GLN B 430 1.88 -20.21 1.61
C GLN B 430 2.57 -18.86 1.76
N PHE B 431 2.57 -18.35 2.99
CA PHE B 431 3.29 -17.12 3.31
C PHE B 431 4.61 -17.77 3.78
N PHE B 432 5.61 -17.75 2.90
CA PHE B 432 6.89 -18.36 3.21
C PHE B 432 7.53 -17.75 4.43
N GLY B 433 8.08 -18.59 5.30
CA GLY B 433 8.73 -18.10 6.51
C GLY B 433 10.18 -18.50 6.78
N ALA B 434 10.86 -19.09 5.80
CA ALA B 434 12.24 -19.54 6.02
C ALA B 434 12.22 -20.45 7.26
N ARG B 435 13.26 -20.38 8.10
CA ARG B 435 13.30 -21.21 9.31
C ARG B 435 13.98 -20.56 10.51
N ALA B 436 13.57 -20.96 11.70
CA ALA B 436 14.16 -20.43 12.93
C ALA B 436 15.19 -21.44 13.50
N ASN B 437 16.16 -20.93 14.27
CA ASN B 437 17.20 -21.77 14.88
C ASN B 437 16.81 -22.32 16.27
N LEU B 438 16.35 -23.56 16.30
CA LEU B 438 15.93 -24.18 17.54
C LEU B 438 17.12 -24.56 18.44
N ALA B 439 18.24 -24.93 17.84
CA ALA B 439 19.44 -25.31 18.58
C ALA B 439 19.93 -24.15 19.46
N LYS B 440 20.15 -23.00 18.85
CA LYS B 440 20.62 -21.82 19.57
C LYS B 440 19.59 -21.42 20.62
N THR B 441 18.35 -21.81 20.42
CA THR B 441 17.30 -21.47 21.37
C THR B 441 17.49 -22.25 22.65
N MET B 442 18.05 -23.45 22.53
CA MET B 442 18.31 -24.28 23.70
C MET B 442 19.43 -23.65 24.51
N LEU B 443 20.47 -23.19 23.82
CA LEU B 443 21.59 -22.56 24.48
C LEU B 443 21.15 -21.31 25.24
N TYR B 444 20.21 -20.55 24.68
CA TYR B 444 19.71 -19.34 25.33
C TYR B 444 19.01 -19.68 26.63
N ALA B 445 18.41 -20.87 26.66
CA ALA B 445 17.70 -21.34 27.86
C ALA B 445 18.72 -21.56 28.99
N ILE B 446 19.89 -22.08 28.63
CA ILE B 446 20.95 -22.34 29.59
C ILE B 446 21.73 -21.07 29.94
N ASN B 447 21.80 -20.12 29.00
CA ASN B 447 22.54 -18.89 29.25
C ASN B 447 21.72 -17.61 29.51
N GLY B 448 20.47 -17.79 29.95
CA GLY B 448 19.64 -16.64 30.25
C GLY B 448 19.41 -15.63 29.14
N GLY B 449 19.33 -16.10 27.90
CA GLY B 449 19.09 -15.19 26.79
C GLY B 449 20.32 -14.49 26.25
N VAL B 450 21.48 -14.71 26.85
CA VAL B 450 22.71 -14.08 26.38
C VAL B 450 23.27 -14.96 25.27
N ASP B 451 23.71 -14.35 24.18
CA ASP B 451 24.24 -15.14 23.09
C ASP B 451 25.65 -15.62 23.41
N GLU B 452 25.84 -16.94 23.35
CA GLU B 452 27.12 -17.56 23.66
C GLU B 452 28.30 -17.08 22.80
N LYS B 453 28.02 -16.47 21.67
CA LYS B 453 29.10 -15.99 20.81
C LYS B 453 29.30 -14.49 20.90
N LEU B 454 28.19 -13.75 20.90
CA LEU B 454 28.24 -12.29 20.93
C LEU B 454 28.05 -11.69 22.33
N LYS B 455 27.95 -12.54 23.35
CA LYS B 455 27.78 -12.08 24.73
C LYS B 455 26.80 -10.92 24.77
N MET B 456 25.75 -11.04 23.97
CA MET B 456 24.74 -10.00 23.86
C MET B 456 23.43 -10.50 24.45
N GLN B 457 22.65 -9.60 25.05
CA GLN B 457 21.39 -10.00 25.61
C GLN B 457 20.38 -9.98 24.45
N VAL B 458 20.04 -11.17 23.96
CA VAL B 458 19.11 -11.32 22.85
C VAL B 458 17.74 -11.84 23.33
N GLY B 459 17.72 -13.03 23.90
CA GLY B 459 16.47 -13.58 24.41
C GLY B 459 16.09 -12.76 25.63
N PRO B 460 14.92 -12.99 26.24
CA PRO B 460 14.59 -12.19 27.42
C PRO B 460 15.53 -12.48 28.61
N LYS B 461 16.09 -11.41 29.18
CA LYS B 461 17.00 -11.47 30.32
C LYS B 461 16.50 -12.39 31.43
N SER B 462 17.15 -13.55 31.56
CA SER B 462 16.79 -14.56 32.54
C SER B 462 18.02 -15.03 33.32
N GLU B 463 17.80 -15.84 34.35
CA GLU B 463 18.89 -16.36 35.18
C GLU B 463 19.49 -17.60 34.52
N PRO B 464 20.77 -17.51 34.11
CA PRO B 464 21.38 -18.68 33.46
C PRO B 464 21.35 -19.87 34.42
N ILE B 465 21.21 -21.07 33.87
CA ILE B 465 21.16 -22.29 34.68
C ILE B 465 22.50 -22.55 35.40
N LYS B 466 22.42 -22.74 36.72
CA LYS B 466 23.61 -23.00 37.52
C LYS B 466 23.86 -24.50 37.73
N GLY B 467 25.12 -24.85 37.97
CA GLY B 467 25.45 -26.24 38.20
C GLY B 467 26.58 -26.80 37.36
N ASP B 468 27.18 -27.89 37.84
CA ASP B 468 28.27 -28.57 37.16
C ASP B 468 27.71 -29.66 36.23
N VAL B 469 26.44 -29.99 36.41
CA VAL B 469 25.76 -31.01 35.60
C VAL B 469 24.41 -30.48 35.14
N LEU B 470 24.02 -30.82 33.90
CA LEU B 470 22.75 -30.35 33.35
C LEU B 470 21.61 -31.33 33.57
N ASN B 471 20.56 -30.86 34.22
CA ASN B 471 19.40 -31.67 34.51
C ASN B 471 18.33 -31.50 33.42
N TYR B 472 17.95 -32.61 32.81
CA TYR B 472 16.94 -32.61 31.75
C TYR B 472 15.75 -31.70 32.04
N ASP B 473 14.96 -32.05 33.06
CA ASP B 473 13.77 -31.27 33.41
C ASP B 473 13.98 -29.77 33.58
N GLU B 474 15.11 -29.36 34.15
CA GLU B 474 15.39 -27.94 34.35
C GLU B 474 15.68 -27.24 33.01
N VAL B 475 16.63 -27.78 32.26
CA VAL B 475 16.99 -27.24 30.94
C VAL B 475 15.73 -27.14 30.07
N MET B 476 14.98 -28.25 30.00
CA MET B 476 13.77 -28.32 29.21
C MET B 476 12.73 -27.27 29.57
N GLU B 477 12.35 -27.20 30.84
CA GLU B 477 11.37 -26.22 31.26
C GLU B 477 11.78 -24.86 30.71
N ARG B 478 13.06 -24.53 30.85
CA ARG B 478 13.57 -23.26 30.36
C ARG B 478 13.41 -23.18 28.84
N MET B 479 13.72 -24.28 28.16
CA MET B 479 13.62 -24.31 26.72
C MET B 479 12.18 -24.03 26.32
N ASP B 480 11.23 -24.56 27.07
N ASP B 480 11.23 -24.56 27.07
CA ASP B 480 9.82 -24.33 26.77
CA ASP B 480 9.82 -24.32 26.77
C ASP B 480 9.50 -22.85 26.71
C ASP B 480 9.55 -22.82 26.87
N HIS B 481 9.88 -22.12 27.75
N HIS B 481 10.20 -22.17 27.82
CA HIS B 481 9.63 -20.68 27.82
CA HIS B 481 10.03 -20.74 28.05
C HIS B 481 10.34 -19.90 26.72
C HIS B 481 10.59 -19.91 26.89
N PHE B 482 11.54 -20.30 26.37
N PHE B 482 11.73 -20.34 26.36
CA PHE B 482 12.29 -19.63 25.32
CA PHE B 482 12.37 -19.63 25.27
C PHE B 482 11.72 -19.94 23.95
C PHE B 482 11.77 -19.97 23.91
N MET B 483 10.99 -21.05 23.86
CA MET B 483 10.35 -21.45 22.63
C MET B 483 9.14 -20.54 22.47
N ASP B 484 8.54 -20.14 23.58
CA ASP B 484 7.38 -19.26 23.55
C ASP B 484 7.84 -17.94 22.97
N TRP B 485 8.99 -17.50 23.44
CA TRP B 485 9.56 -16.25 23.01
C TRP B 485 9.97 -16.31 21.53
N LEU B 486 10.56 -17.42 21.11
CA LEU B 486 10.95 -17.54 19.71
C LEU B 486 9.68 -17.46 18.85
N ALA B 487 8.64 -18.18 19.26
CA ALA B 487 7.37 -18.19 18.55
C ALA B 487 6.82 -16.78 18.33
N LYS B 488 6.77 -16.00 19.41
CA LYS B 488 6.27 -14.64 19.35
C LYS B 488 7.10 -13.73 18.42
N GLN B 489 8.41 -13.82 18.50
CA GLN B 489 9.27 -12.99 17.65
C GLN B 489 9.16 -13.43 16.20
N TYR B 490 9.06 -14.73 15.99
CA TYR B 490 8.97 -15.31 14.65
C TYR B 490 7.66 -14.90 13.97
N ILE B 491 6.55 -15.05 14.67
CA ILE B 491 5.25 -14.70 14.11
C ILE B 491 5.12 -13.21 13.83
N THR B 492 5.72 -12.39 14.67
CA THR B 492 5.67 -10.96 14.52
C THR B 492 6.48 -10.52 13.32
N ALA B 493 7.64 -11.13 13.17
CA ALA B 493 8.52 -10.85 12.05
C ALA B 493 7.81 -11.21 10.73
N LEU B 494 7.11 -12.35 10.73
CA LEU B 494 6.41 -12.78 9.53
C LEU B 494 5.18 -11.91 9.24
N ASN B 495 4.49 -11.45 10.28
CA ASN B 495 3.31 -10.60 10.09
C ASN B 495 3.69 -9.34 9.32
N ILE B 496 4.83 -8.78 9.68
CA ILE B 496 5.36 -7.58 9.07
C ILE B 496 5.76 -7.85 7.61
N ILE B 497 6.53 -8.90 7.43
CA ILE B 497 6.98 -9.29 6.11
C ILE B 497 5.84 -9.44 5.10
N HIS B 498 4.87 -10.29 5.41
CA HIS B 498 3.77 -10.51 4.48
C HIS B 498 2.81 -9.35 4.31
N TYR B 499 2.74 -8.48 5.30
CA TYR B 499 1.90 -7.29 5.19
C TYR B 499 2.58 -6.44 4.10
N MET B 500 3.89 -6.31 4.24
CA MET B 500 4.67 -5.51 3.31
C MET B 500 4.80 -6.11 1.92
N HIS B 501 4.84 -7.43 1.85
CA HIS B 501 4.99 -8.08 0.58
C HIS B 501 3.72 -7.92 -0.25
N ASP B 502 2.56 -8.04 0.40
CA ASP B 502 1.27 -7.83 -0.27
C ASP B 502 1.20 -6.38 -0.75
N LYS B 503 1.71 -5.47 0.06
CA LYS B 503 1.65 -4.06 -0.30
C LYS B 503 2.63 -3.62 -1.37
N TYR B 504 3.87 -4.08 -1.28
CA TYR B 504 4.87 -3.64 -2.22
C TYR B 504 5.34 -4.56 -3.30
N SER B 505 4.96 -5.83 -3.24
CA SER B 505 5.34 -6.76 -4.28
C SER B 505 4.29 -7.86 -4.48
N TYR B 506 3.04 -7.46 -4.62
CA TYR B 506 1.94 -8.40 -4.82
C TYR B 506 2.12 -9.20 -6.14
N GLU B 507 2.19 -10.52 -6.02
CA GLU B 507 2.40 -11.40 -7.17
C GLU B 507 1.17 -11.50 -8.08
N ALA B 508 0.86 -10.40 -8.76
CA ALA B 508 -0.32 -10.29 -9.64
C ALA B 508 -0.48 -11.32 -10.75
N SER B 509 0.57 -11.57 -11.53
CA SER B 509 0.45 -12.53 -12.61
C SER B 509 0.23 -13.94 -12.08
N LEU B 510 0.77 -14.26 -10.92
CA LEU B 510 0.58 -15.61 -10.38
C LEU B 510 -0.78 -15.73 -9.75
N MET B 511 -1.16 -14.72 -8.98
CA MET B 511 -2.45 -14.71 -8.32
C MET B 511 -3.60 -14.67 -9.33
N ALA B 512 -3.35 -14.16 -10.52
CA ALA B 512 -4.35 -14.10 -11.58
C ALA B 512 -4.72 -15.50 -12.04
N LEU B 513 -3.85 -16.48 -11.74
CA LEU B 513 -4.11 -17.86 -12.11
C LEU B 513 -4.56 -18.69 -10.91
N HIS B 514 -5.26 -18.04 -9.99
CA HIS B 514 -5.81 -18.66 -8.78
C HIS B 514 -7.29 -18.25 -8.72
N ASP B 515 -8.03 -18.92 -7.84
CA ASP B 515 -9.43 -18.60 -7.60
C ASP B 515 -9.46 -17.23 -6.92
N ARG B 516 -10.67 -16.67 -6.75
CA ARG B 516 -10.81 -15.39 -6.08
C ARG B 516 -10.35 -15.42 -4.64
N ASP B 517 -10.69 -16.47 -3.90
CA ASP B 517 -10.29 -16.56 -2.51
C ASP B 517 -9.27 -17.66 -2.34
N VAL B 518 -8.06 -17.27 -1.95
CA VAL B 518 -6.96 -18.22 -1.78
C VAL B 518 -6.62 -18.55 -0.35
N ILE B 519 -6.55 -19.84 -0.05
CA ILE B 519 -6.18 -20.31 1.29
C ILE B 519 -4.73 -19.94 1.53
N ARG B 520 -4.45 -19.35 2.69
CA ARG B 520 -3.09 -18.98 3.03
C ARG B 520 -2.70 -19.57 4.36
N THR B 521 -1.49 -20.14 4.43
CA THR B 521 -0.96 -20.66 5.67
C THR B 521 0.31 -19.86 5.92
N MET B 522 0.73 -19.79 7.18
CA MET B 522 1.96 -19.08 7.56
C MET B 522 3.00 -20.14 7.91
N ALA B 523 3.80 -20.56 6.92
CA ALA B 523 4.82 -21.60 7.09
C ALA B 523 6.05 -21.22 7.93
N CYS B 524 6.14 -21.83 9.11
CA CYS B 524 7.24 -21.60 10.03
C CYS B 524 8.19 -22.78 10.03
N GLY B 525 9.46 -22.52 9.75
CA GLY B 525 10.40 -23.62 9.74
C GLY B 525 11.34 -23.67 10.92
N ILE B 526 11.76 -24.89 11.28
N ILE B 526 11.77 -24.89 11.27
CA ILE B 526 12.70 -25.03 12.38
CA ILE B 526 12.69 -25.10 12.37
C ILE B 526 13.96 -25.72 11.89
C ILE B 526 13.97 -25.75 11.88
N ALA B 527 15.10 -25.15 12.25
CA ALA B 527 16.39 -25.67 11.85
C ALA B 527 17.04 -26.37 13.05
N GLY B 528 17.97 -27.27 12.76
CA GLY B 528 18.68 -27.99 13.81
C GLY B 528 17.88 -28.85 14.78
N LEU B 529 16.85 -29.54 14.29
CA LEU B 529 16.05 -30.40 15.14
C LEU B 529 16.90 -31.52 15.76
N SER B 530 17.65 -32.23 14.93
CA SER B 530 18.48 -33.33 15.42
C SER B 530 19.58 -32.86 16.37
N VAL B 531 20.04 -31.62 16.22
CA VAL B 531 21.08 -31.12 17.11
C VAL B 531 20.47 -30.90 18.49
N ALA B 532 19.28 -30.33 18.51
CA ALA B 532 18.61 -30.06 19.76
C ALA B 532 18.07 -31.35 20.39
N ALA B 533 17.62 -32.28 19.56
CA ALA B 533 17.09 -33.54 20.07
C ALA B 533 18.25 -34.35 20.68
N ASP B 534 19.37 -34.40 19.96
CA ASP B 534 20.54 -35.12 20.43
C ASP B 534 21.10 -34.42 21.66
N SER B 535 21.01 -33.09 21.69
CA SER B 535 21.50 -32.33 22.82
C SER B 535 20.68 -32.64 24.07
N LEU B 536 19.41 -32.95 23.88
CA LEU B 536 18.52 -33.27 25.00
C LEU B 536 18.72 -34.71 25.47
N SER B 537 19.20 -35.56 24.57
CA SER B 537 19.45 -36.95 24.89
C SER B 537 20.75 -37.03 25.71
N ALA B 538 21.79 -36.35 25.22
CA ALA B 538 23.08 -36.32 25.91
C ALA B 538 22.91 -35.79 27.32
N ILE B 539 21.89 -34.97 27.52
CA ILE B 539 21.62 -34.40 28.84
C ILE B 539 20.83 -35.39 29.69
N LYS B 540 19.91 -36.09 29.04
CA LYS B 540 19.04 -37.03 29.75
C LYS B 540 19.57 -38.45 29.94
N TYR B 541 20.54 -38.88 29.15
CA TYR B 541 21.06 -40.25 29.27
C TYR B 541 22.56 -40.32 29.55
N ALA B 542 23.19 -39.17 29.71
CA ALA B 542 24.61 -39.11 29.99
C ALA B 542 24.88 -38.05 31.05
N LYS B 543 26.10 -37.53 31.07
CA LYS B 543 26.48 -36.50 32.03
C LYS B 543 27.11 -35.35 31.27
N VAL B 544 26.44 -34.19 31.27
CA VAL B 544 26.98 -33.04 30.55
C VAL B 544 27.42 -31.95 31.53
N LYS B 545 28.69 -31.57 31.42
CA LYS B 545 29.25 -30.54 32.30
C LYS B 545 29.55 -29.25 31.55
N PRO B 546 28.85 -28.16 31.91
CA PRO B 546 29.01 -26.84 31.31
C PRO B 546 30.37 -26.20 31.60
N ILE B 547 31.12 -25.92 30.54
CA ILE B 547 32.42 -25.26 30.68
C ILE B 547 32.14 -23.76 30.58
N ARG B 548 31.91 -23.10 31.72
CA ARG B 548 31.61 -21.68 31.74
C ARG B 548 32.81 -20.73 31.63
N ASP B 549 32.51 -19.46 31.33
CA ASP B 549 33.53 -18.43 31.21
C ASP B 549 33.50 -17.53 32.44
N GLU B 550 34.38 -16.54 32.48
CA GLU B 550 34.46 -15.64 33.61
C GLU B 550 33.13 -14.95 33.98
N ASP B 551 32.17 -14.95 33.07
CA ASP B 551 30.88 -14.33 33.36
C ASP B 551 29.82 -15.38 33.68
N GLY B 552 30.24 -16.64 33.70
CA GLY B 552 29.32 -17.74 34.01
C GLY B 552 28.53 -18.17 32.80
N LEU B 553 29.08 -17.90 31.62
CA LEU B 553 28.45 -18.21 30.35
C LEU B 553 28.92 -19.57 29.79
N ALA B 554 28.01 -20.53 29.71
CA ALA B 554 28.34 -21.87 29.21
C ALA B 554 28.81 -21.86 27.75
N ILE B 555 30.11 -21.72 27.53
CA ILE B 555 30.67 -21.69 26.18
C ILE B 555 31.14 -23.04 25.64
N ASP B 556 30.87 -24.11 26.38
CA ASP B 556 31.26 -25.44 25.94
C ASP B 556 30.71 -26.49 26.89
N PHE B 557 30.79 -27.76 26.49
CA PHE B 557 30.29 -28.85 27.33
C PHE B 557 31.14 -30.12 27.18
N GLU B 558 31.21 -30.90 28.26
CA GLU B 558 31.97 -32.15 28.22
C GLU B 558 30.96 -33.25 28.58
N ILE B 559 30.91 -34.29 27.76
CA ILE B 559 29.97 -35.39 27.95
C ILE B 559 30.57 -36.67 28.53
N GLU B 560 29.96 -37.15 29.62
CA GLU B 560 30.40 -38.38 30.29
C GLU B 560 29.40 -39.49 29.99
N GLY B 561 29.75 -40.36 29.05
CA GLY B 561 28.87 -41.46 28.71
C GLY B 561 28.26 -41.37 27.32
N GLU B 562 27.75 -42.49 26.83
CA GLU B 562 27.13 -42.54 25.52
C GLU B 562 25.68 -42.14 25.71
N TYR B 563 25.09 -41.57 24.65
CA TYR B 563 23.68 -41.17 24.68
C TYR B 563 23.06 -41.52 23.34
N PRO B 564 21.79 -41.96 23.34
CA PRO B 564 21.14 -42.31 22.07
C PRO B 564 21.00 -41.13 21.09
N GLN B 565 21.33 -41.38 19.82
CA GLN B 565 21.27 -40.35 18.79
C GLN B 565 20.15 -40.56 17.76
N PHE B 566 19.57 -39.45 17.32
CA PHE B 566 18.48 -39.48 16.34
C PHE B 566 18.94 -40.08 15.02
N GLY B 567 18.13 -41.01 14.47
CA GLY B 567 18.47 -41.64 13.20
C GLY B 567 18.82 -43.12 13.27
N ASN B 568 18.74 -43.70 14.46
CA ASN B 568 19.08 -45.10 14.62
C ASN B 568 17.87 -45.93 15.02
N ASN B 569 16.72 -45.27 15.09
CA ASN B 569 15.45 -45.90 15.45
C ASN B 569 15.37 -46.24 16.93
N ASP B 570 15.98 -45.38 17.75
CA ASP B 570 15.99 -45.53 19.21
C ASP B 570 14.94 -44.61 19.82
N PRO B 571 13.74 -45.14 20.10
CA PRO B 571 12.64 -44.36 20.68
C PRO B 571 13.03 -43.31 21.73
N ARG B 572 14.13 -43.53 22.46
CA ARG B 572 14.57 -42.60 23.49
C ARG B 572 15.00 -41.21 22.99
N VAL B 573 15.67 -41.17 21.84
CA VAL B 573 16.14 -39.92 21.24
C VAL B 573 15.13 -39.46 20.19
N ASP B 574 14.44 -40.42 19.60
CA ASP B 574 13.46 -40.16 18.57
C ASP B 574 12.19 -39.55 19.17
N ASP B 575 11.93 -39.84 20.44
CA ASP B 575 10.73 -39.30 21.08
C ASP B 575 10.88 -37.84 21.46
N LEU B 576 12.11 -37.41 21.65
CA LEU B 576 12.36 -36.04 22.02
C LEU B 576 12.15 -35.17 20.78
N ALA B 577 12.59 -35.68 19.62
CA ALA B 577 12.45 -35.01 18.33
C ALA B 577 10.96 -34.82 18.03
N VAL B 578 10.24 -35.93 18.03
CA VAL B 578 8.80 -35.92 17.79
C VAL B 578 8.12 -34.86 18.67
N ASP B 579 8.49 -34.86 19.96
CA ASP B 579 7.93 -33.92 20.92
C ASP B 579 8.28 -32.48 20.58
N LEU B 580 9.54 -32.22 20.24
CA LEU B 580 9.96 -30.86 19.90
C LEU B 580 9.12 -30.30 18.74
N VAL B 581 8.86 -31.14 17.73
CA VAL B 581 8.06 -30.74 16.59
C VAL B 581 6.68 -30.36 17.09
N GLU B 582 6.14 -31.20 17.97
CA GLU B 582 4.83 -30.94 18.53
C GLU B 582 4.77 -29.71 19.43
N ARG B 583 5.83 -29.49 20.19
CA ARG B 583 5.90 -28.34 21.11
C ARG B 583 5.90 -26.97 20.42
N PHE B 584 6.68 -26.81 19.37
CA PHE B 584 6.74 -25.54 18.66
C PHE B 584 5.45 -25.26 17.90
N MET B 585 4.89 -26.30 17.29
CA MET B 585 3.66 -26.19 16.53
C MET B 585 2.53 -25.61 17.37
N LYS B 586 2.26 -26.22 18.52
CA LYS B 586 1.18 -25.75 19.41
C LYS B 586 1.41 -24.30 19.83
N LYS B 587 2.68 -23.90 19.93
CA LYS B 587 3.00 -22.54 20.32
C LYS B 587 2.60 -21.48 19.29
N ILE B 588 3.12 -21.59 18.07
CA ILE B 588 2.77 -20.62 17.04
C ILE B 588 1.26 -20.66 16.74
N GLN B 589 0.68 -21.84 16.90
CA GLN B 589 -0.75 -22.07 16.65
C GLN B 589 -1.71 -21.16 17.42
N LYS B 590 -1.25 -20.57 18.52
CA LYS B 590 -2.11 -19.70 19.31
C LYS B 590 -2.09 -18.22 18.89
N LEU B 591 -0.93 -17.79 18.37
CA LEU B 591 -0.68 -16.41 17.96
C LEU B 591 -1.50 -15.87 16.78
N HIS B 592 -1.82 -14.58 16.84
CA HIS B 592 -2.58 -13.94 15.76
C HIS B 592 -1.70 -13.72 14.54
N THR B 593 -2.24 -13.96 13.35
CA THR B 593 -1.47 -13.79 12.12
C THR B 593 -2.05 -12.82 11.09
N TYR B 594 -1.19 -12.32 10.22
CA TYR B 594 -1.61 -11.41 9.17
C TYR B 594 -2.51 -12.11 8.15
N ARG B 595 -3.62 -11.44 7.85
CA ARG B 595 -4.60 -11.90 6.89
C ARG B 595 -5.13 -13.26 7.30
N ASP B 596 -4.97 -13.57 8.58
CA ASP B 596 -5.40 -14.81 9.17
C ASP B 596 -4.82 -16.06 8.51
N ALA B 597 -3.56 -15.98 8.14
CA ALA B 597 -2.89 -17.12 7.54
C ALA B 597 -2.81 -18.16 8.66
N ILE B 598 -3.23 -19.39 8.39
CA ILE B 598 -3.19 -20.47 9.38
C ILE B 598 -1.74 -20.92 9.60
N PRO B 599 -1.27 -20.86 10.85
CA PRO B 599 0.11 -21.28 11.10
C PRO B 599 0.36 -22.75 10.79
N THR B 600 1.50 -23.05 10.17
CA THR B 600 1.90 -24.42 9.88
C THR B 600 3.41 -24.49 10.11
N GLN B 601 3.96 -25.69 10.08
CA GLN B 601 5.39 -25.84 10.30
C GLN B 601 6.07 -26.79 9.30
N SER B 602 7.37 -26.60 9.14
CA SER B 602 8.15 -27.48 8.28
C SER B 602 9.53 -27.68 8.91
N VAL B 603 10.04 -28.89 8.84
CA VAL B 603 11.37 -29.21 9.35
C VAL B 603 12.15 -29.20 8.04
N LEU B 604 12.60 -28.01 7.68
CA LEU B 604 13.29 -27.78 6.42
C LEU B 604 14.32 -26.68 6.70
N THR B 605 15.47 -26.73 6.05
CA THR B 605 16.49 -25.72 6.31
C THR B 605 17.19 -25.16 5.08
N ILE B 606 17.19 -25.91 3.99
CA ILE B 606 17.93 -25.51 2.80
C ILE B 606 19.36 -25.32 3.37
N THR B 607 20.12 -24.36 2.85
CA THR B 607 21.49 -24.16 3.33
C THR B 607 21.62 -23.45 4.69
N SER B 608 20.51 -23.27 5.40
CA SER B 608 20.56 -22.64 6.71
C SER B 608 21.24 -23.58 7.71
N ASN B 609 21.26 -24.87 7.39
CA ASN B 609 21.90 -25.84 8.28
C ASN B 609 23.36 -25.38 8.45
N VAL B 610 23.94 -24.83 7.38
CA VAL B 610 25.30 -24.32 7.40
C VAL B 610 25.34 -22.94 8.05
N VAL B 611 24.50 -22.01 7.59
CA VAL B 611 24.49 -20.66 8.17
C VAL B 611 24.27 -20.64 9.67
N TYR B 612 23.22 -21.30 10.13
CA TYR B 612 22.94 -21.34 11.56
C TYR B 612 24.05 -22.13 12.30
N GLY B 613 24.63 -23.12 11.62
CA GLY B 613 25.67 -23.92 12.25
C GLY B 613 26.87 -23.07 12.57
N LYS B 614 27.23 -22.20 11.63
CA LYS B 614 28.37 -21.31 11.78
C LYS B 614 28.16 -20.30 12.91
N LYS B 615 26.92 -19.87 13.11
CA LYS B 615 26.61 -18.88 14.14
C LYS B 615 26.21 -19.45 15.49
N THR B 616 26.28 -20.77 15.64
CA THR B 616 25.93 -21.39 16.91
C THR B 616 27.18 -22.01 17.56
N GLY B 617 27.37 -21.77 18.86
CA GLY B 617 28.52 -22.29 19.56
C GLY B 617 28.38 -23.76 19.90
N ASN B 618 29.37 -24.32 20.61
CA ASN B 618 29.35 -25.72 21.01
C ASN B 618 28.02 -26.02 21.68
N THR B 619 27.44 -27.18 21.40
CA THR B 619 26.16 -27.57 22.00
C THR B 619 26.28 -28.84 22.84
N PRO B 620 25.30 -29.09 23.73
CA PRO B 620 25.25 -30.26 24.62
C PRO B 620 25.43 -31.63 23.96
N ASP B 621 25.05 -31.74 22.69
CA ASP B 621 25.15 -33.00 21.95
C ASP B 621 26.59 -33.35 21.53
N GLY B 622 27.53 -32.45 21.82
CA GLY B 622 28.91 -32.70 21.44
C GLY B 622 29.32 -32.07 20.12
N ARG B 623 28.36 -31.49 19.41
CA ARG B 623 28.65 -30.83 18.13
C ARG B 623 29.53 -29.61 18.41
N ARG B 624 30.56 -29.43 17.60
CA ARG B 624 31.46 -28.30 17.78
C ARG B 624 30.85 -26.98 17.29
N ALA B 625 31.43 -25.87 17.75
CA ALA B 625 30.94 -24.56 17.38
C ALA B 625 31.25 -24.23 15.93
N GLY B 626 30.23 -23.69 15.23
CA GLY B 626 30.40 -23.34 13.82
C GLY B 626 30.26 -24.53 12.90
N ALA B 627 29.76 -25.65 13.44
CA ALA B 627 29.60 -26.87 12.66
C ALA B 627 28.21 -26.90 12.07
N PRO B 628 28.11 -27.24 10.77
CA PRO B 628 26.82 -27.31 10.09
C PRO B 628 25.82 -28.21 10.83
N PHE B 629 24.55 -27.85 10.78
CA PHE B 629 23.49 -28.67 11.39
C PHE B 629 23.18 -29.68 10.30
N GLY B 630 22.35 -30.66 10.60
CA GLY B 630 21.99 -31.63 9.58
C GLY B 630 20.98 -30.99 8.64
N PRO B 631 20.93 -31.39 7.37
CA PRO B 631 19.95 -30.76 6.49
C PRO B 631 18.54 -31.13 6.92
N GLY B 632 17.64 -30.15 6.88
CA GLY B 632 16.24 -30.40 7.26
C GLY B 632 16.02 -31.24 8.51
N ALA B 633 15.42 -32.41 8.34
CA ALA B 633 15.14 -33.32 9.45
C ALA B 633 16.17 -34.44 9.58
N ASN B 634 17.25 -34.37 8.79
CA ASN B 634 18.29 -35.39 8.81
C ASN B 634 19.01 -35.53 10.14
N PRO B 635 19.33 -36.77 10.51
CA PRO B 635 20.06 -36.97 11.78
C PRO B 635 21.37 -36.20 11.56
N MET B 636 22.07 -35.83 12.63
CA MET B 636 23.33 -35.09 12.48
C MET B 636 24.33 -35.87 11.61
N HIS B 637 25.28 -35.17 11.00
CA HIS B 637 26.26 -35.82 10.12
C HIS B 637 26.87 -37.12 10.65
N GLY B 638 26.62 -38.22 9.95
CA GLY B 638 27.16 -39.52 10.34
C GLY B 638 26.60 -40.25 11.56
N ARG B 639 25.73 -39.61 12.34
CA ARG B 639 25.20 -40.25 13.54
C ARG B 639 24.21 -41.40 13.32
N ASP B 640 23.54 -41.43 12.16
CA ASP B 640 22.59 -42.52 11.86
C ASP B 640 23.41 -43.71 11.35
N GLN B 641 24.11 -44.37 12.27
CA GLN B 641 25.01 -45.47 11.93
C GLN B 641 24.48 -46.91 11.92
N LYS B 642 23.15 -47.07 11.90
CA LYS B 642 22.56 -48.40 11.90
C LYS B 642 21.92 -48.86 10.60
N GLY B 643 22.27 -48.23 9.49
CA GLY B 643 21.69 -48.62 8.21
C GLY B 643 20.51 -47.78 7.76
N ALA B 644 19.97 -48.11 6.58
CA ALA B 644 18.84 -47.40 5.98
C ALA B 644 17.50 -47.54 6.70
N VAL B 645 17.02 -48.76 6.89
CA VAL B 645 15.73 -48.98 7.54
C VAL B 645 15.69 -48.30 8.91
N ALA B 646 16.86 -48.16 9.52
CA ALA B 646 16.98 -47.53 10.83
C ALA B 646 16.67 -46.03 10.75
N SER B 647 17.46 -45.33 9.95
CA SER B 647 17.28 -43.88 9.79
C SER B 647 15.93 -43.50 9.17
N LEU B 648 15.45 -44.27 8.20
CA LEU B 648 14.16 -43.96 7.59
C LEU B 648 13.06 -44.09 8.64
N THR B 649 13.17 -45.10 9.52
CA THR B 649 12.15 -45.30 10.57
C THR B 649 12.13 -44.16 11.57
N SER B 650 13.29 -43.58 11.86
CA SER B 650 13.37 -42.46 12.78
C SER B 650 12.72 -41.18 12.21
N VAL B 651 13.07 -40.87 10.95
CA VAL B 651 12.54 -39.70 10.27
C VAL B 651 11.05 -39.89 9.99
N ALA B 652 10.69 -41.08 9.55
CA ALA B 652 9.29 -41.37 9.24
C ALA B 652 8.39 -41.22 10.47
N LYS B 653 8.98 -41.11 11.65
CA LYS B 653 8.21 -40.95 12.88
C LYS B 653 7.85 -39.49 13.11
N LEU B 654 8.67 -38.58 12.60
CA LEU B 654 8.38 -37.16 12.76
C LEU B 654 6.94 -36.98 12.24
N PRO B 655 6.07 -36.35 13.06
CA PRO B 655 4.64 -36.11 12.74
C PRO B 655 4.27 -35.05 11.69
N PHE B 656 3.78 -35.52 10.55
CA PHE B 656 3.37 -34.62 9.47
C PHE B 656 2.17 -33.83 9.98
N ALA B 657 1.48 -34.38 10.97
CA ALA B 657 0.30 -33.73 11.53
C ALA B 657 0.64 -32.40 12.24
N TYR B 658 1.90 -32.22 12.63
CA TYR B 658 2.33 -30.98 13.30
C TYR B 658 3.36 -30.26 12.45
N ALA B 659 3.51 -30.70 11.21
CA ALA B 659 4.46 -30.10 10.27
C ALA B 659 3.85 -30.20 8.88
N LYS B 660 2.67 -29.63 8.71
CA LYS B 660 1.96 -29.66 7.43
C LYS B 660 2.71 -28.97 6.29
N ASP B 661 3.69 -28.13 6.63
CA ASP B 661 4.44 -27.45 5.59
C ASP B 661 5.57 -28.35 5.08
N GLY B 662 5.65 -29.58 5.60
CA GLY B 662 6.67 -30.51 5.14
C GLY B 662 7.84 -30.91 6.06
N ILE B 663 8.43 -32.07 5.75
CA ILE B 663 9.57 -32.61 6.52
C ILE B 663 10.60 -33.18 5.55
N SER B 664 11.73 -32.49 5.42
CA SER B 664 12.79 -32.90 4.50
C SER B 664 13.82 -33.90 5.01
N TYR B 665 14.11 -34.90 4.18
CA TYR B 665 15.11 -35.94 4.49
C TYR B 665 16.00 -36.29 3.28
N THR B 666 17.28 -35.94 3.36
CA THR B 666 18.24 -36.21 2.31
C THR B 666 18.94 -37.54 2.61
N PHE B 667 18.55 -38.57 1.87
CA PHE B 667 19.07 -39.94 2.03
C PHE B 667 20.04 -40.35 0.92
N SER B 668 21.29 -40.59 1.28
CA SER B 668 22.29 -41.02 0.29
C SER B 668 22.77 -42.44 0.64
N ILE B 669 22.61 -43.35 -0.33
CA ILE B 669 23.01 -44.75 -0.14
C ILE B 669 23.97 -45.17 -1.24
N VAL B 670 25.06 -45.84 -0.87
CA VAL B 670 26.07 -46.31 -1.83
C VAL B 670 25.47 -47.45 -2.67
N PRO B 671 25.76 -47.47 -3.98
CA PRO B 671 25.27 -48.49 -4.92
C PRO B 671 25.18 -49.94 -4.43
N ASN B 672 26.31 -50.53 -4.03
CA ASN B 672 26.31 -51.91 -3.57
C ASN B 672 25.41 -52.22 -2.37
N ALA B 673 25.07 -51.21 -1.58
CA ALA B 673 24.19 -51.42 -0.43
C ALA B 673 22.76 -51.64 -0.90
N LEU B 674 22.53 -51.34 -2.17
CA LEU B 674 21.21 -51.46 -2.79
C LEU B 674 21.05 -52.72 -3.62
N GLY B 675 22.17 -53.38 -3.92
CA GLY B 675 22.12 -54.59 -4.70
C GLY B 675 23.37 -54.84 -5.52
N LYS B 676 23.46 -56.07 -6.03
CA LYS B 676 24.58 -56.50 -6.85
C LYS B 676 24.47 -55.94 -8.27
N ASP B 677 23.26 -55.91 -8.81
CA ASP B 677 23.02 -55.37 -10.16
C ASP B 677 21.83 -54.42 -10.14
N ASP B 678 21.60 -53.76 -11.27
CA ASP B 678 20.52 -52.78 -11.39
C ASP B 678 19.12 -53.31 -11.17
N GLU B 679 18.81 -54.51 -11.67
CA GLU B 679 17.47 -55.06 -11.49
C GLU B 679 17.21 -55.22 -10.00
N VAL B 680 18.24 -55.66 -9.27
CA VAL B 680 18.12 -55.84 -7.84
C VAL B 680 17.97 -54.48 -7.16
N ARG B 681 18.78 -53.53 -7.59
CA ARG B 681 18.76 -52.18 -7.02
C ARG B 681 17.40 -51.49 -7.25
N LYS B 682 16.92 -51.51 -8.49
CA LYS B 682 15.63 -50.92 -8.85
C LYS B 682 14.57 -51.44 -7.91
N THR B 683 14.53 -52.77 -7.78
CA THR B 683 13.57 -53.44 -6.93
C THR B 683 13.74 -53.12 -5.44
N ASN B 684 14.99 -53.04 -4.97
CA ASN B 684 15.22 -52.77 -3.56
C ASN B 684 14.94 -51.31 -3.19
N LEU B 685 15.27 -50.39 -4.09
CA LEU B 685 15.03 -48.97 -3.85
C LEU B 685 13.53 -48.77 -3.73
N ALA B 686 12.79 -49.28 -4.72
CA ALA B 686 11.34 -49.19 -4.74
C ALA B 686 10.74 -49.86 -3.49
N GLY B 687 11.39 -50.92 -3.01
CA GLY B 687 10.91 -51.61 -1.82
C GLY B 687 11.12 -50.81 -0.55
N LEU B 688 12.26 -50.11 -0.49
CA LEU B 688 12.57 -49.27 0.67
C LEU B 688 11.53 -48.16 0.83
N MET B 689 11.30 -47.45 -0.27
CA MET B 689 10.35 -46.35 -0.29
C MET B 689 8.93 -46.81 0.01
N ASP B 690 8.54 -47.99 -0.47
CA ASP B 690 7.20 -48.50 -0.17
C ASP B 690 7.01 -48.58 1.34
N GLY B 691 8.06 -49.02 2.04
CA GLY B 691 8.02 -49.13 3.48
C GLY B 691 8.14 -47.79 4.20
N TYR B 692 9.02 -46.94 3.72
CA TYR B 692 9.18 -45.62 4.34
C TYR B 692 7.87 -44.86 4.21
N PHE B 693 7.30 -44.87 3.02
CA PHE B 693 6.05 -44.15 2.81
C PHE B 693 4.81 -44.89 3.28
N HIS B 694 4.96 -46.16 3.69
CA HIS B 694 3.82 -46.97 4.13
C HIS B 694 2.87 -46.20 5.04
N HIS B 695 1.60 -46.19 4.66
CA HIS B 695 0.60 -45.43 5.41
C HIS B 695 -0.68 -46.19 5.72
N GLU B 696 -1.16 -46.02 6.95
CA GLU B 696 -2.41 -46.62 7.41
C GLU B 696 -2.90 -45.84 8.62
N ALA B 697 -4.04 -46.22 9.18
CA ALA B 697 -4.61 -45.50 10.31
C ALA B 697 -3.67 -45.34 11.51
N SER B 698 -2.92 -46.40 11.81
CA SER B 698 -2.00 -46.42 12.95
C SER B 698 -0.56 -46.03 12.61
N ILE B 699 -0.32 -45.81 11.32
CA ILE B 699 1.00 -45.45 10.82
C ILE B 699 0.88 -44.29 9.81
N GLU B 700 1.40 -43.12 10.19
CA GLU B 700 1.35 -41.94 9.32
C GLU B 700 2.32 -42.13 8.14
N GLY B 701 3.58 -42.42 8.45
CA GLY B 701 4.56 -42.64 7.41
C GLY B 701 5.47 -41.46 7.14
N GLY B 702 6.40 -41.64 6.19
CA GLY B 702 7.30 -40.57 5.82
C GLY B 702 6.65 -39.59 4.85
N GLN B 703 7.09 -38.33 4.88
CA GLN B 703 6.51 -37.31 4.01
C GLN B 703 7.32 -37.09 2.74
N HIS B 704 8.65 -37.04 2.89
CA HIS B 704 9.53 -36.80 1.75
C HIS B 704 10.84 -37.56 1.83
N LEU B 705 11.49 -37.71 0.69
CA LEU B 705 12.76 -38.40 0.65
C LEU B 705 13.61 -38.04 -0.57
N ASN B 706 14.76 -37.40 -0.35
CA ASN B 706 15.68 -37.12 -1.45
C ASN B 706 16.47 -38.43 -1.59
N VAL B 707 16.80 -38.83 -2.82
CA VAL B 707 17.56 -40.08 -3.00
C VAL B 707 18.82 -39.95 -3.85
N ASN B 708 19.97 -40.05 -3.20
CA ASN B 708 21.27 -40.00 -3.87
C ASN B 708 21.81 -41.43 -3.86
N VAL B 709 22.25 -41.91 -5.02
CA VAL B 709 22.83 -43.25 -5.12
C VAL B 709 24.21 -43.03 -5.70
N MET B 710 25.20 -43.01 -4.80
CA MET B 710 26.58 -42.76 -5.21
C MET B 710 27.58 -43.10 -4.11
N ASN B 711 28.86 -43.07 -4.49
CA ASN B 711 29.97 -43.36 -3.58
C ASN B 711 30.67 -42.07 -3.23
N ARG B 712 30.88 -41.87 -1.93
CA ARG B 712 31.54 -40.67 -1.42
C ARG B 712 32.82 -40.34 -2.21
N GLU B 713 33.51 -41.39 -2.67
CA GLU B 713 34.75 -41.23 -3.43
C GLU B 713 34.57 -40.50 -4.77
N MET B 714 33.39 -40.62 -5.38
CA MET B 714 33.11 -39.97 -6.66
C MET B 714 33.09 -38.44 -6.48
N LEU B 715 32.50 -37.98 -5.40
CA LEU B 715 32.43 -36.55 -5.13
C LEU B 715 33.81 -35.97 -4.89
N LEU B 716 34.63 -36.66 -4.09
CA LEU B 716 35.98 -36.20 -3.81
C LEU B 716 36.71 -36.00 -5.13
N ASP B 717 36.51 -36.94 -6.05
CA ASP B 717 37.12 -36.84 -7.36
C ASP B 717 36.53 -35.61 -8.08
N ALA B 718 35.22 -35.42 -7.94
CA ALA B 718 34.54 -34.28 -8.57
C ALA B 718 35.10 -32.96 -8.02
N MET B 719 35.36 -32.93 -6.71
CA MET B 719 35.91 -31.75 -6.06
C MET B 719 37.25 -31.35 -6.65
N GLU B 720 38.09 -32.33 -6.97
CA GLU B 720 39.40 -32.06 -7.53
C GLU B 720 39.37 -31.88 -9.05
N ASN B 721 38.43 -32.54 -9.71
CA ASN B 721 38.33 -32.46 -11.17
C ASN B 721 36.95 -32.02 -11.64
N PRO B 722 36.53 -30.81 -11.24
CA PRO B 722 35.22 -30.26 -11.62
C PRO B 722 34.89 -30.35 -13.12
N GLU B 723 35.86 -30.02 -13.96
CA GLU B 723 35.68 -30.04 -15.41
C GLU B 723 35.34 -31.46 -15.94
N LYS B 724 35.32 -32.43 -15.04
CA LYS B 724 35.03 -33.82 -15.39
C LYS B 724 33.57 -34.21 -15.15
N TYR B 725 32.88 -33.46 -14.30
CA TYR B 725 31.46 -33.75 -14.00
C TYR B 725 30.57 -32.52 -14.22
N PRO B 726 30.62 -31.93 -15.44
CA PRO B 726 29.81 -30.74 -15.75
C PRO B 726 28.34 -30.81 -15.35
N GLN B 727 27.74 -32.00 -15.40
CA GLN B 727 26.32 -32.13 -15.07
C GLN B 727 26.01 -32.98 -13.85
N LEU B 728 27.04 -33.38 -13.11
CA LEU B 728 26.82 -34.19 -11.91
C LEU B 728 25.79 -33.46 -11.07
N THR B 729 24.74 -34.17 -10.68
CA THR B 729 23.66 -33.57 -9.89
C THR B 729 23.40 -34.35 -8.60
N ILE B 730 23.06 -33.62 -7.53
CA ILE B 730 22.82 -34.26 -6.24
C ILE B 730 21.72 -33.58 -5.41
N ARG B 731 21.00 -34.39 -4.64
CA ARG B 731 19.94 -33.90 -3.77
C ARG B 731 20.65 -33.41 -2.52
N VAL B 732 20.33 -32.19 -2.06
CA VAL B 732 21.01 -31.68 -0.87
C VAL B 732 20.17 -31.22 0.30
N SER B 733 18.89 -30.94 0.10
CA SER B 733 18.07 -30.49 1.23
C SER B 733 16.57 -30.53 0.97
N GLY B 734 16.20 -30.98 -0.23
CA GLY B 734 14.79 -31.06 -0.61
C GLY B 734 14.71 -30.51 -2.01
N TYR B 735 15.88 -30.45 -2.64
CA TYR B 735 16.03 -29.97 -4.01
C TYR B 735 17.40 -30.45 -4.47
N ALA B 736 17.74 -30.20 -5.73
CA ALA B 736 19.01 -30.64 -6.27
C ALA B 736 19.87 -29.47 -6.68
N VAL B 737 21.14 -29.75 -6.93
CA VAL B 737 22.09 -28.73 -7.37
C VAL B 737 23.15 -29.45 -8.19
N ARG B 738 23.83 -28.72 -9.07
CA ARG B 738 24.93 -29.31 -9.81
C ARG B 738 26.07 -29.18 -8.79
N PHE B 739 26.73 -30.29 -8.47
CA PHE B 739 27.82 -30.28 -7.50
C PHE B 739 28.83 -29.16 -7.76
N ASN B 740 29.19 -28.91 -9.02
CA ASN B 740 30.15 -27.84 -9.33
C ASN B 740 29.63 -26.41 -9.08
N SER B 741 28.36 -26.28 -8.65
CA SER B 741 27.78 -24.97 -8.40
C SER B 741 27.88 -24.53 -6.94
N LEU B 742 28.17 -25.47 -6.05
CA LEU B 742 28.32 -25.17 -4.62
C LEU B 742 29.71 -24.57 -4.38
N THR B 743 29.88 -23.94 -3.20
CA THR B 743 31.17 -23.37 -2.82
C THR B 743 31.98 -24.49 -2.18
N LYS B 744 33.25 -24.23 -1.92
CA LYS B 744 34.12 -25.20 -1.29
C LYS B 744 33.51 -25.60 0.06
N GLU B 745 33.09 -24.60 0.83
CA GLU B 745 32.51 -24.85 2.15
C GLU B 745 31.22 -25.66 2.11
N GLN B 746 30.39 -25.40 1.11
CA GLN B 746 29.13 -26.13 0.98
C GLN B 746 29.39 -27.57 0.55
N GLN B 747 30.42 -27.77 -0.27
CA GLN B 747 30.76 -29.14 -0.70
C GLN B 747 31.29 -29.91 0.50
N GLN B 748 31.99 -29.21 1.39
CA GLN B 748 32.56 -29.81 2.59
C GLN B 748 31.46 -30.37 3.49
N ASP B 749 30.34 -29.65 3.53
CA ASP B 749 29.16 -30.06 4.32
C ASP B 749 28.58 -31.34 3.69
N VAL B 750 28.48 -31.33 2.37
CA VAL B 750 27.94 -32.48 1.63
C VAL B 750 28.80 -33.74 1.73
N ILE B 751 30.10 -33.59 1.48
CA ILE B 751 31.01 -34.74 1.52
C ILE B 751 31.16 -35.33 2.92
N THR B 752 30.69 -34.63 3.94
CA THR B 752 30.82 -35.14 5.30
C THR B 752 29.50 -35.66 5.85
N ARG B 753 28.48 -35.71 5.00
CA ARG B 753 27.18 -36.22 5.41
C ARG B 753 27.17 -37.75 5.37
N THR B 754 26.15 -38.35 5.97
CA THR B 754 26.01 -39.81 6.02
C THR B 754 25.80 -40.48 4.67
N PHE B 755 26.61 -41.51 4.41
CA PHE B 755 26.48 -42.30 3.19
C PHE B 755 26.14 -43.72 3.62
N THR B 756 24.85 -43.99 3.80
CA THR B 756 24.36 -45.30 4.18
C THR B 756 25.03 -46.43 3.41
N GLN B 757 25.76 -47.28 4.13
CA GLN B 757 26.49 -48.41 3.54
C GLN B 757 25.69 -49.71 3.64
N SER B 758 24.79 -49.78 4.62
CA SER B 758 23.98 -50.96 4.82
C SER B 758 22.50 -50.68 4.56
N MET B 759 21.68 -51.72 4.66
CA MET B 759 20.23 -51.59 4.49
C MET B 759 19.61 -51.62 5.89
#